data_5BK5
#
_entry.id   5BK5
#
_cell.length_a   64.177
_cell.length_b   134.171
_cell.length_c   111.796
_cell.angle_alpha   90.00
_cell.angle_beta   98.24
_cell.angle_gamma   90.00
#
_symmetry.space_group_name_H-M   'P 1 21 1'
#
loop_
_entity.id
_entity.type
_entity.pdbx_description
1 polymer '663 germline antibody, heavy chain'
2 polymer '663 germline antibody, light chain'
3 non-polymer GLYCEROL
#
loop_
_entity_poly.entity_id
_entity_poly.type
_entity_poly.pdbx_seq_one_letter_code
_entity_poly.pdbx_strand_id
1 'polypeptide(L)'
;EVQLLESGGGLVQPGGSLRLSCAASGFTFSSYAMSWVRQAPGKGLEWVSVIYSGGSSTYYADSVKGRFTISRDNSKNTLY
LQMNSLRAEDTAVYYCTTLLILESDVGVDYWGQGTLVTVSSASTKGPSVFPLAPSSKSTSGGTAALGCLVKDYFPEPVTV
SWNSGALTSGVHTFPAVLQSSGLYSLSSVVTVPSSSLGTQTYICNVNHKPSNTKVDKKVEPKSC
;
B,H,D,F
2 'polypeptide(L)'
;DIVMTQSPLSLPVTPGEPASISCRSSQSLLHSNGYNYLDWYLQKPGQSPQLLIYLGSNRASGVPDRFSGSGSGTDFTLKI
SRVEAEDVGVYYCMQALQTPYTFGQGTKLEIKRTVAAPSVFIFPPSDEQLKSGTASVVCLLNNFYPREAKVQWKVDNALQ
SGNSQESVTEQDSKDSTYSLSSTLTLSKADYEKHKVYACEVTHQGLSSPVTKSFNRGEC
;
A,G,C,E
#
loop_
_chem_comp.id
_chem_comp.type
_chem_comp.name
_chem_comp.formula
GOL non-polymer GLYCEROL 'C3 H8 O3'
#
# COMPACT_ATOMS: atom_id res chain seq x y z
N GLU A 1 -24.69 -14.76 -19.43
CA GLU A 1 -24.93 -13.90 -18.27
C GLU A 1 -25.03 -12.42 -18.68
N VAL A 2 -26.14 -11.77 -18.33
CA VAL A 2 -26.37 -10.37 -18.70
C VAL A 2 -25.89 -9.46 -17.58
N GLN A 3 -25.08 -8.47 -17.93
CA GLN A 3 -24.49 -7.55 -16.96
C GLN A 3 -24.59 -6.14 -17.54
N LEU A 4 -25.10 -5.21 -16.73
CA LEU A 4 -25.21 -3.82 -17.09
C LEU A 4 -24.33 -3.00 -16.16
N LEU A 5 -23.31 -2.35 -16.72
CA LEU A 5 -22.37 -1.55 -15.93
C LEU A 5 -22.47 -0.09 -16.35
N GLU A 6 -22.99 0.74 -15.45
CA GLU A 6 -23.15 2.17 -15.70
C GLU A 6 -21.86 2.93 -15.37
N SER A 7 -21.65 4.02 -16.10
CA SER A 7 -20.45 4.83 -15.94
C SER A 7 -20.77 6.26 -16.36
N GLY A 8 -19.87 7.17 -15.99
CA GLY A 8 -20.02 8.58 -16.26
C GLY A 8 -20.39 9.43 -15.07
N GLY A 9 -20.81 8.83 -13.96
CA GLY A 9 -21.22 9.59 -12.80
C GLY A 9 -20.08 10.37 -12.15
N GLY A 10 -20.50 11.37 -11.39
CA GLY A 10 -19.60 12.28 -10.71
C GLY A 10 -20.32 13.59 -10.45
N LEU A 11 -19.51 14.61 -10.15
CA LEU A 11 -19.99 15.94 -9.76
C LEU A 11 -20.04 16.88 -10.95
N VAL A 12 -21.05 17.74 -10.96
CA VAL A 12 -21.26 18.68 -12.07
C VAL A 12 -21.92 19.93 -11.50
N GLN A 13 -21.55 21.10 -12.06
CA GLN A 13 -22.07 22.39 -11.60
C GLN A 13 -23.50 22.59 -12.08
N PRO A 14 -24.29 23.40 -11.35
CA PRO A 14 -25.62 23.75 -11.85
C PRO A 14 -25.51 24.42 -13.21
N GLY A 15 -26.32 23.94 -14.15
CA GLY A 15 -26.23 24.36 -15.53
C GLY A 15 -25.17 23.65 -16.35
N GLY A 16 -24.33 22.83 -15.73
CA GLY A 16 -23.33 22.06 -16.46
C GLY A 16 -23.95 20.88 -17.17
N SER A 17 -23.08 19.99 -17.65
CA SER A 17 -23.52 18.83 -18.40
C SER A 17 -22.76 17.59 -17.95
N LEU A 18 -23.44 16.44 -18.02
CA LEU A 18 -22.79 15.15 -17.85
C LEU A 18 -23.26 14.21 -18.94
N ARG A 19 -22.44 13.20 -19.23
CA ARG A 19 -22.74 12.17 -20.21
C ARG A 19 -22.59 10.81 -19.55
N LEU A 20 -23.70 10.14 -19.31
CA LEU A 20 -23.71 8.81 -18.70
C LEU A 20 -23.55 7.73 -19.77
N SER A 21 -22.73 6.73 -19.46
CA SER A 21 -22.39 5.66 -20.39
C SER A 21 -22.79 4.33 -19.77
N CYS A 22 -23.86 3.72 -20.29
CA CYS A 22 -24.33 2.42 -19.82
C CYS A 22 -23.89 1.34 -20.79
N ALA A 23 -23.12 0.38 -20.28
CA ALA A 23 -22.60 -0.73 -21.07
C ALA A 23 -23.31 -2.02 -20.68
N ALA A 24 -23.32 -2.97 -21.62
CA ALA A 24 -24.00 -4.24 -21.42
C ALA A 24 -23.16 -5.36 -22.01
N SER A 25 -23.54 -6.59 -21.69
CA SER A 25 -22.88 -7.78 -22.20
C SER A 25 -23.89 -8.92 -22.18
N GLY A 26 -23.75 -9.83 -23.14
CA GLY A 26 -24.74 -10.87 -23.30
C GLY A 26 -25.98 -10.35 -24.01
N PHE A 27 -27.12 -10.97 -23.72
CA PHE A 27 -28.38 -10.54 -24.33
C PHE A 27 -29.18 -9.65 -23.37
N PHE A 29 -28.49 -6.88 -26.95
CA PHE A 29 -28.76 -5.57 -26.38
C PHE A 29 -29.53 -4.68 -27.35
N SER A 30 -29.17 -4.74 -28.63
CA SER A 30 -29.80 -3.90 -29.63
C SER A 30 -31.25 -4.30 -29.90
N SER A 31 -31.70 -5.43 -29.36
CA SER A 31 -33.01 -5.97 -29.66
C SER A 31 -34.08 -5.55 -28.67
N TYR A 32 -33.71 -4.83 -27.61
CA TYR A 32 -34.66 -4.48 -26.57
C TYR A 32 -34.63 -2.98 -26.31
N ALA A 33 -35.74 -2.47 -25.79
CA ALA A 33 -35.85 -1.08 -25.41
C ALA A 33 -35.23 -0.87 -24.04
N MET A 34 -34.32 0.09 -23.97
CA MET A 34 -33.66 0.40 -22.72
C MET A 34 -34.28 1.65 -22.13
N SER A 35 -34.15 1.79 -20.81
CA SER A 35 -34.75 2.90 -20.08
C SER A 35 -33.75 3.41 -19.07
N TRP A 36 -33.98 4.62 -18.60
CA TRP A 36 -33.21 5.22 -17.52
C TRP A 36 -34.15 5.49 -16.36
N VAL A 37 -33.75 5.05 -15.16
CA VAL A 37 -34.52 5.28 -13.95
C VAL A 37 -33.58 5.89 -12.92
N ARG A 38 -33.98 7.02 -12.32
CA ARG A 38 -33.16 7.71 -11.32
C ARG A 38 -33.88 7.73 -9.97
N GLN A 39 -33.10 7.95 -8.92
CA GLN A 39 -33.64 7.98 -7.56
C GLN A 39 -32.83 9.00 -6.76
N ALA A 40 -33.47 10.07 -6.33
CA ALA A 40 -32.80 11.02 -5.45
C ALA A 40 -32.50 10.35 -4.12
N PRO A 41 -31.41 10.75 -3.45
CA PRO A 41 -31.05 10.08 -2.18
C PRO A 41 -32.20 10.12 -1.17
N GLY A 42 -32.69 8.93 -0.81
CA GLY A 42 -33.78 8.80 0.11
C GLY A 42 -35.16 8.94 -0.49
N LYS A 43 -35.28 9.38 -1.74
CA LYS A 43 -36.57 9.52 -2.38
C LYS A 43 -36.89 8.25 -3.18
N GLY A 44 -37.96 8.28 -3.97
CA GLY A 44 -38.38 7.12 -4.75
C GLY A 44 -37.84 7.13 -6.18
N LEU A 45 -38.20 6.09 -6.91
CA LEU A 45 -37.72 5.93 -8.28
C LEU A 45 -38.49 6.86 -9.22
N GLU A 46 -37.79 7.36 -10.23
CA GLU A 46 -38.38 8.28 -11.21
C GLU A 46 -37.93 7.88 -12.60
N TRP A 47 -38.88 7.54 -13.47
CA TRP A 47 -38.52 7.18 -14.83
C TRP A 47 -38.07 8.44 -15.58
N VAL A 48 -37.00 8.31 -16.36
CA VAL A 48 -36.38 9.44 -17.04
C VAL A 48 -36.71 9.38 -18.53
N SER A 49 -36.03 8.49 -19.28
CA SER A 49 -36.23 8.40 -20.72
C SER A 49 -36.20 6.94 -21.17
N VAL A 50 -36.60 6.72 -22.43
CA VAL A 50 -36.61 5.42 -23.06
C VAL A 50 -36.20 5.57 -24.52
N ILE A 51 -35.46 4.59 -25.01
CA ILE A 51 -35.12 4.49 -26.42
C ILE A 51 -35.59 3.13 -26.89
N TYR A 52 -36.13 3.05 -28.10
CA TYR A 52 -36.58 1.77 -28.61
C TYR A 52 -35.54 1.12 -29.52
N SER A 53 -35.62 -0.21 -29.59
CA SER A 53 -34.69 -1.01 -30.38
C SER A 53 -34.73 -0.61 -31.85
N GLY A 54 -35.93 -0.31 -32.35
CA GLY A 54 -36.13 0.10 -33.72
C GLY A 54 -35.61 1.50 -33.92
N GLY A 55 -34.29 1.64 -33.98
CA GLY A 55 -33.66 2.90 -34.31
C GLY A 55 -33.83 3.90 -33.18
N SER A 56 -34.52 5.01 -33.48
CA SER A 56 -34.76 6.06 -32.50
C SER A 56 -36.25 6.34 -32.45
N SER A 57 -36.88 5.90 -31.37
CA SER A 57 -38.27 6.25 -31.09
C SER A 57 -38.14 6.48 -29.59
N THR A 58 -37.83 7.72 -29.22
CA THR A 58 -37.45 8.05 -27.87
C THR A 58 -38.52 8.90 -27.20
N TYR A 59 -38.71 8.66 -25.91
CA TYR A 59 -39.67 9.39 -25.11
C TYR A 59 -38.97 9.84 -23.83
N TYR A 60 -39.40 10.97 -23.29
CA TYR A 60 -38.77 11.56 -22.13
C TYR A 60 -39.85 11.93 -21.12
N ALA A 61 -39.45 12.00 -19.86
CA ALA A 61 -40.36 12.51 -18.85
C ALA A 61 -40.45 14.03 -18.94
N ASP A 62 -41.54 14.58 -18.40
CA ASP A 62 -41.73 16.03 -18.44
C ASP A 62 -40.62 16.76 -17.67
N SER A 63 -40.11 16.15 -16.58
CA SER A 63 -39.07 16.78 -15.77
C SER A 63 -37.72 16.88 -16.48
N VAL A 64 -37.46 16.03 -17.47
CA VAL A 64 -36.19 16.02 -18.18
C VAL A 64 -36.33 16.37 -19.66
N LYS A 65 -37.56 16.60 -20.13
CA LYS A 65 -37.78 16.84 -21.55
C LYS A 65 -37.14 18.15 -21.96
N GLY A 66 -36.46 18.14 -23.11
CA GLY A 66 -35.76 19.30 -23.60
C GLY A 66 -34.37 19.51 -23.04
N ARG A 67 -34.01 18.84 -21.96
CA ARG A 67 -32.69 18.99 -21.36
C ARG A 67 -31.82 17.75 -21.51
N PHE A 68 -32.39 16.55 -21.46
CA PHE A 68 -31.62 15.32 -21.57
C PHE A 68 -31.87 14.69 -22.94
N THR A 69 -30.90 13.90 -23.40
CA THR A 69 -31.00 13.22 -24.68
C THR A 69 -30.50 11.79 -24.54
N ILE A 70 -31.40 10.83 -24.75
CA ILE A 70 -31.06 9.41 -24.69
C ILE A 70 -30.69 8.95 -26.09
N SER A 71 -29.66 8.11 -26.17
CA SER A 71 -29.18 7.61 -27.44
C SER A 71 -28.49 6.28 -27.19
N ARG A 72 -28.14 5.59 -28.28
CA ARG A 72 -27.47 4.32 -28.17
C ARG A 72 -26.51 4.17 -29.34
N ASP A 73 -25.40 3.48 -29.09
CA ASP A 73 -24.38 3.20 -30.09
C ASP A 73 -24.31 1.69 -30.19
N ASN A 74 -25.04 1.14 -31.18
CA ASN A 74 -25.06 -0.30 -31.39
C ASN A 74 -23.69 -0.84 -31.82
N SER A 75 -22.83 0.02 -32.37
CA SER A 75 -21.49 -0.40 -32.78
C SER A 75 -20.57 -0.63 -31.58
N LYS A 76 -20.87 -0.04 -30.43
CA LYS A 76 -20.09 -0.21 -29.21
C LYS A 76 -20.89 -0.85 -28.08
N ASN A 77 -22.13 -1.27 -28.34
CA ASN A 77 -22.97 -1.96 -27.35
C ASN A 77 -23.13 -1.12 -26.08
N THR A 78 -23.33 0.19 -26.26
CA THR A 78 -23.37 1.14 -25.16
C THR A 78 -24.60 2.02 -25.25
N LEU A 79 -25.22 2.28 -24.10
CA LEU A 79 -26.34 3.20 -23.99
C LEU A 79 -25.84 4.50 -23.34
N TYR A 80 -26.17 5.62 -23.96
CA TYR A 80 -25.70 6.92 -23.50
C TYR A 80 -26.87 7.78 -23.05
N LEU A 81 -26.60 8.71 -22.13
CA LEU A 81 -27.58 9.69 -21.69
C LEU A 81 -26.85 11.03 -21.53
N GLN A 82 -27.07 11.92 -22.49
CA GLN A 82 -26.50 13.25 -22.43
C GLN A 82 -27.41 14.13 -21.58
N MET A 83 -26.87 14.66 -20.49
CA MET A 83 -27.61 15.47 -19.52
C MET A 83 -27.08 16.89 -19.60
N ASN A 84 -27.89 17.79 -20.17
CA ASN A 84 -27.55 19.20 -20.33
C ASN A 84 -28.40 20.05 -19.38
N SER A 85 -27.89 21.24 -19.05
CA SER A 85 -28.58 22.18 -18.17
C SER A 85 -28.97 21.53 -16.84
N LEU A 86 -27.99 20.90 -16.18
CA LEU A 86 -28.26 20.17 -14.95
C LEU A 86 -28.56 21.11 -13.80
N ARG A 87 -29.54 20.73 -12.99
CA ARG A 87 -29.97 21.47 -11.82
C ARG A 87 -29.82 20.59 -10.57
N ALA A 88 -29.94 21.22 -9.40
CA ALA A 88 -29.73 20.52 -8.13
C ALA A 88 -30.71 19.37 -7.91
N GLU A 89 -31.94 19.49 -8.43
CA GLU A 89 -32.92 18.43 -8.25
C GLU A 89 -32.60 17.19 -9.06
N ASP A 90 -31.66 17.27 -9.99
CA ASP A 90 -31.23 16.10 -10.73
C ASP A 90 -30.30 15.19 -9.93
N THR A 91 -29.90 15.57 -8.72
CA THR A 91 -29.00 14.72 -7.95
C THR A 91 -29.68 13.40 -7.63
N ALA A 92 -29.12 12.31 -8.14
CA ALA A 92 -29.73 11.00 -7.99
C ALA A 92 -28.78 9.93 -8.50
N VAL A 93 -29.07 8.69 -8.14
CA VAL A 93 -28.41 7.53 -8.73
C VAL A 93 -29.19 7.16 -9.98
N TYR A 94 -28.50 7.07 -11.12
CA TYR A 94 -29.13 6.78 -12.40
C TYR A 94 -28.90 5.33 -12.78
N TYR A 95 -29.98 4.61 -13.04
CA TYR A 95 -29.94 3.21 -13.46
C TYR A 95 -30.33 3.10 -14.93
N CYS A 96 -29.58 2.30 -15.69
CA CYS A 96 -30.06 1.84 -16.99
C CYS A 96 -30.65 0.45 -16.82
N THR A 97 -31.81 0.23 -17.44
CA THR A 97 -32.56 -0.98 -17.24
C THR A 97 -33.34 -1.35 -18.48
N THR A 98 -33.54 -2.64 -18.68
CA THR A 98 -34.36 -3.14 -19.78
C THR A 98 -35.84 -3.09 -19.48
N LEU A 99 -36.21 -2.84 -18.24
CA LEU A 99 -37.58 -2.93 -17.76
C LEU A 99 -38.07 -4.33 -18.12
N LEU A 100 -39.30 -4.50 -18.56
CA LEU A 100 -39.79 -5.85 -18.85
C LEU A 100 -39.33 -6.33 -20.21
N ILE A 101 -38.75 -7.52 -20.21
CA ILE A 101 -38.49 -8.28 -21.43
C ILE A 101 -39.32 -9.56 -21.38
N LEU A 102 -40.36 -9.65 -22.22
CA LEU A 102 -41.26 -10.80 -22.25
C LEU A 102 -40.90 -11.65 -23.47
N GLU A 103 -40.03 -12.64 -23.25
CA GLU A 103 -39.64 -13.58 -24.29
C GLU A 103 -40.12 -14.98 -23.93
N SER A 104 -40.59 -15.70 -24.94
CA SER A 104 -41.21 -17.03 -24.79
C SER A 104 -42.39 -16.87 -23.85
N ASP A 105 -42.40 -17.50 -22.68
CA ASP A 105 -43.46 -17.35 -21.69
C ASP A 105 -42.86 -16.98 -20.32
N VAL A 106 -41.68 -16.38 -20.31
CA VAL A 106 -41.04 -15.94 -19.07
C VAL A 106 -40.69 -14.46 -19.14
N GLY A 107 -40.90 -13.75 -18.04
CA GLY A 107 -40.59 -12.35 -17.93
C GLY A 107 -39.34 -12.10 -17.12
N VAL A 108 -38.36 -11.41 -17.70
CA VAL A 108 -37.09 -11.17 -17.04
C VAL A 108 -36.86 -9.68 -16.93
N ASP A 109 -35.82 -9.34 -16.16
CA ASP A 109 -35.50 -7.96 -15.85
C ASP A 109 -34.03 -7.87 -15.51
N TYR A 110 -33.33 -6.89 -16.11
CA TYR A 110 -31.91 -6.69 -15.86
C TYR A 110 -31.67 -5.23 -15.54
N TRP A 111 -31.13 -4.95 -14.36
CA TRP A 111 -30.76 -3.60 -13.95
C TRP A 111 -29.25 -3.49 -13.81
N GLY A 112 -28.76 -2.27 -13.96
CA GLY A 112 -27.38 -1.96 -13.67
C GLY A 112 -27.16 -1.69 -12.19
N GLN A 113 -25.90 -1.50 -11.84
CA GLN A 113 -25.52 -1.21 -10.45
C GLN A 113 -25.83 0.23 -10.06
N GLY A 114 -26.00 1.12 -11.01
CA GLY A 114 -26.29 2.53 -10.75
C GLY A 114 -25.05 3.38 -10.69
N THR A 115 -25.19 4.62 -11.13
CA THR A 115 -24.11 5.60 -11.07
C THR A 115 -24.67 6.90 -10.52
N LEU A 116 -23.95 7.47 -9.56
CA LEU A 116 -24.43 8.62 -8.82
C LEU A 116 -24.05 9.91 -9.53
N VAL A 117 -25.04 10.75 -9.80
CA VAL A 117 -24.82 12.08 -10.35
C VAL A 117 -25.20 13.07 -9.27
N THR A 118 -24.28 13.97 -8.94
CA THR A 118 -24.48 15.00 -7.92
C THR A 118 -24.30 16.36 -8.55
N VAL A 119 -25.28 17.24 -8.38
CA VAL A 119 -25.28 18.58 -8.97
C VAL A 119 -25.03 19.61 -7.87
N SER A 120 -23.83 20.19 -7.84
CA SER A 120 -23.46 21.16 -6.81
C SER A 120 -22.25 21.97 -7.27
N SER A 121 -22.07 23.15 -6.66
CA SER A 121 -20.91 24.00 -6.91
C SER A 121 -19.73 23.67 -6.00
N ALA A 122 -19.92 22.79 -5.03
CA ALA A 122 -18.85 22.49 -4.09
C ALA A 122 -17.71 21.77 -4.80
N SER A 123 -16.53 21.87 -4.20
CA SER A 123 -15.33 21.28 -4.75
C SER A 123 -15.12 19.88 -4.19
N THR A 124 -14.40 19.07 -4.93
CA THR A 124 -14.09 17.72 -4.47
C THR A 124 -13.10 17.78 -3.32
N LYS A 125 -13.35 16.99 -2.28
CA LYS A 125 -12.44 16.92 -1.15
C LYS A 125 -12.29 15.47 -0.72
N GLY A 126 -11.06 15.07 -0.41
CA GLY A 126 -10.78 13.74 0.04
C GLY A 126 -11.04 13.59 1.52
N PRO A 127 -11.35 12.37 1.96
CA PRO A 127 -11.73 12.15 3.36
C PRO A 127 -10.53 11.89 4.26
N SER A 128 -10.70 12.27 5.52
CA SER A 128 -9.78 11.86 6.58
C SER A 128 -10.36 10.66 7.32
N VAL A 129 -9.52 9.68 7.58
CA VAL A 129 -9.92 8.42 8.22
C VAL A 129 -9.28 8.35 9.60
N PHE A 130 -10.12 8.23 10.63
CA PHE A 130 -9.68 8.14 12.01
C PHE A 130 -10.14 6.82 12.62
N PRO A 131 -9.30 6.17 13.42
CA PRO A 131 -9.69 4.87 13.97
C PRO A 131 -10.66 5.01 15.12
N LEU A 132 -11.58 4.04 15.21
CA LEU A 132 -12.48 3.90 16.35
C LEU A 132 -12.03 2.62 17.06
N ALA A 133 -11.18 2.78 18.11
CA ALA A 133 -10.60 1.58 18.67
C ALA A 133 -11.46 1.04 19.80
N PRO A 134 -11.48 -0.27 19.97
CA PRO A 134 -12.23 -0.87 21.08
C PRO A 134 -11.50 -0.75 22.41
N SER A 135 -12.28 -0.85 23.48
CA SER A 135 -11.76 -0.81 24.84
C SER A 135 -12.69 -1.63 25.73
N SER A 136 -12.68 -1.33 27.03
CA SER A 136 -13.59 -1.93 27.99
C SER A 136 -13.54 -1.12 29.28
N LYS A 137 -14.43 -1.48 30.22
CA LYS A 137 -14.56 -0.80 31.52
C LYS A 137 -14.96 0.68 31.35
N SER A 138 -15.72 0.97 30.31
CA SER A 138 -16.21 2.33 30.04
C SER A 138 -17.38 2.29 29.06
N THR A 143 -19.62 -8.72 24.01
CA THR A 143 -19.46 -8.16 22.66
C THR A 143 -18.63 -6.87 22.69
N ALA A 144 -17.81 -6.67 21.66
CA ALA A 144 -16.97 -5.50 21.52
C ALA A 144 -17.08 -4.95 20.10
N ALA A 145 -16.89 -3.63 19.96
CA ALA A 145 -17.07 -3.00 18.66
C ALA A 145 -15.88 -2.11 18.33
N LEU A 146 -15.63 -1.95 17.03
CA LEU A 146 -14.58 -1.09 16.52
C LEU A 146 -14.96 -0.67 15.10
N GLY A 147 -14.32 0.40 14.64
CA GLY A 147 -14.63 0.88 13.31
C GLY A 147 -13.69 1.97 12.85
N CYS A 148 -14.14 2.65 11.78
CA CYS A 148 -13.43 3.74 11.14
C CYS A 148 -14.37 4.91 10.92
N LEU A 149 -13.86 6.12 11.18
CA LEU A 149 -14.62 7.35 10.98
C LEU A 149 -14.10 7.99 9.70
N VAL A 150 -14.94 8.08 8.69
CA VAL A 150 -14.60 8.71 7.42
C VAL A 150 -15.24 10.10 7.42
N LYS A 151 -14.42 11.14 7.59
CA LYS A 151 -14.94 12.48 7.87
C LYS A 151 -14.47 13.49 6.82
N ASP A 152 -15.36 14.41 6.47
CA ASP A 152 -15.06 15.61 5.71
C ASP A 152 -14.60 15.27 4.29
N TYR A 153 -15.56 14.77 3.50
CA TYR A 153 -15.37 14.49 2.08
C TYR A 153 -16.58 14.97 1.31
N PHE A 154 -16.38 15.14 -0.01
CA PHE A 154 -17.41 15.56 -0.95
C PHE A 154 -16.88 15.27 -2.35
N PRO A 155 -17.69 14.73 -3.28
CA PRO A 155 -19.07 14.33 -3.02
C PRO A 155 -19.20 12.86 -2.67
N GLU A 156 -20.43 12.40 -2.55
CA GLU A 156 -20.70 10.99 -2.39
C GLU A 156 -20.28 10.23 -3.64
N PRO A 157 -19.97 8.92 -3.52
CA PRO A 157 -19.93 8.11 -2.31
C PRO A 157 -18.51 7.75 -1.90
N VAL A 158 -18.37 7.13 -0.74
CA VAL A 158 -17.16 6.42 -0.37
C VAL A 158 -17.53 4.96 -0.16
N THR A 159 -16.58 4.08 -0.45
CA THR A 159 -16.76 2.65 -0.22
C THR A 159 -15.78 2.21 0.87
N VAL A 160 -16.30 1.48 1.87
CA VAL A 160 -15.51 1.04 3.01
C VAL A 160 -15.67 -0.47 3.17
N SER A 161 -14.55 -1.19 3.11
CA SER A 161 -14.51 -2.62 3.38
C SER A 161 -13.57 -2.90 4.54
N TRP A 162 -13.61 -4.13 5.03
CA TRP A 162 -12.82 -4.54 6.20
C TRP A 162 -11.95 -5.73 5.85
N ASN A 163 -10.65 -5.60 6.12
CA ASN A 163 -9.66 -6.63 5.81
C ASN A 163 -9.72 -7.00 4.32
N SER A 164 -9.70 -5.94 3.48
CA SER A 164 -9.74 -6.07 2.01
C SER A 164 -10.95 -6.88 1.55
N GLY A 165 -12.07 -6.72 2.24
CA GLY A 165 -13.32 -7.39 1.91
C GLY A 165 -13.49 -8.78 2.47
N ALA A 166 -12.51 -9.27 3.24
CA ALA A 166 -12.63 -10.62 3.80
C ALA A 166 -13.61 -10.68 4.96
N LEU A 167 -13.59 -9.67 5.83
CA LEU A 167 -14.48 -9.63 6.98
C LEU A 167 -15.80 -8.96 6.59
N THR A 168 -16.90 -9.72 6.64
CA THR A 168 -18.22 -9.21 6.28
C THR A 168 -19.31 -9.43 7.33
N SER A 169 -19.14 -10.37 8.26
CA SER A 169 -20.16 -10.67 9.26
C SER A 169 -20.17 -9.59 10.33
N GLY A 170 -21.35 -9.06 10.63
CA GLY A 170 -21.49 -8.07 11.68
C GLY A 170 -20.98 -6.69 11.36
N VAL A 171 -20.65 -6.41 10.11
CA VAL A 171 -20.20 -5.08 9.73
C VAL A 171 -21.42 -4.21 9.47
N HIS A 172 -21.40 -2.98 9.97
CA HIS A 172 -22.44 -2.01 9.71
C HIS A 172 -21.78 -0.74 9.19
N THR A 173 -22.00 -0.42 7.92
CA THR A 173 -21.57 0.86 7.35
C THR A 173 -22.80 1.75 7.29
N PHE A 174 -22.72 2.92 7.89
CA PHE A 174 -23.92 3.74 7.99
C PHE A 174 -24.07 4.69 6.80
N PRO A 175 -25.29 5.10 6.49
CA PRO A 175 -25.47 6.14 5.48
C PRO A 175 -24.69 7.40 5.85
N ALA A 176 -24.10 8.04 4.84
CA ALA A 176 -23.38 9.28 5.08
C ALA A 176 -24.33 10.37 5.54
N VAL A 177 -23.81 11.26 6.38
CA VAL A 177 -24.56 12.37 6.93
C VAL A 177 -23.89 13.65 6.47
N LEU A 178 -24.69 14.61 6.01
CA LEU A 178 -24.17 15.90 5.58
C LEU A 178 -23.93 16.76 6.83
N GLN A 179 -22.67 17.06 7.12
CA GLN A 179 -22.31 17.86 8.28
C GLN A 179 -22.68 19.32 8.05
N SER A 180 -22.54 20.13 9.11
CA SER A 180 -22.84 21.55 8.99
C SER A 180 -21.85 22.26 8.10
N SER A 181 -20.65 21.70 7.91
CA SER A 181 -19.64 22.29 7.04
C SER A 181 -19.93 22.04 5.56
N GLY A 182 -20.99 21.32 5.22
CA GLY A 182 -21.24 20.98 3.84
C GLY A 182 -20.48 19.77 3.34
N LEU A 183 -19.76 19.09 4.22
CA LEU A 183 -19.00 17.89 3.89
C LEU A 183 -19.70 16.67 4.48
N TYR A 184 -19.57 15.52 3.80
CA TYR A 184 -20.22 14.33 4.32
C TYR A 184 -19.35 13.66 5.39
N SER A 185 -19.99 12.76 6.14
CA SER A 185 -19.30 11.99 7.16
C SER A 185 -20.08 10.72 7.44
N LEU A 186 -19.36 9.61 7.57
CA LEU A 186 -19.95 8.35 7.96
C LEU A 186 -18.92 7.57 8.75
N SER A 187 -19.39 6.52 9.41
CA SER A 187 -18.53 5.60 10.12
C SER A 187 -18.91 4.20 9.72
N SER A 188 -17.93 3.32 9.67
CA SER A 188 -18.14 1.91 9.39
C SER A 188 -17.65 1.16 10.60
N VAL A 189 -18.56 0.51 11.33
CA VAL A 189 -18.21 -0.23 12.52
C VAL A 189 -18.44 -1.71 12.27
N VAL A 190 -17.76 -2.53 13.07
CA VAL A 190 -17.92 -3.97 13.03
C VAL A 190 -17.93 -4.48 14.46
N THR A 191 -18.91 -5.33 14.78
CA THR A 191 -19.03 -5.93 16.09
C THR A 191 -18.38 -7.31 16.07
N VAL A 192 -17.55 -7.59 17.07
CA VAL A 192 -16.85 -8.87 17.18
C VAL A 192 -17.05 -9.45 18.57
N PRO A 193 -16.97 -10.77 18.75
CA PRO A 193 -17.08 -11.33 20.11
C PRO A 193 -15.95 -10.83 20.98
N SER A 194 -16.31 -10.47 22.22
CA SER A 194 -15.40 -9.73 23.11
C SER A 194 -14.11 -10.49 23.41
N SER A 195 -14.16 -11.81 23.37
CA SER A 195 -13.02 -12.62 23.78
C SER A 195 -11.92 -12.69 22.72
N SER A 196 -12.15 -12.14 21.52
CA SER A 196 -11.18 -12.23 20.43
C SER A 196 -10.38 -10.93 20.32
N LEU A 197 -9.83 -10.49 21.44
CA LEU A 197 -9.00 -9.29 21.49
C LEU A 197 -7.58 -9.68 21.07
N GLY A 198 -7.10 -9.13 19.96
CA GLY A 198 -5.83 -9.54 19.44
C GLY A 198 -5.87 -10.87 18.71
N THR A 199 -7.05 -11.49 18.62
CA THR A 199 -7.21 -12.75 17.90
C THR A 199 -7.19 -12.54 16.39
N GLN A 200 -7.65 -11.38 15.93
CA GLN A 200 -7.66 -11.05 14.51
C GLN A 200 -7.15 -9.62 14.34
N THR A 201 -6.84 -9.26 13.09
CA THR A 201 -6.41 -7.90 12.75
C THR A 201 -7.48 -7.24 11.89
N TYR A 202 -7.84 -6.00 12.23
CA TYR A 202 -8.91 -5.28 11.57
C TYR A 202 -8.35 -4.05 10.87
N ILE A 203 -8.47 -4.02 9.54
CA ILE A 203 -8.10 -2.87 8.74
C ILE A 203 -9.30 -2.45 7.92
N CYS A 204 -9.56 -1.15 7.82
CA CYS A 204 -10.65 -0.64 6.99
C CYS A 204 -10.07 -0.03 5.74
N ASN A 205 -10.70 -0.33 4.61
CA ASN A 205 -10.28 0.12 3.30
C ASN A 205 -11.28 1.17 2.83
N VAL A 206 -10.90 2.44 2.94
CA VAL A 206 -11.72 3.55 2.51
C VAL A 206 -11.27 3.96 1.11
N ASN A 207 -12.24 4.09 0.19
CA ASN A 207 -11.95 4.49 -1.18
C ASN A 207 -12.91 5.61 -1.56
N HIS A 208 -12.36 6.76 -1.94
CA HIS A 208 -13.14 7.90 -2.40
C HIS A 208 -12.67 8.21 -3.82
N LYS A 209 -13.32 7.57 -4.80
CA LYS A 209 -12.89 7.72 -6.18
C LYS A 209 -12.93 9.17 -6.69
N PRO A 210 -13.91 10.02 -6.32
CA PRO A 210 -13.89 11.40 -6.83
C PRO A 210 -12.62 12.18 -6.52
N SER A 211 -11.95 11.91 -5.41
CA SER A 211 -10.70 12.60 -5.07
C SER A 211 -9.47 11.74 -5.34
N ASN A 212 -9.65 10.53 -5.88
CA ASN A 212 -8.56 9.61 -6.16
C ASN A 212 -7.77 9.28 -4.90
N THR A 213 -8.47 9.18 -3.77
CA THR A 213 -7.83 8.88 -2.49
C THR A 213 -8.27 7.52 -1.97
N LYS A 214 -7.30 6.75 -1.48
CA LYS A 214 -7.56 5.44 -0.90
C LYS A 214 -6.71 5.30 0.36
N VAL A 215 -7.35 4.95 1.47
CA VAL A 215 -6.71 4.89 2.78
C VAL A 215 -6.97 3.52 3.38
N ASP A 216 -5.92 2.90 3.92
CA ASP A 216 -6.01 1.64 4.65
C ASP A 216 -5.57 1.93 6.07
N LYS A 217 -6.52 1.92 7.01
CA LYS A 217 -6.27 2.30 8.39
C LYS A 217 -6.36 1.07 9.28
N LYS A 218 -5.26 0.69 9.91
CA LYS A 218 -5.27 -0.41 10.85
C LYS A 218 -5.90 0.05 12.16
N VAL A 219 -6.85 -0.72 12.67
CA VAL A 219 -7.56 -0.37 13.89
C VAL A 219 -7.20 -1.40 14.95
N GLU A 220 -6.69 -0.93 16.09
CA GLU A 220 -6.26 -1.79 17.18
C GLU A 220 -6.40 -1.02 18.48
N PRO A 221 -6.61 -1.71 19.61
CA PRO A 221 -6.70 -1.03 20.90
C PRO A 221 -5.34 -0.57 21.43
N GLU B 1 30.07 3.13 16.16
CA GLU B 1 29.43 4.20 15.41
C GLU B 1 28.71 5.15 16.37
N VAL B 2 29.05 6.44 16.33
CA VAL B 2 28.44 7.43 17.22
C VAL B 2 27.25 8.11 16.53
N GLN B 3 26.09 8.10 17.18
CA GLN B 3 24.87 8.67 16.61
C GLN B 3 24.08 9.37 17.70
N LEU B 4 23.67 10.61 17.41
CA LEU B 4 22.85 11.41 18.30
C LEU B 4 21.49 11.62 17.62
N LEU B 5 20.44 11.07 18.20
CA LEU B 5 19.11 11.10 17.60
C LEU B 5 18.16 11.90 18.46
N GLU B 6 17.73 13.06 17.96
CA GLU B 6 16.81 13.91 18.70
C GLU B 6 15.38 13.45 18.48
N SER B 7 14.55 13.70 19.49
CA SER B 7 13.17 13.22 19.45
C SER B 7 12.29 14.17 20.23
N GLY B 8 11.00 14.06 19.98
CA GLY B 8 10.05 14.99 20.54
C GLY B 8 9.73 15.94 19.42
N GLY B 9 9.61 17.21 19.75
CA GLY B 9 9.29 18.23 18.76
C GLY B 9 7.91 18.09 18.18
N GLY B 10 7.38 19.19 17.69
CA GLY B 10 6.03 19.18 17.19
C GLY B 10 5.43 20.55 17.39
N LEU B 11 4.10 20.58 17.37
CA LEU B 11 3.33 21.81 17.47
C LEU B 11 2.92 22.03 18.91
N VAL B 12 2.95 23.30 19.34
CA VAL B 12 2.64 23.63 20.72
C VAL B 12 2.00 25.01 20.78
N GLN B 13 1.08 25.15 21.70
CA GLN B 13 0.41 26.42 21.87
C GLN B 13 1.34 27.39 22.60
N PRO B 14 1.16 28.70 22.41
CA PRO B 14 1.93 29.65 23.20
C PRO B 14 1.69 29.41 24.68
N GLY B 15 2.77 29.35 25.45
CA GLY B 15 2.64 29.00 26.85
C GLY B 15 2.57 27.53 27.16
N GLY B 16 2.49 26.66 26.15
CA GLY B 16 2.49 25.22 26.36
C GLY B 16 3.89 24.71 26.67
N SER B 17 4.03 23.38 26.63
CA SER B 17 5.29 22.74 26.98
C SER B 17 5.64 21.60 26.03
N LEU B 18 6.94 21.39 25.82
CA LEU B 18 7.46 20.20 25.19
C LEU B 18 8.65 19.65 25.97
N ARG B 19 8.91 18.36 25.77
CA ARG B 19 10.05 17.69 26.37
C ARG B 19 10.81 16.99 25.25
N LEU B 20 11.98 17.53 24.87
CA LEU B 20 12.82 16.97 23.82
C LEU B 20 13.72 15.88 24.39
N SER B 21 13.85 14.78 23.66
CA SER B 21 14.61 13.62 24.13
C SER B 21 15.70 13.31 23.10
N CYS B 22 16.95 13.57 23.48
CA CYS B 22 18.11 13.28 22.62
C CYS B 22 18.79 12.00 23.11
N ALA B 23 18.86 10.99 22.25
CA ALA B 23 19.47 9.71 22.59
C ALA B 23 20.81 9.55 21.87
N ALA B 24 21.70 8.77 22.48
CA ALA B 24 23.03 8.57 21.93
C ALA B 24 23.43 7.11 22.08
N SER B 25 24.47 6.73 21.33
CA SER B 25 24.98 5.36 21.36
C SER B 25 26.43 5.31 20.89
N PHE B 29 28.76 8.40 26.85
CA PHE B 29 27.92 9.59 26.86
C PHE B 29 28.05 10.37 28.16
N SER B 30 28.16 9.63 29.27
CA SER B 30 28.21 10.23 30.59
C SER B 30 29.48 11.03 30.83
N SER B 31 30.47 10.91 29.96
CA SER B 31 31.78 11.52 30.18
C SER B 31 31.93 12.89 29.55
N TYR B 32 30.93 13.36 28.80
CA TYR B 32 31.06 14.61 28.05
C TYR B 32 29.93 15.56 28.38
N ALA B 33 30.21 16.84 28.17
CA ALA B 33 29.21 17.88 28.34
C ALA B 33 28.35 17.97 27.10
N MET B 34 27.04 17.98 27.27
CA MET B 34 26.12 18.07 26.14
C MET B 34 25.56 19.49 26.04
N SER B 35 25.13 19.85 24.83
CA SER B 35 24.67 21.20 24.55
C SER B 35 23.42 21.14 23.69
N TRP B 36 22.66 22.22 23.70
CA TRP B 36 21.50 22.39 22.83
C TRP B 36 21.71 23.64 21.99
N VAL B 37 21.56 23.50 20.67
CA VAL B 37 21.69 24.63 19.77
C VAL B 37 20.45 24.66 18.90
N ARG B 38 19.82 25.83 18.78
CA ARG B 38 18.61 25.97 18.00
C ARG B 38 18.85 26.92 16.82
N GLN B 39 17.99 26.82 15.81
CA GLN B 39 18.12 27.65 14.62
C GLN B 39 16.71 27.99 14.13
N ALA B 40 16.34 29.25 14.22
CA ALA B 40 15.05 29.67 13.70
C ALA B 40 15.02 29.49 12.18
N PRO B 41 13.84 29.21 11.60
CA PRO B 41 13.75 28.98 10.16
C PRO B 41 14.34 30.15 9.38
N GLY B 42 15.40 29.88 8.63
CA GLY B 42 16.06 30.92 7.87
C GLY B 42 17.04 31.78 8.64
N LYS B 43 17.06 31.67 9.97
CA LYS B 43 17.97 32.46 10.78
C LYS B 43 19.22 31.65 11.08
N GLY B 44 20.10 32.20 11.92
CA GLY B 44 21.36 31.56 12.26
C GLY B 44 21.28 30.75 13.55
N LEU B 45 22.42 30.15 13.89
CA LEU B 45 22.49 29.28 15.05
C LEU B 45 22.49 30.11 16.33
N GLU B 46 21.81 29.58 17.35
CA GLU B 46 21.65 30.23 18.65
C GLU B 46 21.90 29.20 19.72
N TRP B 47 22.90 29.44 20.56
CA TRP B 47 23.19 28.52 21.66
C TRP B 47 22.09 28.62 22.70
N VAL B 48 21.67 27.46 23.22
CA VAL B 48 20.55 27.40 24.15
C VAL B 48 21.06 27.14 25.56
N SER B 49 21.43 25.88 25.85
CA SER B 49 21.90 25.48 27.18
C SER B 49 23.01 24.45 27.05
N VAL B 50 23.67 24.20 28.19
CA VAL B 50 24.73 23.22 28.32
C VAL B 50 24.57 22.55 29.67
N ILE B 51 24.81 21.25 29.72
CA ILE B 51 24.87 20.51 30.98
C ILE B 51 26.22 19.82 31.07
N TYR B 52 26.82 19.87 32.25
CA TYR B 52 28.07 19.20 32.48
C TYR B 52 27.78 17.85 33.11
N SER B 53 28.64 16.88 32.84
CA SER B 53 28.48 15.60 33.51
C SER B 53 28.68 15.75 35.01
N GLY B 54 29.77 16.43 35.39
CA GLY B 54 30.07 16.63 36.80
C GLY B 54 29.30 17.78 37.43
N GLY B 55 28.83 17.53 38.66
CA GLY B 55 28.22 18.56 39.46
C GLY B 55 26.87 19.07 39.00
N SER B 56 26.38 18.65 37.83
CA SER B 56 25.12 19.15 37.28
C SER B 56 25.20 20.68 37.20
N SER B 57 26.26 21.13 36.54
CA SER B 57 26.55 22.55 36.34
C SER B 57 26.00 22.94 34.98
N THR B 58 24.77 23.49 34.97
CA THR B 58 24.04 23.81 33.77
C THR B 58 23.95 25.32 33.62
N TYR B 59 23.99 25.77 32.36
CA TYR B 59 23.93 27.19 32.03
C TYR B 59 22.91 27.42 30.93
N TYR B 60 22.31 28.61 30.91
CA TYR B 60 21.26 28.90 29.95
C TYR B 60 21.51 30.24 29.28
N ALA B 61 20.95 30.38 28.08
CA ALA B 61 20.94 31.66 27.41
C ALA B 61 19.90 32.58 28.04
N ASP B 62 20.04 33.89 27.81
CA ASP B 62 19.12 34.85 28.42
C ASP B 62 17.70 34.65 27.90
N SER B 63 17.55 34.32 26.61
CA SER B 63 16.22 34.19 26.00
C SER B 63 15.45 32.97 26.51
N VAL B 64 16.12 31.97 27.07
CA VAL B 64 15.46 30.76 27.56
C VAL B 64 15.62 30.57 29.06
N LYS B 65 16.35 31.47 29.74
CA LYS B 65 16.59 31.29 31.16
C LYS B 65 15.31 31.43 31.97
N GLY B 66 15.14 30.53 32.94
CA GLY B 66 13.94 30.49 33.75
C GLY B 66 12.78 29.73 33.13
N ARG B 67 12.82 29.47 31.82
CA ARG B 67 11.75 28.77 31.13
C ARG B 67 12.12 27.37 30.68
N PHE B 68 13.36 27.12 30.30
CA PHE B 68 13.78 25.80 29.87
C PHE B 68 14.64 25.13 30.94
N THR B 69 14.65 23.81 30.93
CA THR B 69 15.41 23.04 31.92
C THR B 69 16.13 21.89 31.22
N ILE B 70 17.46 21.92 31.25
CA ILE B 70 18.27 20.85 30.67
C ILE B 70 18.62 19.85 31.76
N SER B 71 18.59 18.58 31.40
CA SER B 71 18.92 17.49 32.31
C SER B 71 19.42 16.31 31.46
N ARG B 72 19.97 15.32 32.14
CA ARG B 72 20.50 14.14 31.47
C ARG B 72 20.32 12.93 32.37
N ASP B 73 20.18 11.78 31.73
CA ASP B 73 20.06 10.48 32.39
C ASP B 73 21.26 9.66 31.91
N ASN B 74 22.35 9.70 32.66
CA ASN B 74 23.58 9.01 32.26
C ASN B 74 23.41 7.50 32.18
N SER B 75 22.43 6.95 32.91
CA SER B 75 22.20 5.51 32.87
C SER B 75 21.55 5.05 31.58
N LYS B 76 20.87 5.95 30.86
CA LYS B 76 20.21 5.60 29.60
C LYS B 76 20.76 6.36 28.40
N ASN B 77 21.84 7.12 28.56
CA ASN B 77 22.49 7.85 27.46
C ASN B 77 21.51 8.80 26.76
N THR B 78 20.70 9.51 27.54
CA THR B 78 19.66 10.35 26.99
C THR B 78 19.78 11.75 27.53
N LEU B 79 19.64 12.73 26.64
CA LEU B 79 19.62 14.15 27.00
C LEU B 79 18.19 14.66 26.86
N TYR B 80 17.73 15.39 27.88
CA TYR B 80 16.37 15.90 27.92
C TYR B 80 16.40 17.42 27.89
N LEU B 81 15.33 18.02 27.38
CA LEU B 81 15.16 19.47 27.40
C LEU B 81 13.70 19.77 27.68
N GLN B 82 13.39 20.21 28.89
CA GLN B 82 12.04 20.61 29.25
C GLN B 82 11.85 22.06 28.84
N MET B 83 10.86 22.30 27.98
CA MET B 83 10.58 23.63 27.43
C MET B 83 9.21 24.08 27.97
N ASN B 84 9.23 25.04 28.90
CA ASN B 84 8.04 25.62 29.50
C ASN B 84 7.85 27.05 29.01
N SER B 85 6.59 27.51 29.05
CA SER B 85 6.25 28.88 28.68
C SER B 85 6.72 29.21 27.27
N LEU B 86 6.35 28.35 26.33
CA LEU B 86 6.81 28.48 24.96
C LEU B 86 6.22 29.71 24.29
N ARG B 87 7.07 30.40 23.54
CA ARG B 87 6.72 31.63 22.82
C ARG B 87 6.94 31.41 21.33
N ALA B 88 6.41 32.34 20.53
CA ALA B 88 6.50 32.19 19.09
C ALA B 88 7.94 32.14 18.62
N GLU B 89 8.83 32.91 19.27
CA GLU B 89 10.22 32.94 18.84
C GLU B 89 10.98 31.67 19.21
N ASP B 90 10.40 30.79 20.01
CA ASP B 90 11.10 29.55 20.25
C ASP B 90 11.00 28.60 19.06
N THR B 91 10.24 28.97 18.02
CA THR B 91 10.12 28.13 16.83
C THR B 91 11.48 28.01 16.17
N ALA B 92 12.00 26.79 16.13
CA ALA B 92 13.33 26.53 15.58
C ALA B 92 13.53 25.02 15.54
N VAL B 93 14.57 24.61 14.83
CA VAL B 93 15.06 23.25 14.89
C VAL B 93 16.06 23.17 16.05
N TYR B 94 15.87 22.21 16.95
CA TYR B 94 16.72 22.07 18.12
C TYR B 94 17.68 20.90 17.90
N TYR B 95 18.98 21.19 18.01
CA TYR B 95 20.02 20.18 17.87
C TYR B 95 20.63 19.89 19.23
N CYS B 96 20.85 18.62 19.52
CA CYS B 96 21.72 18.25 20.62
C CYS B 96 23.11 18.00 20.07
N THR B 97 24.11 18.55 20.75
CA THR B 97 25.47 18.50 20.27
C THR B 97 26.42 18.49 21.45
N THR B 98 27.55 17.82 21.27
CA THR B 98 28.62 17.81 22.25
C THR B 98 29.49 19.05 22.18
N LEU B 99 29.34 19.85 21.13
CA LEU B 99 30.25 20.98 20.82
C LEU B 99 31.64 20.36 20.71
N LEU B 100 32.67 21.02 21.25
CA LEU B 100 34.03 20.48 21.12
C LEU B 100 34.28 19.40 22.15
N ILE B 101 34.76 18.26 21.67
CA ILE B 101 35.34 17.23 22.53
C ILE B 101 36.83 17.12 22.21
N LEU B 102 37.70 17.57 23.12
CA LEU B 102 39.15 17.51 22.92
C LEU B 102 39.71 16.38 23.78
N GLU B 103 39.73 15.17 23.23
CA GLU B 103 40.32 14.01 23.87
C GLU B 103 41.43 13.44 23.00
N SER B 104 42.54 13.04 23.62
CA SER B 104 43.70 12.53 22.91
C SER B 104 44.22 13.54 21.89
N ASP B 105 44.30 14.80 22.32
CA ASP B 105 44.83 15.93 21.53
C ASP B 105 44.21 16.03 20.11
N VAL B 106 43.01 15.50 19.90
CA VAL B 106 42.30 15.64 18.63
C VAL B 106 40.91 16.19 18.93
N GLY B 107 40.42 17.05 18.04
CA GLY B 107 39.12 17.65 18.20
C GLY B 107 38.09 17.02 17.30
N VAL B 108 37.02 16.51 17.90
CA VAL B 108 35.94 15.87 17.18
C VAL B 108 34.65 16.59 17.53
N ASP B 109 33.59 16.27 16.78
CA ASP B 109 32.32 16.94 16.94
C ASP B 109 31.21 16.01 16.45
N TYR B 110 30.16 15.86 17.26
CA TYR B 110 29.01 15.03 16.90
C TYR B 110 27.73 15.83 17.12
N TRP B 111 26.96 16.05 16.07
CA TRP B 111 25.67 16.71 16.14
C TRP B 111 24.56 15.72 15.83
N GLY B 112 23.38 16.02 16.32
CA GLY B 112 22.20 15.27 15.94
C GLY B 112 21.59 15.77 14.64
N GLN B 113 20.55 15.06 14.20
CA GLN B 113 19.86 15.45 12.98
C GLN B 113 18.91 16.63 13.17
N GLY B 114 18.50 16.91 14.40
CA GLY B 114 17.60 18.01 14.66
C GLY B 114 16.14 17.60 14.70
N THR B 115 15.38 18.29 15.55
CA THR B 115 13.95 18.09 15.68
C THR B 115 13.29 19.46 15.67
N LEU B 116 12.26 19.63 14.85
CA LEU B 116 11.63 20.93 14.67
C LEU B 116 10.56 21.13 15.72
N VAL B 117 10.65 22.24 16.44
CA VAL B 117 9.63 22.65 17.40
C VAL B 117 8.97 23.89 16.83
N THR B 118 7.64 23.84 16.71
CA THR B 118 6.84 24.93 16.17
C THR B 118 5.84 25.40 17.21
N VAL B 119 5.86 26.68 17.52
CA VAL B 119 4.99 27.26 18.53
C VAL B 119 3.96 28.12 17.80
N SER B 120 2.71 27.63 17.76
CA SER B 120 1.61 28.31 17.07
C SER B 120 0.29 27.74 17.57
N SER B 121 -0.77 28.55 17.46
CA SER B 121 -2.11 28.15 17.85
C SER B 121 -2.88 27.46 16.73
N ALA B 122 -2.31 27.39 15.54
CA ALA B 122 -2.99 26.76 14.42
C ALA B 122 -3.09 25.26 14.65
N SER B 123 -4.06 24.65 13.98
CA SER B 123 -4.30 23.22 14.08
C SER B 123 -3.51 22.48 13.02
N THR B 124 -3.25 21.20 13.26
CA THR B 124 -2.55 20.39 12.29
C THR B 124 -3.44 20.09 11.10
N LYS B 125 -2.87 20.15 9.90
CA LYS B 125 -3.62 19.81 8.70
C LYS B 125 -2.74 18.98 7.78
N GLY B 126 -3.32 17.91 7.22
CA GLY B 126 -2.62 17.04 6.33
C GLY B 126 -2.51 17.63 4.93
N PRO B 127 -1.48 17.25 4.20
CA PRO B 127 -1.23 17.84 2.87
C PRO B 127 -1.99 17.13 1.77
N SER B 128 -2.30 17.89 0.72
CA SER B 128 -2.77 17.33 -0.53
C SER B 128 -1.62 17.21 -1.51
N VAL B 129 -1.55 16.08 -2.19
CA VAL B 129 -0.49 15.81 -3.15
C VAL B 129 -1.11 15.76 -4.53
N PHE B 130 -0.63 16.61 -5.43
CA PHE B 130 -1.08 16.64 -6.80
C PHE B 130 0.11 16.43 -7.73
N PRO B 131 -0.07 15.68 -8.81
CA PRO B 131 1.06 15.40 -9.71
C PRO B 131 1.40 16.58 -10.61
N LEU B 132 2.69 16.75 -10.87
CA LEU B 132 3.18 17.72 -11.85
C LEU B 132 3.77 16.94 -13.03
N ALA B 133 2.93 16.73 -14.06
CA ALA B 133 3.29 15.86 -15.18
C ALA B 133 3.88 16.67 -16.33
N PRO B 134 4.82 16.07 -17.09
CA PRO B 134 5.42 16.73 -18.26
C PRO B 134 4.48 16.75 -19.47
N GLY B 142 16.93 19.10 -24.22
CA GLY B 142 16.66 17.67 -24.25
C GLY B 142 16.14 17.16 -22.92
N THR B 143 16.19 18.04 -21.91
CA THR B 143 15.76 17.71 -20.55
C THR B 143 14.24 17.77 -20.41
N ALA B 144 13.71 16.89 -19.56
CA ALA B 144 12.30 16.86 -19.24
C ALA B 144 12.15 16.80 -17.73
N ALA B 145 11.07 17.39 -17.22
CA ALA B 145 10.90 17.48 -15.77
C ALA B 145 9.50 17.06 -15.36
N LEU B 146 9.41 16.54 -14.13
CA LEU B 146 8.14 16.16 -13.51
C LEU B 146 8.32 16.25 -12.00
N GLY B 147 7.19 16.28 -11.29
CA GLY B 147 7.26 16.40 -9.85
C GLY B 147 5.91 16.23 -9.18
N CYS B 148 5.88 16.62 -7.91
CA CYS B 148 4.71 16.55 -7.05
C CYS B 148 4.51 17.86 -6.31
N LEU B 149 3.25 18.27 -6.20
CA LEU B 149 2.88 19.49 -5.50
C LEU B 149 2.31 19.10 -4.15
N VAL B 150 2.99 19.50 -3.08
CA VAL B 150 2.51 19.24 -1.72
C VAL B 150 1.89 20.53 -1.21
N LYS B 151 0.56 20.57 -1.10
CA LYS B 151 -0.17 21.81 -0.87
C LYS B 151 -1.02 21.73 0.39
N ASP B 152 -1.10 22.85 1.12
CA ASP B 152 -2.05 23.09 2.20
C ASP B 152 -1.86 22.10 3.35
N TYR B 153 -0.72 22.24 4.03
CA TYR B 153 -0.42 21.45 5.23
C TYR B 153 0.11 22.37 6.33
N PHE B 154 0.06 21.87 7.56
CA PHE B 154 0.59 22.55 8.72
C PHE B 154 0.68 21.53 9.85
N PRO B 155 1.77 21.53 10.63
CA PRO B 155 2.92 22.41 10.42
C PRO B 155 4.04 21.77 9.63
N GLU B 156 5.16 22.46 9.51
CA GLU B 156 6.36 21.87 8.98
C GLU B 156 6.84 20.74 9.90
N PRO B 157 7.63 19.79 9.36
CA PRO B 157 8.04 19.68 7.96
C PRO B 157 7.36 18.54 7.26
N VAL B 158 7.56 18.47 5.95
CA VAL B 158 7.25 17.29 5.18
C VAL B 158 8.56 16.78 4.60
N THR B 159 8.63 15.47 4.38
CA THR B 159 9.76 14.86 3.72
C THR B 159 9.28 14.30 2.39
N VAL B 160 10.04 14.55 1.32
CA VAL B 160 9.67 14.06 0.00
C VAL B 160 10.85 13.26 -0.55
N SER B 161 10.60 11.99 -0.85
CA SER B 161 11.53 11.12 -1.55
C SER B 161 10.88 10.62 -2.84
N TRP B 162 11.71 10.04 -3.72
CA TRP B 162 11.25 9.59 -5.03
C TRP B 162 11.61 8.12 -5.23
N ASN B 163 10.59 7.32 -5.54
CA ASN B 163 10.75 5.86 -5.67
C ASN B 163 11.32 5.27 -4.39
N SER B 164 10.72 5.62 -3.26
CA SER B 164 11.15 5.17 -1.93
C SER B 164 12.62 5.46 -1.71
N GLY B 165 13.09 6.59 -2.22
CA GLY B 165 14.47 7.00 -2.03
C GLY B 165 15.45 6.46 -3.04
N ALA B 166 15.00 5.72 -4.05
CA ALA B 166 15.92 5.19 -5.06
C ALA B 166 16.36 6.29 -6.03
N LEU B 167 15.44 7.16 -6.43
CA LEU B 167 15.72 8.25 -7.37
C LEU B 167 16.26 9.47 -6.62
N THR B 168 17.53 9.80 -6.86
CA THR B 168 18.18 10.92 -6.19
C THR B 168 18.87 11.91 -7.14
N SER B 169 19.19 11.50 -8.36
CA SER B 169 19.88 12.38 -9.30
C SER B 169 18.88 13.35 -9.91
N GLY B 170 19.23 14.63 -9.90
CA GLY B 170 18.37 15.61 -10.51
C GLY B 170 17.13 15.97 -9.72
N VAL B 171 17.04 15.53 -8.47
CA VAL B 171 15.91 15.92 -7.64
C VAL B 171 16.20 17.27 -7.04
N HIS B 172 15.20 18.16 -7.06
CA HIS B 172 15.29 19.47 -6.42
C HIS B 172 14.04 19.62 -5.56
N THR B 173 14.20 19.60 -4.24
CA THR B 173 13.09 19.89 -3.32
C THR B 173 13.24 21.30 -2.80
N PHE B 174 12.19 22.13 -3.00
CA PHE B 174 12.28 23.55 -2.66
C PHE B 174 11.84 23.81 -1.24
N PRO B 175 12.36 24.88 -0.62
CA PRO B 175 11.84 25.30 0.67
C PRO B 175 10.34 25.54 0.61
N ALA B 176 9.65 25.13 1.67
CA ALA B 176 8.22 25.38 1.75
C ALA B 176 7.94 26.87 1.83
N VAL B 177 6.81 27.29 1.28
CA VAL B 177 6.39 28.69 1.30
C VAL B 177 5.10 28.78 2.10
N LEU B 178 5.05 29.74 3.02
CA LEU B 178 3.86 29.96 3.84
C LEU B 178 2.85 30.77 3.02
N GLN B 179 1.73 30.15 2.68
CA GLN B 179 0.72 30.85 1.90
C GLN B 179 -0.02 31.86 2.77
N SER B 180 -0.87 32.67 2.12
CA SER B 180 -1.68 33.64 2.85
C SER B 180 -2.71 32.95 3.73
N SER B 181 -3.04 31.69 3.45
CA SER B 181 -3.96 30.93 4.27
C SER B 181 -3.33 30.43 5.56
N GLY B 182 -2.05 30.69 5.80
CA GLY B 182 -1.38 30.16 6.96
C GLY B 182 -0.91 28.72 6.83
N LEU B 183 -1.09 28.12 5.66
CA LEU B 183 -0.68 26.75 5.40
C LEU B 183 0.53 26.75 4.48
N TYR B 184 1.40 25.76 4.64
CA TYR B 184 2.58 25.67 3.82
C TYR B 184 2.28 24.98 2.48
N SER B 185 3.21 25.14 1.55
CA SER B 185 3.15 24.49 0.25
C SER B 185 4.53 24.47 -0.37
N LEU B 186 4.85 23.36 -1.01
CA LEU B 186 6.09 23.24 -1.75
C LEU B 186 5.88 22.26 -2.89
N SER B 187 6.84 22.25 -3.80
CA SER B 187 6.85 21.29 -4.89
C SER B 187 8.23 20.68 -4.96
N SER B 188 8.28 19.41 -5.33
CA SER B 188 9.52 18.68 -5.50
C SER B 188 9.56 18.21 -6.95
N VAL B 189 10.52 18.72 -7.72
CA VAL B 189 10.65 18.33 -9.12
C VAL B 189 11.95 17.54 -9.27
N VAL B 190 11.99 16.73 -10.34
CA VAL B 190 13.16 15.95 -10.73
C VAL B 190 13.28 15.97 -12.24
N THR B 191 14.46 16.26 -12.75
CA THR B 191 14.71 16.34 -14.17
C THR B 191 15.25 15.01 -14.70
N VAL B 192 14.65 14.52 -15.79
CA VAL B 192 15.04 13.25 -16.42
C VAL B 192 15.18 13.47 -17.92
N PRO B 193 15.98 12.63 -18.59
CA PRO B 193 16.10 12.75 -20.05
C PRO B 193 14.77 12.49 -20.76
N SER B 194 14.50 13.28 -21.79
CA SER B 194 13.21 13.24 -22.47
C SER B 194 12.93 11.87 -23.08
N SER B 195 13.97 11.11 -23.42
CA SER B 195 13.79 9.87 -24.16
C SER B 195 13.28 8.71 -23.32
N SER B 196 13.31 8.84 -22.00
CA SER B 196 12.91 7.78 -21.06
C SER B 196 11.57 8.09 -20.41
N LEU B 197 10.53 8.36 -21.22
CA LEU B 197 9.22 8.67 -20.67
C LEU B 197 8.45 7.41 -20.28
N GLY B 198 8.53 6.35 -21.09
CA GLY B 198 7.85 5.10 -20.81
C GLY B 198 8.76 4.04 -20.25
N THR B 199 10.05 4.36 -20.09
CA THR B 199 11.05 3.44 -19.56
C THR B 199 10.98 3.26 -18.04
N GLN B 200 10.60 4.30 -17.29
CA GLN B 200 10.56 4.21 -15.85
C GLN B 200 9.24 4.76 -15.33
N THR B 201 8.97 4.45 -14.07
CA THR B 201 7.81 4.94 -13.34
C THR B 201 8.31 5.83 -12.22
N TYR B 202 7.67 6.99 -12.06
CA TYR B 202 8.08 7.98 -11.07
C TYR B 202 6.96 8.11 -10.04
N ILE B 203 7.28 7.80 -8.77
CA ILE B 203 6.36 7.98 -7.67
C ILE B 203 7.05 8.84 -6.61
N CYS B 204 6.31 9.77 -6.02
CA CYS B 204 6.82 10.62 -4.96
C CYS B 204 6.26 10.15 -3.62
N ASN B 205 7.11 10.11 -2.62
CA ASN B 205 6.73 9.65 -1.28
C ASN B 205 6.71 10.87 -0.35
N VAL B 206 5.51 11.38 -0.08
CA VAL B 206 5.30 12.52 0.80
C VAL B 206 4.95 12.01 2.19
N ASN B 207 5.64 12.52 3.20
CA ASN B 207 5.42 12.10 4.58
C ASN B 207 5.24 13.33 5.44
N HIS B 208 4.09 13.41 6.12
CA HIS B 208 3.78 14.51 7.03
C HIS B 208 3.49 13.89 8.40
N LYS B 209 4.55 13.74 9.21
CA LYS B 209 4.37 13.09 10.50
C LYS B 209 3.37 13.80 11.43
N PRO B 210 3.29 15.13 11.50
CA PRO B 210 2.31 15.75 12.40
C PRO B 210 0.86 15.34 12.15
N SER B 211 0.48 15.05 10.91
CA SER B 211 -0.89 14.65 10.61
C SER B 211 -1.01 13.15 10.38
N ASN B 212 0.09 12.40 10.55
CA ASN B 212 0.10 10.96 10.39
C ASN B 212 -0.40 10.53 9.02
N THR B 213 -0.06 11.32 7.99
CA THR B 213 -0.49 11.04 6.63
C THR B 213 0.72 10.66 5.79
N LYS B 214 0.55 9.65 4.95
CA LYS B 214 1.59 9.18 4.04
C LYS B 214 0.95 8.92 2.69
N VAL B 215 1.48 9.53 1.64
CA VAL B 215 0.91 9.45 0.30
C VAL B 215 2.00 9.05 -0.69
N ASP B 216 1.67 8.09 -1.57
CA ASP B 216 2.51 7.65 -2.68
C ASP B 216 1.76 7.97 -3.97
N LYS B 217 2.23 8.99 -4.69
CA LYS B 217 1.53 9.50 -5.87
C LYS B 217 2.30 9.13 -7.13
N LYS B 218 1.66 8.35 -8.01
CA LYS B 218 2.24 8.03 -9.31
C LYS B 218 2.12 9.23 -10.25
N VAL B 219 3.22 9.56 -10.93
CA VAL B 219 3.30 10.69 -11.84
C VAL B 219 3.52 10.16 -13.24
N GLU B 220 2.62 10.52 -14.16
CA GLU B 220 2.68 10.05 -15.53
C GLU B 220 2.07 11.10 -16.44
N PRO B 221 2.48 11.16 -17.72
CA PRO B 221 1.92 12.14 -18.65
C PRO B 221 0.49 11.81 -19.12
N ASP C 1 -50.02 12.95 -18.43
CA ASP C 1 -49.29 11.92 -17.70
C ASP C 1 -50.22 11.16 -16.75
N ILE C 2 -50.07 9.84 -16.72
CA ILE C 2 -50.86 9.01 -15.80
C ILE C 2 -50.25 9.09 -14.41
N VAL C 3 -51.09 9.31 -13.41
CA VAL C 3 -50.64 9.42 -12.02
C VAL C 3 -50.86 8.08 -11.34
N MET C 4 -49.79 7.49 -10.83
CA MET C 4 -49.83 6.22 -10.10
C MET C 4 -49.77 6.49 -8.61
N THR C 5 -50.80 6.06 -7.88
CA THR C 5 -50.92 6.31 -6.44
C THR C 5 -50.84 5.00 -5.67
N GLN C 6 -49.85 4.89 -4.80
CA GLN C 6 -49.68 3.73 -3.94
C GLN C 6 -50.22 4.02 -2.55
N SER C 7 -50.75 2.97 -1.90
CA SER C 7 -51.31 3.05 -0.57
C SER C 7 -51.21 1.66 0.06
N PRO C 8 -50.63 1.53 1.26
CA PRO C 8 -50.05 2.63 2.04
C PRO C 8 -48.59 2.91 1.70
N LEU C 9 -47.99 3.88 2.39
CA LEU C 9 -46.58 4.18 2.20
C LEU C 9 -45.68 3.30 3.05
N SER C 10 -46.13 2.91 4.25
CA SER C 10 -45.41 2.01 5.13
C SER C 10 -46.35 0.90 5.56
N LEU C 11 -45.82 -0.31 5.64
CA LEU C 11 -46.62 -1.50 5.94
C LEU C 11 -45.85 -2.39 6.92
N PRO C 12 -46.12 -2.28 8.22
CA PRO C 12 -45.52 -3.22 9.19
C PRO C 12 -46.30 -4.53 9.19
N VAL C 13 -45.60 -5.64 8.91
CA VAL C 13 -46.22 -6.97 8.81
C VAL C 13 -45.39 -7.98 9.58
N THR C 14 -46.06 -8.75 10.43
CA THR C 14 -45.38 -9.84 11.16
C THR C 14 -45.08 -10.98 10.19
N PRO C 15 -43.90 -11.59 10.29
CA PRO C 15 -43.55 -12.70 9.38
C PRO C 15 -44.56 -13.83 9.47
N GLY C 16 -44.97 -14.34 8.30
CA GLY C 16 -45.94 -15.41 8.20
C GLY C 16 -47.36 -14.96 7.90
N GLU C 17 -47.67 -13.69 8.11
CA GLU C 17 -48.95 -13.02 7.90
C GLU C 17 -49.00 -12.41 6.50
N PRO C 18 -50.20 -12.22 5.93
CA PRO C 18 -50.29 -11.65 4.59
C PRO C 18 -50.01 -10.15 4.59
N ALA C 19 -49.61 -9.66 3.41
CA ALA C 19 -49.44 -8.25 3.15
C ALA C 19 -50.15 -7.90 1.84
N SER C 20 -50.71 -6.70 1.78
CA SER C 20 -51.44 -6.28 0.59
C SER C 20 -51.14 -4.81 0.33
N ILE C 21 -50.75 -4.50 -0.92
CA ILE C 21 -50.46 -3.14 -1.36
C ILE C 21 -51.33 -2.84 -2.57
N SER C 22 -51.96 -1.68 -2.57
CA SER C 22 -52.83 -1.28 -3.68
C SER C 22 -52.14 -0.21 -4.53
N CYS C 23 -52.55 -0.14 -5.79
CA CYS C 23 -52.01 0.82 -6.75
C CYS C 23 -53.14 1.29 -7.65
N ARG C 24 -53.42 2.59 -7.62
CA ARG C 24 -54.50 3.19 -8.39
C ARG C 24 -53.92 4.15 -9.42
N SER C 25 -54.46 4.10 -10.64
CA SER C 25 -54.03 4.95 -11.73
C SER C 25 -55.15 5.90 -12.15
N SER C 26 -54.76 7.09 -12.60
CA SER C 26 -55.74 8.09 -13.02
C SER C 26 -56.32 7.81 -14.39
N GLN C 27 -55.91 6.72 -15.04
CA GLN C 27 -56.40 6.35 -16.35
C GLN C 27 -56.31 4.84 -16.48
N SER C 28 -57.21 4.26 -17.29
CA SER C 28 -57.20 2.82 -17.49
C SER C 28 -55.93 2.38 -18.20
N LEU C 29 -55.30 1.33 -17.66
CA LEU C 29 -54.06 0.78 -18.19
C LEU C 29 -54.30 -0.40 -19.11
N LEU C 30 -55.53 -0.61 -19.57
CA LEU C 30 -55.88 -1.70 -20.47
C LEU C 30 -55.76 -1.24 -21.92
N HIS C 31 -54.90 -1.91 -22.69
CA HIS C 31 -54.71 -1.66 -24.11
C HIS C 31 -55.85 -2.27 -24.92
N SER C 32 -55.78 -2.13 -26.25
CA SER C 32 -56.79 -2.73 -27.12
C SER C 32 -56.77 -4.25 -27.02
N ASN C 33 -55.61 -4.84 -26.73
CA ASN C 33 -55.53 -6.26 -26.41
C ASN C 33 -56.03 -6.47 -24.99
N GLY C 34 -55.66 -7.59 -24.36
CA GLY C 34 -56.18 -7.88 -23.04
C GLY C 34 -55.19 -7.78 -21.91
N TYR C 35 -54.13 -7.00 -22.10
CA TYR C 35 -53.03 -6.90 -21.15
C TYR C 35 -53.10 -5.58 -20.40
N ASN C 36 -52.96 -5.64 -19.09
CA ASN C 36 -52.89 -4.44 -18.26
C ASN C 36 -51.44 -4.06 -18.10
N TYR C 37 -51.06 -2.89 -18.60
CA TYR C 37 -49.66 -2.50 -18.61
C TYR C 37 -49.28 -1.90 -17.25
N LEU C 38 -49.24 -2.78 -16.24
CA LEU C 38 -48.82 -2.41 -14.89
C LEU C 38 -47.84 -3.46 -14.38
N ASP C 39 -46.72 -2.98 -13.84
CA ASP C 39 -45.69 -3.84 -13.30
C ASP C 39 -45.47 -3.53 -11.83
N TRP C 40 -45.01 -4.52 -11.08
CA TRP C 40 -44.64 -4.33 -9.67
C TRP C 40 -43.14 -4.55 -9.53
N TYR C 41 -42.49 -3.69 -8.76
CA TYR C 41 -41.05 -3.76 -8.54
C TYR C 41 -40.73 -3.78 -7.05
N LEU C 42 -39.69 -4.51 -6.69
CA LEU C 42 -39.17 -4.55 -5.33
C LEU C 42 -37.74 -4.04 -5.34
N GLN C 43 -37.40 -3.18 -4.39
CA GLN C 43 -36.03 -2.67 -4.25
C GLN C 43 -35.55 -3.02 -2.83
N LYS C 44 -34.69 -4.05 -2.73
CA LYS C 44 -34.13 -4.44 -1.44
C LYS C 44 -33.05 -3.44 -1.02
N PRO C 45 -32.83 -3.29 0.29
CA PRO C 45 -31.87 -2.29 0.75
C PRO C 45 -30.48 -2.55 0.20
N GLY C 46 -29.89 -1.52 -0.39
CA GLY C 46 -28.56 -1.61 -0.96
C GLY C 46 -28.46 -2.26 -2.32
N GLN C 47 -29.60 -2.54 -2.96
CA GLN C 47 -29.61 -3.21 -4.26
C GLN C 47 -30.43 -2.39 -5.25
N SER C 48 -30.34 -2.79 -6.52
CA SER C 48 -31.15 -2.20 -7.57
C SER C 48 -32.56 -2.80 -7.55
N PRO C 49 -33.54 -2.13 -8.16
CA PRO C 49 -34.90 -2.67 -8.17
C PRO C 49 -34.93 -4.03 -8.84
N GLN C 50 -35.87 -4.86 -8.39
CA GLN C 50 -36.05 -6.22 -8.90
C GLN C 50 -37.51 -6.42 -9.29
N LEU C 51 -37.74 -6.95 -10.50
CA LEU C 51 -39.09 -7.13 -11.01
C LEU C 51 -39.79 -8.29 -10.32
N LEU C 52 -41.03 -8.06 -9.89
CA LEU C 52 -41.86 -9.05 -9.21
C LEU C 52 -43.02 -9.54 -10.09
N ILE C 53 -43.93 -8.64 -10.45
CA ILE C 53 -45.13 -8.97 -11.22
C ILE C 53 -45.13 -8.08 -12.47
N TYR C 54 -45.39 -8.68 -13.63
CA TYR C 54 -45.45 -7.94 -14.88
C TYR C 54 -46.80 -8.10 -15.56
N LEU C 55 -47.23 -7.06 -16.26
CA LEU C 55 -48.52 -7.05 -16.95
C LEU C 55 -49.66 -7.37 -15.98
N GLY C 56 -49.65 -6.74 -14.83
CA GLY C 56 -50.76 -6.88 -13.86
C GLY C 56 -50.88 -8.13 -13.00
N SER C 57 -50.75 -9.33 -13.60
CA SER C 57 -51.00 -10.56 -12.86
C SER C 57 -50.06 -11.71 -13.23
N ASN C 58 -49.00 -11.47 -13.98
CA ASN C 58 -48.09 -12.52 -14.40
C ASN C 58 -46.84 -12.50 -13.52
N ARG C 59 -46.52 -13.65 -12.94
CA ARG C 59 -45.37 -13.75 -12.05
C ARG C 59 -44.08 -13.86 -12.85
N ALA C 60 -43.09 -13.03 -12.49
CA ALA C 60 -41.83 -13.01 -13.22
C ALA C 60 -40.97 -14.23 -12.88
N SER C 61 -39.92 -14.43 -13.67
CA SER C 61 -39.02 -15.56 -13.50
C SER C 61 -38.27 -15.42 -12.17
N GLY C 62 -38.25 -16.50 -11.38
CA GLY C 62 -37.58 -16.53 -10.10
C GLY C 62 -38.40 -16.06 -8.93
N VAL C 63 -39.55 -15.44 -9.17
CA VAL C 63 -40.40 -14.92 -8.10
C VAL C 63 -41.17 -16.08 -7.49
N PRO C 64 -41.12 -16.25 -6.16
CA PRO C 64 -41.89 -17.33 -5.53
C PRO C 64 -43.39 -17.11 -5.69
N ASP C 65 -44.12 -18.23 -5.64
CA ASP C 65 -45.58 -18.18 -5.77
C ASP C 65 -46.25 -17.48 -4.59
N ARG C 66 -45.49 -17.10 -3.56
CA ARG C 66 -46.04 -16.30 -2.48
C ARG C 66 -46.44 -14.91 -2.96
N PHE C 67 -45.80 -14.42 -4.03
CA PHE C 67 -46.16 -13.14 -4.64
C PHE C 67 -47.21 -13.34 -5.72
N SER C 68 -48.19 -12.44 -5.75
CA SER C 68 -49.25 -12.53 -6.73
C SER C 68 -49.78 -11.13 -7.01
N GLY C 69 -50.28 -10.92 -8.23
CA GLY C 69 -50.85 -9.65 -8.61
C GLY C 69 -52.23 -9.86 -9.20
N SER C 70 -53.05 -8.83 -9.08
CA SER C 70 -54.41 -8.89 -9.59
C SER C 70 -54.89 -7.49 -9.92
N GLY C 71 -56.05 -7.42 -10.53
CA GLY C 71 -56.68 -6.16 -10.87
C GLY C 71 -56.67 -5.91 -12.37
N SER C 72 -57.43 -4.89 -12.76
CA SER C 72 -57.52 -4.50 -14.15
C SER C 72 -58.03 -3.06 -14.24
N GLY C 73 -57.61 -2.39 -15.31
CA GLY C 73 -58.03 -1.02 -15.55
C GLY C 73 -57.26 0.00 -14.74
N THR C 74 -57.83 0.42 -13.60
CA THR C 74 -57.24 1.46 -12.78
C THR C 74 -56.98 1.03 -11.35
N ASP C 75 -57.23 -0.22 -11.01
CA ASP C 75 -57.05 -0.69 -9.62
C ASP C 75 -56.34 -2.02 -9.66
N PHE C 76 -55.14 -2.08 -9.09
CA PHE C 76 -54.37 -3.31 -9.01
C PHE C 76 -53.89 -3.49 -7.57
N THR C 77 -53.65 -4.75 -7.19
CA THR C 77 -53.29 -5.09 -5.82
C THR C 77 -52.22 -6.17 -5.83
N LEU C 78 -51.12 -5.91 -5.12
CA LEU C 78 -50.04 -6.89 -4.93
C LEU C 78 -50.22 -7.56 -3.58
N LYS C 79 -50.12 -8.89 -3.56
CA LYS C 79 -50.36 -9.65 -2.34
C LYS C 79 -49.17 -10.57 -2.08
N ILE C 80 -48.76 -10.63 -0.81
CA ILE C 80 -47.76 -11.58 -0.35
C ILE C 80 -48.44 -12.50 0.64
N SER C 81 -48.51 -13.79 0.31
CA SER C 81 -49.25 -14.73 1.15
C SER C 81 -48.64 -14.83 2.53
N ARG C 82 -47.32 -15.01 2.60
CA ARG C 82 -46.63 -15.12 3.88
C ARG C 82 -45.30 -14.36 3.73
N VAL C 83 -45.21 -13.19 4.37
CA VAL C 83 -43.99 -12.40 4.24
C VAL C 83 -42.85 -13.09 4.97
N GLU C 84 -41.63 -12.85 4.49
CA GLU C 84 -40.42 -13.40 5.07
C GLU C 84 -39.46 -12.28 5.42
N ALA C 85 -38.38 -12.65 6.11
CA ALA C 85 -37.39 -11.64 6.51
C ALA C 85 -36.73 -11.00 5.30
N GLU C 86 -36.54 -11.76 4.21
CA GLU C 86 -35.87 -11.25 3.03
C GLU C 86 -36.75 -10.33 2.19
N ASP C 87 -38.00 -10.11 2.58
CA ASP C 87 -38.87 -9.25 1.81
C ASP C 87 -38.71 -7.78 2.16
N VAL C 88 -37.69 -7.38 2.93
CA VAL C 88 -37.54 -5.98 3.30
C VAL C 88 -37.19 -5.15 2.07
N GLY C 89 -37.83 -4.00 1.96
CA GLY C 89 -37.57 -3.10 0.86
C GLY C 89 -38.79 -2.23 0.56
N VAL C 90 -38.70 -1.53 -0.57
CA VAL C 90 -39.74 -0.63 -1.04
C VAL C 90 -40.34 -1.22 -2.31
N TYR C 91 -41.66 -1.29 -2.36
CA TYR C 91 -42.39 -1.84 -3.51
C TYR C 91 -43.01 -0.71 -4.32
N TYR C 92 -42.72 -0.70 -5.61
CA TYR C 92 -43.20 0.31 -6.54
C TYR C 92 -44.07 -0.34 -7.61
N CYS C 93 -45.10 0.37 -8.06
CA CYS C 93 -45.87 0.00 -9.23
C CYS C 93 -45.59 0.98 -10.35
N MET C 94 -45.33 0.45 -11.54
CA MET C 94 -45.03 1.27 -12.72
C MET C 94 -45.99 0.91 -13.84
N GLN C 95 -46.37 1.90 -14.62
CA GLN C 95 -47.22 1.70 -15.80
C GLN C 95 -46.37 1.84 -17.05
N ALA C 96 -46.60 0.95 -18.01
CA ALA C 96 -45.88 0.94 -19.29
C ALA C 96 -46.82 1.08 -20.48
N LEU C 97 -48.02 1.60 -20.27
CA LEU C 97 -48.99 1.70 -21.36
C LEU C 97 -48.65 2.85 -22.29
N GLN C 98 -48.69 4.08 -21.77
CA GLN C 98 -48.42 5.27 -22.56
C GLN C 98 -47.28 6.07 -21.93
N THR C 99 -46.50 6.69 -22.80
CA THR C 99 -45.42 7.55 -22.35
C THR C 99 -45.98 8.87 -21.79
N PRO C 100 -45.38 9.41 -20.71
CA PRO C 100 -44.22 8.87 -19.98
C PRO C 100 -44.57 7.76 -19.00
N TYR C 101 -43.68 6.78 -18.86
CA TYR C 101 -43.84 5.76 -17.84
C TYR C 101 -43.66 6.41 -16.47
N THR C 102 -44.47 5.99 -15.51
CA THR C 102 -44.48 6.59 -14.18
C THR C 102 -44.50 5.51 -13.11
N PHE C 103 -43.77 5.76 -12.03
CA PHE C 103 -43.73 4.87 -10.88
C PHE C 103 -44.63 5.43 -9.77
N GLY C 104 -45.01 4.55 -8.85
CA GLY C 104 -45.72 4.99 -7.67
C GLY C 104 -44.79 5.65 -6.66
N GLN C 105 -45.39 6.06 -5.54
CA GLN C 105 -44.61 6.67 -4.46
C GLN C 105 -43.74 5.64 -3.73
N GLY C 106 -44.10 4.36 -3.78
CA GLY C 106 -43.33 3.35 -3.09
C GLY C 106 -43.87 2.98 -1.72
N THR C 107 -43.91 1.70 -1.40
CA THR C 107 -44.41 1.22 -0.11
C THR C 107 -43.26 0.56 0.63
N LYS C 108 -42.83 1.16 1.73
CA LYS C 108 -41.74 0.59 2.52
C LYS C 108 -42.31 -0.49 3.44
N LEU C 109 -41.91 -1.73 3.19
CA LEU C 109 -42.39 -2.88 3.97
C LEU C 109 -41.46 -3.07 5.16
N GLU C 110 -41.99 -2.88 6.37
CA GLU C 110 -41.24 -3.12 7.60
C GLU C 110 -41.63 -4.48 8.15
N ILE C 111 -40.63 -5.26 8.53
CA ILE C 111 -40.87 -6.60 9.08
C ILE C 111 -40.99 -6.48 10.60
N LYS C 112 -42.16 -6.84 11.13
CA LYS C 112 -42.45 -6.72 12.56
C LYS C 112 -41.80 -7.90 13.29
N ARG C 113 -40.65 -7.64 13.91
CA ARG C 113 -39.87 -8.60 14.65
C ARG C 113 -40.26 -8.58 16.14
N THR C 114 -39.58 -9.44 16.88
CA THR C 114 -39.63 -9.41 18.32
C THR C 114 -38.67 -8.34 18.83
N VAL C 115 -38.99 -7.77 19.99
CA VAL C 115 -38.17 -6.72 20.57
C VAL C 115 -36.78 -7.23 20.90
N ALA C 116 -35.78 -6.41 20.55
CA ALA C 116 -34.37 -6.69 20.80
C ALA C 116 -33.73 -5.40 21.30
N ALA C 117 -33.22 -5.42 22.53
CA ALA C 117 -32.57 -4.23 23.07
C ALA C 117 -31.25 -3.98 22.36
N PRO C 118 -30.87 -2.72 22.16
CA PRO C 118 -29.61 -2.43 21.46
C PRO C 118 -28.39 -2.66 22.32
N SER C 119 -27.27 -2.93 21.64
CA SER C 119 -25.95 -2.94 22.25
C SER C 119 -25.35 -1.55 22.08
N VAL C 120 -25.15 -0.84 23.18
CA VAL C 120 -24.68 0.53 23.14
C VAL C 120 -23.17 0.53 23.29
N PHE C 121 -22.48 1.34 22.49
CA PHE C 121 -21.04 1.46 22.51
C PHE C 121 -20.67 2.93 22.45
N ILE C 122 -19.55 3.27 23.07
CA ILE C 122 -19.05 4.64 23.11
C ILE C 122 -17.62 4.64 22.58
N PHE C 123 -17.32 5.58 21.68
CA PHE C 123 -16.01 5.68 21.04
C PHE C 123 -15.41 7.05 21.29
N PRO C 124 -14.27 7.16 21.96
CA PRO C 124 -13.65 8.46 22.19
C PRO C 124 -12.97 8.97 20.94
N PRO C 125 -12.68 10.27 20.86
CA PRO C 125 -11.94 10.79 19.71
C PRO C 125 -10.51 10.26 19.70
N SER C 126 -9.99 10.08 18.49
CA SER C 126 -8.61 9.64 18.32
C SER C 126 -7.66 10.81 18.53
N ASP C 127 -6.43 10.48 18.91
CA ASP C 127 -5.42 11.51 19.09
C ASP C 127 -5.06 12.19 17.77
N GLU C 128 -5.20 11.48 16.64
CA GLU C 128 -4.92 12.07 15.34
C GLU C 128 -5.90 13.19 15.01
N GLN C 129 -7.19 12.96 15.28
CA GLN C 129 -8.19 13.98 15.02
C GLN C 129 -8.06 15.16 15.98
N LEU C 130 -7.65 14.90 17.23
CA LEU C 130 -7.45 15.99 18.19
C LEU C 130 -6.36 16.95 17.75
N LYS C 131 -5.43 16.52 16.92
CA LYS C 131 -4.42 17.41 16.39
C LYS C 131 -4.98 18.38 15.35
N SER C 132 -6.16 18.08 14.79
CA SER C 132 -6.77 18.87 13.73
C SER C 132 -7.71 19.97 14.23
N GLY C 133 -7.91 20.08 15.54
CA GLY C 133 -8.78 21.09 16.11
C GLY C 133 -10.22 20.65 16.33
N THR C 134 -10.57 19.41 15.99
CA THR C 134 -11.92 18.91 16.17
C THR C 134 -11.86 17.54 16.86
N ALA C 135 -12.93 17.22 17.59
CA ALA C 135 -13.07 15.94 18.26
C ALA C 135 -14.42 15.33 17.91
N SER C 136 -14.43 14.05 17.55
CA SER C 136 -15.67 13.34 17.27
C SER C 136 -15.78 12.17 18.22
N VAL C 137 -16.81 12.17 19.05
CA VAL C 137 -17.13 11.04 19.90
C VAL C 137 -18.38 10.38 19.32
N VAL C 138 -18.31 9.06 19.14
CA VAL C 138 -19.35 8.32 18.44
C VAL C 138 -20.00 7.33 19.41
N CYS C 139 -21.32 7.24 19.33
CA CYS C 139 -22.15 6.34 20.12
C CYS C 139 -22.82 5.36 19.17
N LEU C 140 -22.70 4.06 19.44
CA LEU C 140 -23.18 3.01 18.54
C LEU C 140 -24.27 2.18 19.20
N LEU C 141 -25.42 2.06 18.54
CA LEU C 141 -26.49 1.16 18.96
C LEU C 141 -26.59 0.04 17.93
N ASN C 142 -26.41 -1.20 18.35
CA ASN C 142 -26.22 -2.33 17.44
C ASN C 142 -27.42 -3.26 17.51
N ASN C 143 -28.09 -3.45 16.36
CA ASN C 143 -29.10 -4.51 16.15
C ASN C 143 -30.22 -4.49 17.20
N PHE C 144 -31.12 -3.51 17.05
CA PHE C 144 -32.29 -3.37 17.92
C PHE C 144 -33.57 -3.35 17.08
N TYR C 145 -34.72 -3.35 17.79
CA TYR C 145 -36.04 -3.22 17.19
C TYR C 145 -37.02 -2.88 18.31
N PRO C 146 -37.95 -1.94 18.08
CA PRO C 146 -38.19 -1.18 16.84
C PRO C 146 -37.18 -0.05 16.57
N ARG C 147 -37.36 0.69 15.48
CA ARG C 147 -36.40 1.74 15.12
C ARG C 147 -36.41 2.88 16.12
N GLU C 148 -37.52 3.09 16.83
CA GLU C 148 -37.68 4.20 17.77
C GLU C 148 -36.63 4.13 18.88
N ALA C 149 -35.88 5.21 19.04
CA ALA C 149 -34.86 5.27 20.08
C ALA C 149 -34.51 6.72 20.35
N LYS C 150 -34.12 7.02 21.59
CA LYS C 150 -33.69 8.36 21.99
C LYS C 150 -32.21 8.30 22.38
N VAL C 151 -31.38 9.08 21.69
CA VAL C 151 -29.95 9.16 21.99
C VAL C 151 -29.62 10.60 22.39
N GLN C 152 -29.16 10.78 23.62
CA GLN C 152 -28.84 12.09 24.16
C GLN C 152 -27.38 12.10 24.58
N TRP C 153 -26.72 13.23 24.35
CA TRP C 153 -25.33 13.43 24.76
C TRP C 153 -25.31 14.24 26.04
N LYS C 154 -24.53 13.79 27.02
CA LYS C 154 -24.36 14.48 28.29
C LYS C 154 -22.86 14.63 28.52
N VAL C 155 -22.41 15.86 28.74
CA VAL C 155 -21.01 16.13 29.06
C VAL C 155 -20.99 16.72 30.46
N ASP C 156 -20.47 15.95 31.43
CA ASP C 156 -20.50 16.30 32.85
C ASP C 156 -21.94 16.48 33.33
N ASN C 157 -22.79 15.54 32.95
CA ASN C 157 -24.22 15.53 33.28
C ASN C 157 -24.94 16.75 32.72
N ALA C 158 -24.40 17.36 31.67
CA ALA C 158 -24.99 18.51 31.02
C ALA C 158 -25.50 18.05 29.66
N LEU C 159 -26.82 18.02 29.50
CA LEU C 159 -27.41 17.56 28.25
C LEU C 159 -27.04 18.48 27.11
N GLN C 160 -26.47 17.89 26.06
CA GLN C 160 -26.05 18.63 24.88
C GLN C 160 -27.19 18.72 23.87
N SER C 161 -27.10 19.72 22.99
CA SER C 161 -28.15 19.99 22.01
C SER C 161 -27.56 20.78 20.84
N GLY C 162 -27.71 20.27 19.63
CA GLY C 162 -27.32 20.98 18.42
C GLY C 162 -26.00 20.55 17.83
N ASN C 163 -25.24 19.70 18.52
CA ASN C 163 -23.91 19.26 18.08
C ASN C 163 -23.83 17.76 17.86
N SER C 164 -24.95 17.10 17.60
CA SER C 164 -24.97 15.65 17.34
C SER C 164 -25.85 15.38 16.13
N GLN C 165 -25.53 14.28 15.42
CA GLN C 165 -26.31 13.83 14.27
C GLN C 165 -26.40 12.31 14.26
N GLU C 166 -27.55 11.78 13.82
CA GLU C 166 -27.84 10.36 13.84
C GLU C 166 -27.93 9.80 12.42
N SER C 167 -27.65 8.52 12.29
CA SER C 167 -27.67 7.82 11.01
C SER C 167 -28.14 6.39 11.28
N VAL C 168 -29.22 5.97 10.63
CA VAL C 168 -29.83 4.68 10.87
C VAL C 168 -29.79 3.85 9.58
N THR C 169 -29.49 2.57 9.71
CA THR C 169 -29.45 1.66 8.59
C THR C 169 -30.85 1.15 8.27
N GLU C 170 -31.00 0.58 7.07
CA GLU C 170 -32.26 -0.05 6.73
C GLU C 170 -32.42 -1.36 7.49
N GLN C 171 -33.66 -1.83 7.55
CA GLN C 171 -33.92 -3.08 8.27
C GLN C 171 -33.11 -4.20 7.66
N ASP C 172 -32.41 -4.94 8.51
CA ASP C 172 -31.59 -6.04 8.04
C ASP C 172 -32.46 -7.15 7.46
N SER C 173 -32.00 -7.73 6.33
CA SER C 173 -32.76 -8.77 5.65
C SER C 173 -32.76 -10.11 6.39
N LYS C 174 -31.93 -10.29 7.42
CA LYS C 174 -31.84 -11.56 8.13
C LYS C 174 -32.55 -11.52 9.48
N ASP C 175 -32.18 -10.57 10.36
CA ASP C 175 -32.75 -10.47 11.68
C ASP C 175 -33.70 -9.29 11.85
N SER C 176 -33.96 -8.51 10.81
CA SER C 176 -34.97 -7.44 10.84
C SER C 176 -34.67 -6.42 11.94
N THR C 177 -33.40 -6.06 12.07
CA THR C 177 -32.94 -5.11 13.07
C THR C 177 -32.41 -3.84 12.42
N TYR C 178 -32.32 -2.78 13.22
CA TYR C 178 -31.71 -1.53 12.81
C TYR C 178 -30.41 -1.33 13.57
N SER C 179 -29.52 -0.55 12.98
CA SER C 179 -28.33 -0.09 13.68
C SER C 179 -28.28 1.42 13.55
N LEU C 180 -27.80 2.10 14.60
CA LEU C 180 -27.80 3.56 14.65
C LEU C 180 -26.48 4.04 15.22
N SER C 181 -25.93 5.09 14.58
CA SER C 181 -24.73 5.75 15.10
C SER C 181 -25.04 7.23 15.28
N SER C 182 -24.63 7.76 16.41
CA SER C 182 -24.78 9.17 16.74
C SER C 182 -23.40 9.75 17.02
N THR C 183 -23.03 10.79 16.29
CA THR C 183 -21.70 11.42 16.41
C THR C 183 -21.84 12.79 17.04
N LEU C 184 -21.17 13.00 18.17
CA LEU C 184 -21.05 14.30 18.83
C LEU C 184 -19.71 14.92 18.45
N THR C 185 -19.74 16.09 17.81
CA THR C 185 -18.52 16.72 17.31
C THR C 185 -18.30 18.07 18.00
N LEU C 186 -17.16 18.20 18.69
CA LEU C 186 -16.74 19.41 19.37
C LEU C 186 -15.36 19.80 18.89
N SER C 187 -15.01 21.07 19.11
CA SER C 187 -13.66 21.51 18.84
C SER C 187 -12.70 21.00 19.91
N LYS C 188 -11.41 21.02 19.58
CA LYS C 188 -10.39 20.56 20.53
C LYS C 188 -10.38 21.41 21.79
N ALA C 189 -10.66 22.70 21.68
CA ALA C 189 -10.68 23.56 22.86
C ALA C 189 -11.84 23.21 23.77
N ASP C 190 -13.05 23.06 23.21
CA ASP C 190 -14.22 22.70 24.01
C ASP C 190 -14.13 21.27 24.54
N TYR C 191 -13.49 20.36 23.79
CA TYR C 191 -13.37 18.98 24.24
C TYR C 191 -12.49 18.89 25.48
N GLU C 192 -11.39 19.65 25.49
CA GLU C 192 -10.47 19.61 26.62
C GLU C 192 -10.97 20.35 27.85
N LYS C 193 -12.06 21.11 27.73
CA LYS C 193 -12.60 21.86 28.87
C LYS C 193 -13.42 20.97 29.81
N HIS C 194 -13.77 19.76 29.39
CA HIS C 194 -14.61 18.88 30.17
C HIS C 194 -13.91 17.53 30.33
N LYS C 195 -14.48 16.68 31.18
CA LYS C 195 -13.86 15.41 31.54
C LYS C 195 -14.71 14.21 31.17
N VAL C 196 -15.97 14.19 31.58
CA VAL C 196 -16.83 13.02 31.43
C VAL C 196 -17.69 13.20 30.19
N TYR C 197 -17.61 12.24 29.28
CA TYR C 197 -18.42 12.24 28.07
C TYR C 197 -19.24 10.96 28.03
N ALA C 198 -20.55 11.10 27.87
CA ALA C 198 -21.46 9.97 27.93
C ALA C 198 -22.61 10.17 26.96
N CYS C 199 -23.07 9.06 26.38
CA CYS C 199 -24.31 9.04 25.60
C CYS C 199 -25.30 8.12 26.30
N GLU C 200 -26.53 8.61 26.45
CA GLU C 200 -27.60 7.92 27.16
C GLU C 200 -28.61 7.41 26.14
N VAL C 201 -28.93 6.12 26.20
CA VAL C 201 -29.82 5.49 25.23
C VAL C 201 -31.12 5.12 25.93
N THR C 202 -32.25 5.50 25.33
CA THR C 202 -33.58 5.18 25.84
C THR C 202 -34.31 4.36 24.78
N HIS C 203 -34.75 3.17 25.16
CA HIS C 203 -35.39 2.25 24.22
C HIS C 203 -36.37 1.37 24.98
N GLN C 204 -37.46 0.96 24.30
CA GLN C 204 -38.49 0.20 24.99
C GLN C 204 -37.99 -1.18 25.43
N GLY C 205 -37.01 -1.73 24.72
CA GLY C 205 -36.38 -2.97 25.16
C GLY C 205 -35.47 -2.82 26.36
N LEU C 206 -35.24 -1.58 26.81
CA LEU C 206 -34.45 -1.29 28.00
C LEU C 206 -35.37 -0.83 29.11
N SER C 207 -35.30 -1.50 30.27
CA SER C 207 -36.17 -1.15 31.38
C SER C 207 -35.94 0.27 31.85
N SER C 208 -34.69 0.68 31.99
CA SER C 208 -34.28 2.04 32.30
C SER C 208 -33.21 2.47 31.31
N PRO C 209 -33.11 3.76 31.01
CA PRO C 209 -32.16 4.19 29.99
C PRO C 209 -30.73 3.83 30.37
N VAL C 210 -29.98 3.37 29.37
CA VAL C 210 -28.62 2.86 29.50
C VAL C 210 -27.65 3.95 29.07
N THR C 211 -26.56 4.07 29.83
CA THR C 211 -25.53 5.07 29.60
C THR C 211 -24.18 4.38 29.45
N LYS C 212 -23.46 4.72 28.39
CA LYS C 212 -22.06 4.35 28.22
C LYS C 212 -21.24 5.63 28.27
N SER C 213 -20.14 5.61 29.03
CA SER C 213 -19.38 6.84 29.27
C SER C 213 -17.89 6.56 29.17
N PHE C 214 -17.11 7.64 29.27
CA PHE C 214 -15.67 7.54 29.38
C PHE C 214 -15.11 8.88 29.87
N ASN C 215 -13.92 8.82 30.44
CA ASN C 215 -13.22 10.01 30.92
C ASN C 215 -12.04 10.27 30.01
N ARG C 216 -11.95 11.48 29.46
CA ARG C 216 -10.82 11.78 28.60
C ARG C 216 -9.55 11.80 29.45
N GLY C 217 -8.44 11.45 28.79
CA GLY C 217 -7.17 11.28 29.46
C GLY C 217 -6.81 9.82 29.69
N GLU C 218 -7.72 8.90 29.40
CA GLU C 218 -7.49 7.46 29.43
C GLU C 218 -7.32 6.94 28.00
N CYS C 219 -6.33 6.07 27.82
CA CYS C 219 -5.98 5.47 26.53
C CYS C 219 -7.18 4.90 25.81
N ASP D 1 26.31 39.26 28.04
CA ASP D 1 26.63 38.32 26.97
C ASP D 1 27.68 38.87 26.00
N ILE D 2 28.59 38.01 25.58
CA ILE D 2 29.62 38.37 24.63
C ILE D 2 29.00 38.45 23.24
N VAL D 3 29.29 39.53 22.53
CA VAL D 3 28.74 39.75 21.19
C VAL D 3 29.78 39.31 20.16
N MET D 4 29.41 38.36 19.31
CA MET D 4 30.28 37.90 18.23
C MET D 4 29.82 38.54 16.93
N THR D 5 30.70 39.31 16.30
CA THR D 5 30.41 40.03 15.08
C THR D 5 31.22 39.43 13.94
N GLN D 6 30.52 38.93 12.93
CA GLN D 6 31.16 38.34 11.77
C GLN D 6 31.18 39.32 10.62
N SER D 7 32.21 39.23 9.77
CA SER D 7 32.37 40.11 8.64
C SER D 7 33.13 39.37 7.55
N PRO D 8 32.61 39.30 6.32
CA PRO D 8 31.31 39.85 5.90
C PRO D 8 30.15 38.89 6.14
N LEU D 9 28.94 39.28 5.76
CA LEU D 9 27.80 38.38 5.88
C LEU D 9 27.67 37.46 4.67
N SER D 10 28.07 37.92 3.50
CA SER D 10 28.07 37.11 2.29
C SER D 10 29.44 37.21 1.64
N LEU D 11 29.93 36.08 1.12
CA LEU D 11 31.28 35.98 0.59
C LEU D 11 31.29 35.22 -0.72
N PRO D 12 31.24 35.91 -1.87
CA PRO D 12 31.41 35.25 -3.17
C PRO D 12 32.90 35.06 -3.46
N VAL D 13 33.31 33.82 -3.72
CA VAL D 13 34.71 33.46 -3.93
C VAL D 13 34.82 32.58 -5.15
N THR D 14 35.72 32.93 -6.07
CA THR D 14 35.99 32.07 -7.21
C THR D 14 36.76 30.83 -6.77
N PRO D 15 36.43 29.65 -7.29
CA PRO D 15 37.18 28.45 -6.93
C PRO D 15 38.66 28.57 -7.28
N GLY D 16 39.52 28.15 -6.35
CA GLY D 16 40.94 28.22 -6.52
C GLY D 16 41.61 29.40 -5.84
N GLU D 17 40.81 30.49 -5.53
CA GLU D 17 41.25 31.70 -4.86
C GLU D 17 41.02 31.60 -3.35
N PRO D 18 41.78 32.35 -2.56
CA PRO D 18 41.61 32.29 -1.11
C PRO D 18 40.35 33.00 -0.65
N ALA D 19 39.88 32.60 0.54
CA ALA D 19 38.76 33.23 1.21
C ALA D 19 39.16 33.56 2.63
N SER D 20 38.62 34.66 3.16
CA SER D 20 38.97 35.10 4.50
C SER D 20 37.72 35.62 5.21
N ILE D 21 37.48 35.09 6.42
CA ILE D 21 36.35 35.46 7.26
C ILE D 21 36.89 35.93 8.59
N SER D 22 36.41 37.08 9.08
CA SER D 22 36.82 37.62 10.35
C SER D 22 35.71 37.45 11.39
N CYS D 23 36.12 37.44 12.65
CA CYS D 23 35.20 37.29 13.77
C CYS D 23 35.71 38.16 14.92
N ARG D 24 34.90 39.13 15.33
CA ARG D 24 35.26 40.08 16.38
C ARG D 24 34.36 39.89 17.59
N SER D 25 34.95 39.88 18.78
CA SER D 25 34.21 39.73 20.01
C SER D 25 34.31 40.99 20.86
N SER D 26 33.24 41.28 21.59
CA SER D 26 33.17 42.46 22.44
C SER D 26 33.92 42.28 23.76
N GLN D 27 34.56 41.14 23.97
CA GLN D 27 35.28 40.85 25.19
C GLN D 27 36.42 39.89 24.87
N SER D 28 37.50 39.99 25.62
CA SER D 28 38.66 39.12 25.38
C SER D 28 38.29 37.65 25.60
N LEU D 29 38.65 36.81 24.64
CA LEU D 29 38.36 35.39 24.73
C LEU D 29 39.58 34.58 25.17
N LEU D 30 40.64 35.24 25.63
CA LEU D 30 41.84 34.54 26.07
C LEU D 30 41.73 34.27 27.57
N HIS D 31 41.78 32.98 27.92
CA HIS D 31 41.76 32.57 29.32
C HIS D 31 43.15 32.80 29.93
N SER D 32 43.30 32.46 31.22
CA SER D 32 44.61 32.62 31.84
C SER D 32 45.63 31.69 31.20
N ASN D 33 45.20 30.51 30.77
CA ASN D 33 46.03 29.62 29.97
C ASN D 33 46.09 30.13 28.53
N GLY D 34 47.01 29.59 27.76
CA GLY D 34 47.25 30.09 26.41
C GLY D 34 46.25 29.65 25.36
N TYR D 35 45.01 29.39 25.77
CA TYR D 35 43.96 28.93 24.86
C TYR D 35 42.95 30.05 24.62
N ASN D 36 42.64 30.28 23.34
CA ASN D 36 41.58 31.20 22.92
C ASN D 36 40.32 30.39 22.69
N TYR D 37 39.29 30.63 23.49
CA TYR D 37 38.06 29.83 23.44
C TYR D 37 37.13 30.37 22.35
N LEU D 38 37.55 30.15 21.10
CA LEU D 38 36.77 30.48 19.91
C LEU D 38 36.84 29.29 18.95
N ASP D 39 35.67 28.87 18.47
CA ASP D 39 35.55 27.77 17.52
C ASP D 39 34.89 28.27 16.25
N TRP D 40 35.18 27.59 15.14
CA TRP D 40 34.56 27.84 13.84
C TRP D 40 33.69 26.67 13.44
N TYR D 41 32.48 26.96 12.94
CA TYR D 41 31.56 25.92 12.50
C TYR D 41 31.11 26.19 11.07
N LEU D 42 30.92 25.12 10.29
CA LEU D 42 30.41 25.20 8.93
C LEU D 42 29.10 24.43 8.86
N GLN D 43 28.09 25.04 8.25
CA GLN D 43 26.79 24.40 8.06
C GLN D 43 26.51 24.29 6.56
N LYS D 44 26.71 23.10 6.01
CA LYS D 44 26.40 22.89 4.60
C LYS D 44 24.89 22.77 4.42
N PRO D 45 24.39 23.10 3.23
CA PRO D 45 22.93 23.11 3.04
C PRO D 45 22.33 21.74 3.32
N GLY D 46 21.28 21.73 4.15
CA GLY D 46 20.56 20.52 4.48
C GLY D 46 21.20 19.64 5.50
N GLN D 47 22.28 20.08 6.14
CA GLN D 47 23.03 19.29 7.11
C GLN D 47 23.17 20.04 8.42
N SER D 48 23.64 19.33 9.43
CA SER D 48 23.93 19.90 10.74
C SER D 48 25.28 20.61 10.72
N PRO D 49 25.51 21.52 11.66
CA PRO D 49 26.80 22.22 11.72
C PRO D 49 27.95 21.24 11.92
N GLN D 50 29.11 21.59 11.38
CA GLN D 50 30.30 20.77 11.47
C GLN D 50 31.46 21.62 11.98
N LEU D 51 32.19 21.10 12.96
CA LEU D 51 33.30 21.84 13.54
C LEU D 51 34.48 21.88 12.57
N LEU D 52 35.04 23.07 12.36
CA LEU D 52 36.19 23.26 11.50
C LEU D 52 37.46 23.54 12.28
N ILE D 53 37.48 24.64 13.05
CA ILE D 53 38.66 25.04 13.82
C ILE D 53 38.23 25.21 15.27
N TYR D 54 39.02 24.64 16.19
CA TYR D 54 38.74 24.76 17.61
C TYR D 54 39.91 25.40 18.34
N LEU D 55 39.59 26.15 19.39
CA LEU D 55 40.59 26.86 20.18
C LEU D 55 41.43 27.79 19.29
N GLY D 56 40.75 28.55 18.46
CA GLY D 56 41.45 29.57 17.64
C GLY D 56 42.22 29.13 16.40
N SER D 57 43.07 28.10 16.52
CA SER D 57 43.93 27.76 15.40
C SER D 57 44.13 26.26 15.21
N ASN D 58 43.37 25.41 15.90
CA ASN D 58 43.58 23.98 15.82
C ASN D 58 42.57 23.35 14.87
N ARG D 59 43.10 22.58 13.90
CA ARG D 59 42.27 21.93 12.90
C ARG D 59 41.64 20.66 13.47
N ALA D 60 40.33 20.53 13.31
CA ALA D 60 39.60 19.38 13.86
C ALA D 60 39.86 18.12 13.03
N SER D 61 39.47 16.99 13.60
CA SER D 61 39.69 15.69 12.96
C SER D 61 38.89 15.58 11.66
N GLY D 62 39.57 15.14 10.60
CA GLY D 62 38.94 14.98 9.31
C GLY D 62 38.91 16.24 8.46
N VAL D 63 39.25 17.39 9.03
CA VAL D 63 39.25 18.64 8.28
C VAL D 63 40.53 18.71 7.45
N PRO D 64 40.44 18.98 6.15
CA PRO D 64 41.65 19.12 5.34
C PRO D 64 42.46 20.34 5.76
N ASP D 65 43.76 20.27 5.50
CA ASP D 65 44.65 21.38 5.86
C ASP D 65 44.40 22.65 5.05
N ARG D 66 43.49 22.61 4.08
CA ARG D 66 43.13 23.83 3.38
C ARG D 66 42.49 24.83 4.33
N PHE D 67 41.86 24.35 5.39
CA PHE D 67 41.24 25.20 6.39
C PHE D 67 42.25 25.55 7.48
N SER D 68 42.24 26.81 7.91
CA SER D 68 43.15 27.27 8.95
C SER D 68 42.51 28.43 9.69
N GLY D 69 42.89 28.58 10.96
CA GLY D 69 42.40 29.67 11.76
C GLY D 69 43.54 30.43 12.42
N SER D 70 43.28 31.70 12.72
CA SER D 70 44.28 32.56 13.34
C SER D 70 43.58 33.64 14.16
N GLY D 71 44.38 34.40 14.89
CA GLY D 71 43.88 35.48 15.71
C GLY D 71 44.01 35.19 17.20
N SER D 72 43.79 36.22 17.99
CA SER D 72 43.84 36.12 19.45
C SER D 72 43.10 37.30 20.07
N GLY D 73 42.57 37.07 21.27
CA GLY D 73 41.89 38.11 22.03
C GLY D 73 40.49 38.41 21.57
N THR D 74 40.34 39.43 20.71
CA THR D 74 39.06 39.86 20.19
C THR D 74 39.00 39.90 18.68
N ASP D 75 40.05 39.47 17.99
CA ASP D 75 40.12 39.51 16.52
C ASP D 75 40.62 38.16 16.04
N PHE D 76 39.80 37.47 15.26
CA PHE D 76 40.13 36.16 14.70
C PHE D 76 39.85 36.16 13.21
N THR D 77 40.54 35.26 12.50
CA THR D 77 40.42 35.18 11.05
C THR D 77 40.45 33.73 10.60
N LEU D 78 39.42 33.32 9.86
CA LEU D 78 39.35 32.01 9.24
C LEU D 78 39.75 32.13 7.77
N LYS D 79 40.60 31.23 7.30
CA LYS D 79 41.10 31.27 5.93
C LYS D 79 40.98 29.91 5.26
N ILE D 80 40.54 29.91 4.00
CA ILE D 80 40.52 28.72 3.15
C ILE D 80 41.51 28.97 2.01
N SER D 81 42.56 28.15 1.94
CA SER D 81 43.62 28.38 0.97
C SER D 81 43.09 28.26 -0.46
N ARG D 82 42.34 27.21 -0.75
CA ARG D 82 41.75 27.02 -2.08
C ARG D 82 40.35 26.44 -1.89
N VAL D 83 39.33 27.28 -2.10
CA VAL D 83 37.95 26.83 -1.90
C VAL D 83 37.57 25.85 -2.99
N GLU D 84 36.64 24.95 -2.67
CA GLU D 84 36.12 23.96 -3.60
C GLU D 84 34.61 24.09 -3.70
N ALA D 85 34.03 23.33 -4.63
CA ALA D 85 32.58 23.38 -4.82
C ALA D 85 31.84 22.90 -3.58
N GLU D 86 32.41 21.95 -2.85
CA GLU D 86 31.74 21.37 -1.69
C GLU D 86 31.81 22.27 -0.45
N ASP D 87 32.48 23.42 -0.53
CA ASP D 87 32.59 24.32 0.62
C ASP D 87 31.39 25.24 0.76
N VAL D 88 30.30 25.03 0.01
CA VAL D 88 29.14 25.91 0.12
C VAL D 88 28.48 25.72 1.48
N GLY D 89 28.05 26.82 2.07
CA GLY D 89 27.38 26.78 3.34
C GLY D 89 27.56 28.10 4.09
N VAL D 90 27.16 28.07 5.36
CA VAL D 90 27.26 29.23 6.24
C VAL D 90 28.28 28.91 7.32
N TYR D 91 29.21 29.84 7.54
CA TYR D 91 30.27 29.68 8.52
C TYR D 91 29.96 30.53 9.75
N TYR D 92 29.98 29.90 10.93
CA TYR D 92 29.70 30.56 12.19
C TYR D 92 30.93 30.47 13.09
N CYS D 93 31.16 31.52 13.87
CA CYS D 93 32.15 31.50 14.94
C CYS D 93 31.43 31.53 16.28
N MET D 94 31.83 30.65 17.19
CA MET D 94 31.25 30.52 18.52
C MET D 94 32.34 30.67 19.56
N GLN D 95 32.01 31.31 20.68
CA GLN D 95 32.89 31.41 21.83
C GLN D 95 32.38 30.50 22.95
N ALA D 96 33.30 29.79 23.59
CA ALA D 96 32.98 28.87 24.69
C ALA D 96 33.70 29.24 25.97
N LEU D 97 34.16 30.48 26.09
CA LEU D 97 34.92 30.92 27.25
C LEU D 97 34.01 31.19 28.44
N GLN D 98 33.07 32.11 28.28
CA GLN D 98 32.19 32.56 29.34
C GLN D 98 30.74 32.31 28.95
N THR D 99 29.94 31.90 29.93
CA THR D 99 28.51 31.68 29.76
C THR D 99 27.77 33.03 29.77
N PRO D 100 26.77 33.21 28.88
CA PRO D 100 26.29 32.23 27.89
C PRO D 100 27.18 32.16 26.66
N TYR D 101 27.27 30.96 26.09
CA TYR D 101 27.96 30.79 24.82
C TYR D 101 27.17 31.50 23.71
N THR D 102 27.89 32.14 22.81
CA THR D 102 27.27 32.95 21.76
C THR D 102 27.92 32.66 20.41
N PHE D 103 27.09 32.59 19.37
CA PHE D 103 27.52 32.39 17.99
C PHE D 103 27.52 33.71 17.24
N GLY D 104 28.25 33.74 16.12
CA GLY D 104 28.20 34.86 15.21
C GLY D 104 26.94 34.84 14.36
N GLN D 105 26.80 35.87 13.52
CA GLN D 105 25.66 35.98 12.61
C GLN D 105 25.70 34.96 11.48
N GLY D 106 26.89 34.46 11.14
CA GLY D 106 27.01 33.53 10.04
C GLY D 106 27.43 34.18 8.74
N THR D 107 28.35 33.54 8.02
CA THR D 107 28.86 34.04 6.75
C THR D 107 28.50 33.04 5.66
N LYS D 108 27.63 33.45 4.74
CA LYS D 108 27.22 32.59 3.64
C LYS D 108 28.28 32.67 2.54
N LEU D 109 28.98 31.57 2.30
CA LEU D 109 30.00 31.51 1.26
C LEU D 109 29.36 31.06 -0.05
N GLU D 110 29.32 31.95 -1.02
CA GLU D 110 28.82 31.64 -2.36
C GLU D 110 29.99 31.36 -3.28
N ILE D 111 29.90 30.26 -4.04
CA ILE D 111 30.96 29.89 -4.97
C ILE D 111 30.68 30.52 -6.32
N LYS D 112 31.56 31.43 -6.74
CA LYS D 112 31.39 32.15 -8.00
C LYS D 112 31.84 31.26 -9.15
N ARG D 113 30.88 30.59 -9.78
CA ARG D 113 31.12 29.71 -10.91
C ARG D 113 30.89 30.49 -12.20
N THR D 114 31.03 29.80 -13.33
CA THR D 114 30.73 30.42 -14.61
C THR D 114 29.22 30.47 -14.85
N VAL D 115 28.80 31.51 -15.57
CA VAL D 115 27.38 31.72 -15.88
C VAL D 115 26.77 30.46 -16.48
N ALA D 116 25.57 30.12 -15.99
CA ALA D 116 24.81 28.97 -16.46
C ALA D 116 23.36 29.39 -16.63
N ALA D 117 22.83 29.26 -17.86
CA ALA D 117 21.43 29.60 -18.09
C ALA D 117 20.52 28.50 -17.54
N PRO D 118 19.31 28.84 -17.13
CA PRO D 118 18.40 27.82 -16.59
C PRO D 118 17.60 27.11 -17.67
N SER D 119 17.18 25.90 -17.32
CA SER D 119 16.21 25.14 -18.10
C SER D 119 14.82 25.49 -17.54
N VAL D 120 14.00 26.15 -18.34
CA VAL D 120 12.72 26.65 -17.85
C VAL D 120 11.62 25.64 -18.15
N PHE D 121 10.75 25.40 -17.18
CA PHE D 121 9.65 24.46 -17.36
C PHE D 121 8.38 25.07 -16.78
N ILE D 122 7.25 24.71 -17.41
CA ILE D 122 5.94 25.21 -17.03
C ILE D 122 5.04 24.02 -16.74
N PHE D 123 4.34 24.07 -15.61
CA PHE D 123 3.47 22.98 -15.18
C PHE D 123 2.05 23.49 -15.02
N PRO D 124 1.09 22.97 -15.78
CA PRO D 124 -0.31 23.36 -15.61
C PRO D 124 -0.91 22.71 -14.38
N PRO D 125 -2.06 23.20 -13.91
CA PRO D 125 -2.74 22.52 -12.80
C PRO D 125 -3.20 21.14 -13.22
N SER D 126 -3.17 20.21 -12.27
CA SER D 126 -3.64 18.86 -12.53
C SER D 126 -5.16 18.81 -12.46
N ASP D 127 -5.75 17.85 -13.19
CA ASP D 127 -7.20 17.69 -13.16
C ASP D 127 -7.67 17.30 -11.77
N GLU D 128 -6.82 16.62 -10.99
CA GLU D 128 -7.20 16.33 -9.61
C GLU D 128 -7.33 17.61 -8.80
N GLN D 129 -6.36 18.52 -8.92
CA GLN D 129 -6.43 19.76 -8.16
C GLN D 129 -7.55 20.65 -8.63
N LEU D 130 -7.85 20.65 -9.94
CA LEU D 130 -8.96 21.45 -10.45
C LEU D 130 -10.28 21.02 -9.85
N LYS D 131 -10.40 19.76 -9.43
CA LYS D 131 -11.60 19.32 -8.74
C LYS D 131 -11.69 19.87 -7.32
N SER D 132 -10.59 20.37 -6.77
CA SER D 132 -10.54 20.82 -5.39
C SER D 132 -10.85 22.31 -5.22
N GLY D 133 -11.12 23.02 -6.31
CA GLY D 133 -11.43 24.44 -6.26
C GLY D 133 -10.26 25.38 -6.41
N THR D 134 -9.04 24.87 -6.56
CA THR D 134 -7.87 25.72 -6.71
C THR D 134 -7.07 25.27 -7.92
N ALA D 135 -6.32 26.20 -8.50
CA ALA D 135 -5.44 25.89 -9.61
C ALA D 135 -4.06 26.44 -9.32
N SER D 136 -3.04 25.59 -9.48
CA SER D 136 -1.66 25.97 -9.26
C SER D 136 -0.89 25.77 -10.56
N VAL D 137 -0.31 26.86 -11.07
CA VAL D 137 0.58 26.80 -12.23
C VAL D 137 1.99 26.94 -11.71
N VAL D 138 2.87 26.02 -12.10
CA VAL D 138 4.23 25.98 -11.58
C VAL D 138 5.20 26.22 -12.73
N CYS D 139 6.18 27.09 -12.48
CA CYS D 139 7.23 27.45 -13.42
C CYS D 139 8.56 27.06 -12.78
N LEU D 140 9.37 26.31 -13.51
CA LEU D 140 10.60 25.74 -12.96
C LEU D 140 11.82 26.31 -13.67
N LEU D 141 12.76 26.86 -12.90
CA LEU D 141 14.06 27.28 -13.39
C LEU D 141 15.10 26.35 -12.79
N ASN D 142 15.79 25.61 -13.64
CA ASN D 142 16.59 24.48 -13.19
C ASN D 142 18.07 24.80 -13.39
N ASN D 143 18.83 24.81 -12.29
CA ASN D 143 20.30 24.90 -12.35
C ASN D 143 20.83 26.09 -13.14
N PHE D 144 20.72 27.30 -12.56
CA PHE D 144 21.23 28.53 -13.15
C PHE D 144 22.21 29.22 -12.21
N TYR D 145 22.81 30.31 -12.72
CA TYR D 145 23.71 31.19 -11.98
C TYR D 145 23.90 32.48 -12.77
N PRO D 146 23.87 33.66 -12.13
CA PRO D 146 23.71 33.86 -10.68
C PRO D 146 22.28 33.68 -10.17
N ARG D 147 22.07 33.85 -8.87
CA ARG D 147 20.73 33.61 -8.33
C ARG D 147 19.73 34.62 -8.88
N GLU D 148 20.19 35.80 -9.27
CA GLU D 148 19.29 36.85 -9.74
C GLU D 148 18.51 36.39 -10.97
N ALA D 149 17.18 36.46 -10.88
CA ALA D 149 16.33 36.07 -11.99
C ALA D 149 14.96 36.70 -11.79
N LYS D 150 14.29 37.02 -12.90
CA LYS D 150 12.95 37.60 -12.86
C LYS D 150 11.95 36.63 -13.49
N VAL D 151 10.96 36.21 -12.71
CA VAL D 151 9.89 35.34 -13.20
C VAL D 151 8.59 36.10 -13.12
N GLN D 152 7.96 36.30 -14.28
CA GLN D 152 6.73 37.04 -14.40
C GLN D 152 5.67 36.12 -15.01
N TRP D 153 4.45 36.21 -14.50
CA TRP D 153 3.33 35.44 -15.02
C TRP D 153 2.52 36.34 -15.94
N LYS D 154 2.18 35.82 -17.12
CA LYS D 154 1.35 36.53 -18.08
C LYS D 154 0.19 35.62 -18.45
N VAL D 155 -1.03 36.08 -18.22
CA VAL D 155 -2.24 35.32 -18.56
C VAL D 155 -3.01 36.10 -19.63
N ASP D 156 -2.99 35.60 -20.86
CA ASP D 156 -3.54 36.27 -22.03
C ASP D 156 -2.91 37.64 -22.24
N ASN D 157 -1.57 37.67 -22.20
CA ASN D 157 -0.76 38.88 -22.34
C ASN D 157 -0.98 39.88 -21.21
N ALA D 158 -1.45 39.42 -20.07
CA ALA D 158 -1.69 40.29 -18.92
C ALA D 158 -0.69 39.92 -17.84
N LEU D 159 0.25 40.82 -17.58
CA LEU D 159 1.25 40.62 -16.54
C LEU D 159 0.58 40.54 -15.19
N GLN D 160 0.82 39.45 -14.47
CA GLN D 160 0.16 39.22 -13.18
C GLN D 160 0.96 39.85 -12.04
N SER D 161 0.25 40.11 -10.94
CA SER D 161 0.88 40.73 -9.77
C SER D 161 0.08 40.37 -8.54
N GLY D 162 0.73 39.75 -7.56
CA GLY D 162 0.13 39.48 -6.27
C GLY D 162 -0.33 38.05 -6.04
N ASN D 163 -0.31 37.18 -7.05
CA ASN D 163 -0.79 35.80 -6.91
C ASN D 163 0.29 34.77 -7.21
N SER D 164 1.57 35.13 -7.02
CA SER D 164 2.70 34.23 -7.27
C SER D 164 3.67 34.29 -6.11
N GLN D 165 4.38 33.19 -5.88
CA GLN D 165 5.39 33.08 -4.83
C GLN D 165 6.57 32.26 -5.32
N GLU D 166 7.78 32.63 -4.89
CA GLU D 166 9.00 31.97 -5.34
C GLU D 166 9.70 31.24 -4.20
N SER D 167 10.44 30.20 -4.57
CA SER D 167 11.15 29.37 -3.60
C SER D 167 12.45 28.92 -4.26
N VAL D 168 13.58 29.25 -3.64
CA VAL D 168 14.89 28.98 -4.21
C VAL D 168 15.66 28.06 -3.28
N THR D 169 16.37 27.11 -3.87
CA THR D 169 17.20 26.20 -3.11
C THR D 169 18.55 26.83 -2.81
N GLU D 170 19.27 26.23 -1.88
CA GLU D 170 20.63 26.66 -1.60
C GLU D 170 21.55 26.22 -2.74
N GLN D 171 22.73 26.83 -2.81
CA GLN D 171 23.69 26.48 -3.85
C GLN D 171 24.03 25.00 -3.76
N ASP D 172 23.97 24.32 -4.90
CA ASP D 172 24.27 22.89 -4.91
C ASP D 172 25.75 22.65 -4.61
N SER D 173 26.02 21.63 -3.81
CA SER D 173 27.38 21.34 -3.37
C SER D 173 28.29 20.78 -4.46
N LYS D 174 27.74 20.38 -5.61
CA LYS D 174 28.54 19.79 -6.67
C LYS D 174 28.78 20.77 -7.83
N ASP D 175 27.71 21.30 -8.43
CA ASP D 175 27.82 22.19 -9.58
C ASP D 175 27.54 23.66 -9.26
N SER D 176 27.28 24.00 -8.00
CA SER D 176 27.14 25.40 -7.56
C SER D 176 26.04 26.12 -8.33
N THR D 177 24.92 25.44 -8.53
CA THR D 177 23.76 25.96 -9.23
C THR D 177 22.56 26.12 -8.28
N TYR D 178 21.60 26.94 -8.71
CA TYR D 178 20.35 27.17 -8.02
C TYR D 178 19.19 26.62 -8.82
N SER D 179 18.10 26.33 -8.11
CA SER D 179 16.83 25.98 -8.72
C SER D 179 15.78 26.91 -8.15
N LEU D 180 14.82 27.28 -8.99
CA LEU D 180 13.76 28.20 -8.58
C LEU D 180 12.44 27.69 -9.11
N SER D 181 11.41 27.73 -8.25
CA SER D 181 10.05 27.42 -8.64
C SER D 181 9.17 28.61 -8.28
N SER D 182 8.30 29.01 -9.21
CA SER D 182 7.34 30.08 -9.01
C SER D 182 5.94 29.50 -9.23
N THR D 183 5.09 29.60 -8.23
CA THR D 183 3.76 29.03 -8.29
C THR D 183 2.74 30.16 -8.39
N LEU D 184 1.94 30.14 -9.48
CA LEU D 184 0.81 31.05 -9.67
C LEU D 184 -0.42 30.32 -9.17
N THR D 185 -1.08 30.88 -8.16
CA THR D 185 -2.17 30.18 -7.47
C THR D 185 -3.48 30.92 -7.70
N LEU D 186 -4.42 30.28 -8.38
CA LEU D 186 -5.73 30.86 -8.69
C LEU D 186 -6.83 29.90 -8.24
N SER D 187 -8.03 30.44 -8.11
CA SER D 187 -9.19 29.57 -7.87
C SER D 187 -9.55 28.84 -9.16
N LYS D 188 -10.39 27.81 -9.03
CA LYS D 188 -10.86 27.09 -10.21
C LYS D 188 -11.66 28.00 -11.13
N ALA D 189 -12.43 28.92 -10.55
CA ALA D 189 -13.25 29.83 -11.36
C ALA D 189 -12.37 30.82 -12.13
N ASP D 190 -11.41 31.44 -11.45
CA ASP D 190 -10.53 32.39 -12.10
C ASP D 190 -9.63 31.72 -13.13
N TYR D 191 -9.26 30.47 -12.91
CA TYR D 191 -8.41 29.75 -13.84
C TYR D 191 -9.13 29.45 -15.15
N GLU D 192 -10.40 29.05 -15.06
CA GLU D 192 -11.15 28.68 -16.25
C GLU D 192 -11.60 29.88 -17.09
N LYS D 193 -11.41 31.10 -16.61
CA LYS D 193 -11.80 32.30 -17.35
C LYS D 193 -10.79 32.68 -18.44
N HIS D 194 -9.58 32.11 -18.42
CA HIS D 194 -8.54 32.49 -19.36
C HIS D 194 -8.01 31.26 -20.09
N LYS D 195 -7.18 31.50 -21.10
CA LYS D 195 -6.71 30.44 -21.97
C LYS D 195 -5.20 30.26 -21.99
N VAL D 196 -4.44 31.32 -22.21
CA VAL D 196 -3.00 31.22 -22.38
C VAL D 196 -2.33 31.54 -21.05
N TYR D 197 -1.53 30.61 -20.54
CA TYR D 197 -0.80 30.81 -19.30
C TYR D 197 0.69 30.67 -19.59
N ALA D 198 1.47 31.68 -19.19
CA ALA D 198 2.89 31.73 -19.51
C ALA D 198 3.67 32.37 -18.37
N CYS D 199 4.88 31.87 -18.14
CA CYS D 199 5.85 32.49 -17.25
C CYS D 199 7.07 32.92 -18.05
N GLU D 200 7.50 34.15 -17.84
CA GLU D 200 8.60 34.77 -18.57
C GLU D 200 9.81 34.87 -17.65
N VAL D 201 10.95 34.35 -18.11
CA VAL D 201 12.16 34.29 -17.30
C VAL D 201 13.19 35.25 -17.88
N THR D 202 13.79 36.07 -17.02
CA THR D 202 14.84 37.01 -17.38
C THR D 202 16.09 36.66 -16.58
N HIS D 203 17.20 36.39 -17.28
CA HIS D 203 18.42 35.97 -16.61
C HIS D 203 19.63 36.39 -17.42
N GLN D 204 20.76 36.61 -16.73
CA GLN D 204 21.95 37.14 -17.41
C GLN D 204 22.48 36.17 -18.47
N GLY D 205 22.30 34.87 -18.25
CA GLY D 205 22.70 33.90 -19.26
C GLY D 205 21.81 33.81 -20.47
N LEU D 206 20.67 34.51 -20.46
CA LEU D 206 19.74 34.53 -21.59
C LEU D 206 19.80 35.91 -22.22
N SER D 207 20.10 35.95 -23.52
CA SER D 207 20.19 37.22 -24.22
C SER D 207 18.85 37.96 -24.20
N SER D 208 17.77 37.23 -24.45
CA SER D 208 16.43 37.77 -24.41
C SER D 208 15.56 36.89 -23.52
N PRO D 209 14.54 37.44 -22.90
CA PRO D 209 13.74 36.66 -21.94
C PRO D 209 13.07 35.46 -22.61
N VAL D 210 13.06 34.35 -21.88
CA VAL D 210 12.55 33.08 -22.39
C VAL D 210 11.16 32.87 -21.81
N THR D 211 10.24 32.36 -22.64
CA THR D 211 8.85 32.18 -22.26
C THR D 211 8.43 30.74 -22.46
N LYS D 212 7.88 30.15 -21.41
CA LYS D 212 7.23 28.84 -21.48
C LYS D 212 5.75 29.03 -21.25
N SER D 213 4.93 28.45 -22.12
CA SER D 213 3.49 28.72 -22.09
C SER D 213 2.73 27.44 -22.30
N PHE D 214 1.41 27.56 -22.20
CA PHE D 214 0.49 26.49 -22.56
C PHE D 214 -0.92 27.04 -22.66
N ASN D 215 -1.78 26.29 -23.34
CA ASN D 215 -3.17 26.64 -23.52
C ASN D 215 -4.02 25.74 -22.65
N ARG D 216 -4.89 26.34 -21.84
CA ARG D 216 -5.75 25.57 -20.96
C ARG D 216 -6.72 24.78 -21.82
N GLY D 217 -6.22 23.74 -22.47
CA GLY D 217 -6.98 22.93 -23.41
C GLY D 217 -6.17 21.77 -23.98
N GLU E 1 -26.92 -9.17 18.88
CA GLU E 1 -26.41 -9.92 17.73
C GLU E 1 -25.52 -11.07 18.21
N VAL E 2 -25.84 -12.31 17.82
CA VAL E 2 -25.06 -13.48 18.20
C VAL E 2 -24.00 -13.77 17.15
N GLN E 3 -22.74 -13.89 17.58
CA GLN E 3 -21.63 -14.14 16.68
C GLN E 3 -20.67 -15.12 17.33
N LEU E 4 -20.30 -16.17 16.57
CA LEU E 4 -19.34 -17.17 16.99
C LEU E 4 -18.13 -17.09 16.06
N LEU E 5 -16.97 -16.73 16.62
CA LEU E 5 -15.77 -16.51 15.82
C LEU E 5 -14.72 -17.54 16.21
N GLU E 6 -14.43 -18.47 15.31
CA GLU E 6 -13.46 -19.52 15.58
C GLU E 6 -12.05 -19.07 15.26
N SER E 7 -11.09 -19.61 15.99
CA SER E 7 -9.69 -19.24 15.82
C SER E 7 -8.82 -20.42 16.26
N GLY E 8 -7.54 -20.34 15.87
CA GLY E 8 -6.59 -21.38 16.16
C GLY E 8 -6.24 -22.27 14.98
N GLY E 9 -6.95 -22.15 13.87
CA GLY E 9 -6.66 -22.98 12.72
C GLY E 9 -5.30 -22.69 12.12
N GLY E 10 -4.83 -23.64 11.33
CA GLY E 10 -3.55 -23.53 10.67
C GLY E 10 -2.99 -24.91 10.36
N LEU E 11 -1.70 -24.93 10.05
CA LEU E 11 -0.99 -26.14 9.64
C LEU E 11 -0.27 -26.76 10.83
N VAL E 12 -0.27 -28.09 10.87
CA VAL E 12 0.28 -28.81 12.00
C VAL E 12 0.79 -30.18 11.53
N GLN E 13 1.88 -30.63 12.16
CA GLN E 13 2.49 -31.88 11.77
C GLN E 13 1.66 -33.06 12.27
N PRO E 14 1.75 -34.21 11.59
CA PRO E 14 1.10 -35.42 12.11
C PRO E 14 1.61 -35.75 13.50
N GLY E 15 0.69 -36.01 14.42
CA GLY E 15 1.06 -36.18 15.80
C GLY E 15 1.25 -34.90 16.59
N GLY E 16 1.21 -33.75 15.93
CA GLY E 16 1.30 -32.47 16.63
C GLY E 16 0.00 -32.14 17.32
N SER E 17 -0.09 -30.90 17.79
CA SER E 17 -1.25 -30.44 18.54
C SER E 17 -1.68 -29.05 18.10
N LEU E 18 -2.99 -28.80 18.17
CA LEU E 18 -3.56 -27.48 18.00
C LEU E 18 -4.59 -27.23 19.10
N ARG E 19 -4.84 -25.95 19.38
CA ARG E 19 -5.83 -25.55 20.38
C ARG E 19 -6.77 -24.54 19.73
N LEU E 20 -7.99 -24.98 19.45
CA LEU E 20 -9.01 -24.13 18.83
C LEU E 20 -9.75 -23.33 19.89
N SER E 21 -9.97 -22.05 19.59
CA SER E 21 -10.61 -21.12 20.52
C SER E 21 -11.83 -20.54 19.84
N CYS E 22 -13.02 -20.92 20.31
CA CYS E 22 -14.28 -20.41 19.78
C CYS E 22 -14.85 -19.37 20.76
N ALA E 23 -15.02 -18.14 20.29
CA ALA E 23 -15.53 -17.05 21.12
C ALA E 23 -16.94 -16.66 20.70
N ALA E 24 -17.72 -16.15 21.64
CA ALA E 24 -19.11 -15.80 21.38
C ALA E 24 -19.43 -14.48 22.04
N SER E 25 -20.55 -13.89 21.62
CA SER E 25 -20.98 -12.59 22.14
C SER E 25 -22.48 -12.44 21.94
N GLY E 26 -23.07 -11.49 22.67
CA GLY E 26 -24.48 -11.22 22.60
C GLY E 26 -25.31 -12.46 22.82
N PHE E 27 -24.98 -13.22 23.86
CA PHE E 27 -25.45 -14.59 23.97
C PHE E 27 -25.16 -15.12 25.36
N THR E 28 -26.17 -15.63 26.05
CA THR E 28 -25.98 -16.29 27.34
C THR E 28 -25.24 -17.62 27.09
N PHE E 29 -23.94 -17.49 26.84
CA PHE E 29 -23.13 -18.65 26.44
C PHE E 29 -23.17 -19.75 27.50
N SER E 30 -23.16 -19.37 28.78
CA SER E 30 -23.08 -20.33 29.87
C SER E 30 -24.30 -21.22 30.00
N SER E 31 -25.40 -20.90 29.34
CA SER E 31 -26.65 -21.62 29.56
C SER E 31 -26.90 -22.74 28.55
N TYR E 32 -26.05 -22.88 27.53
CA TYR E 32 -26.32 -23.83 26.47
C TYR E 32 -25.14 -24.76 26.24
N ALA E 33 -25.45 -25.91 25.66
CA ALA E 33 -24.44 -26.89 25.29
C ALA E 33 -23.83 -26.52 23.94
N MET E 34 -22.51 -26.51 23.89
CA MET E 34 -21.80 -26.20 22.66
C MET E 34 -21.27 -27.48 22.02
N SER E 35 -21.07 -27.44 20.70
CA SER E 35 -20.65 -28.59 19.94
C SER E 35 -19.58 -28.18 18.94
N TRP E 36 -18.83 -29.17 18.47
CA TRP E 36 -17.85 -28.99 17.41
C TRP E 36 -18.23 -29.89 16.25
N VAL E 37 -18.32 -29.33 15.05
CA VAL E 37 -18.65 -30.10 13.85
C VAL E 37 -17.60 -29.82 12.80
N ARG E 38 -17.01 -30.87 12.24
CA ARG E 38 -15.95 -30.71 11.24
C ARG E 38 -16.40 -31.25 9.89
N GLN E 39 -15.71 -30.80 8.85
CA GLN E 39 -16.02 -31.21 7.49
C GLN E 39 -14.72 -31.24 6.69
N ALA E 40 -14.30 -32.42 6.26
CA ALA E 40 -13.15 -32.52 5.38
C ALA E 40 -13.47 -31.88 4.03
N PRO E 41 -12.48 -31.30 3.36
CA PRO E 41 -12.74 -30.62 2.09
C PRO E 41 -13.43 -31.53 1.08
N GLY E 42 -14.65 -31.16 0.70
CA GLY E 42 -15.46 -31.93 -0.21
C GLY E 42 -16.25 -33.05 0.42
N LYS E 43 -15.97 -33.39 1.67
CA LYS E 43 -16.69 -34.47 2.34
C LYS E 43 -17.87 -33.88 3.13
N GLY E 44 -18.55 -34.72 3.91
CA GLY E 44 -19.70 -34.28 4.67
C GLY E 44 -19.37 -33.89 6.09
N LEU E 45 -20.41 -33.48 6.81
CA LEU E 45 -20.26 -33.01 8.17
C LEU E 45 -20.08 -34.18 9.12
N GLU E 46 -19.25 -33.99 10.13
CA GLU E 46 -18.95 -35.03 11.11
C GLU E 46 -18.98 -34.40 12.49
N TRP E 47 -19.85 -34.91 13.35
CA TRP E 47 -19.90 -34.43 14.72
C TRP E 47 -18.67 -34.92 15.48
N VAL E 48 -18.08 -34.03 16.27
CA VAL E 48 -16.84 -34.29 16.99
C VAL E 48 -17.15 -34.50 18.47
N SER E 49 -17.43 -33.40 19.18
CA SER E 49 -17.71 -33.46 20.61
C SER E 49 -18.78 -32.44 20.95
N VAL E 50 -19.27 -32.53 22.18
CA VAL E 50 -20.23 -31.60 22.74
C VAL E 50 -19.87 -31.43 24.21
N ILE E 51 -20.02 -30.22 24.72
CA ILE E 51 -19.85 -29.95 26.14
C ILE E 51 -21.14 -29.32 26.63
N TYR E 52 -21.56 -29.70 27.83
CA TYR E 52 -22.79 -29.17 28.41
C TYR E 52 -22.47 -27.98 29.30
N SER E 53 -23.50 -27.16 29.56
CA SER E 53 -23.33 -25.91 30.28
C SER E 53 -22.56 -26.12 31.58
N GLY E 54 -22.83 -27.21 32.29
CA GLY E 54 -22.08 -27.48 33.50
C GLY E 54 -20.67 -27.98 33.29
N GLY E 55 -20.30 -28.29 32.04
CA GLY E 55 -18.93 -28.69 31.72
C GLY E 55 -18.56 -30.10 32.15
N SER E 56 -19.24 -30.63 33.17
CA SER E 56 -18.94 -31.96 33.64
C SER E 56 -19.46 -33.04 32.68
N SER E 57 -20.36 -32.70 31.77
CA SER E 57 -20.89 -33.66 30.81
C SER E 57 -20.31 -33.42 29.41
N THR E 58 -19.22 -34.10 29.08
CA THR E 58 -18.59 -34.00 27.77
C THR E 58 -18.64 -35.36 27.09
N TYR E 59 -18.84 -35.36 25.77
CA TYR E 59 -18.90 -36.58 24.97
C TYR E 59 -18.08 -36.39 23.70
N TYR E 60 -17.55 -37.49 23.18
CA TYR E 60 -16.68 -37.44 22.02
C TYR E 60 -17.11 -38.47 20.97
N ALA E 61 -16.75 -38.18 19.72
CA ALA E 61 -16.93 -39.13 18.64
C ALA E 61 -15.87 -40.22 18.73
N ASP E 62 -16.15 -41.36 18.10
CA ASP E 62 -15.23 -42.49 18.18
C ASP E 62 -13.88 -42.18 17.55
N SER E 63 -13.88 -41.43 16.45
CA SER E 63 -12.65 -41.14 15.72
C SER E 63 -11.71 -40.22 16.48
N VAL E 64 -12.22 -39.43 17.41
CA VAL E 64 -11.40 -38.48 18.15
C VAL E 64 -11.36 -38.76 19.64
N LYS E 65 -12.07 -39.79 20.11
CA LYS E 65 -12.11 -40.06 21.54
C LYS E 65 -10.74 -40.48 22.03
N GLY E 66 -10.33 -39.93 23.17
CA GLY E 66 -9.02 -40.18 23.71
C GLY E 66 -7.93 -39.29 23.15
N ARG E 67 -8.18 -38.62 22.02
CA ARG E 67 -7.20 -37.74 21.41
C ARG E 67 -7.56 -36.26 21.49
N PHE E 68 -8.84 -35.91 21.44
CA PHE E 68 -9.28 -34.53 21.54
C PHE E 68 -9.94 -34.28 22.89
N THR E 69 -9.87 -33.03 23.36
CA THR E 69 -10.45 -32.65 24.64
C THR E 69 -11.19 -31.33 24.48
N ILE E 70 -12.53 -31.35 24.68
CA ILE E 70 -13.38 -30.17 24.60
C ILE E 70 -13.52 -29.56 25.99
N SER E 71 -13.51 -28.23 26.04
CA SER E 71 -13.65 -27.51 27.30
C SER E 71 -14.24 -26.14 27.02
N ARG E 72 -14.68 -25.48 28.09
CA ARG E 72 -15.30 -24.16 27.98
C ARG E 72 -14.97 -23.34 29.21
N ASP E 73 -14.92 -22.03 29.01
CA ASP E 73 -14.68 -21.04 30.06
C ASP E 73 -15.92 -20.13 30.07
N ASN E 74 -16.91 -20.47 30.90
CA ASN E 74 -18.13 -19.67 30.92
C ASN E 74 -17.89 -18.25 31.41
N SER E 75 -16.82 -18.02 32.17
CA SER E 75 -16.49 -16.67 32.62
C SER E 75 -15.95 -15.80 31.49
N LYS E 76 -15.43 -16.41 30.41
CA LYS E 76 -14.91 -15.66 29.28
C LYS E 76 -15.66 -15.94 27.98
N ASN E 77 -16.75 -16.72 28.03
CA ASN E 77 -17.59 -17.00 26.86
C ASN E 77 -16.80 -17.61 25.71
N THR E 78 -15.91 -18.57 26.04
CA THR E 78 -15.01 -19.15 25.05
C THR E 78 -15.12 -20.67 25.07
N LEU E 79 -15.12 -21.26 23.88
CA LEU E 79 -15.10 -22.71 23.70
C LEU E 79 -13.73 -23.13 23.17
N TYR E 80 -13.16 -24.16 23.78
CA TYR E 80 -11.83 -24.64 23.45
C TYR E 80 -11.90 -26.06 22.90
N LEU E 81 -10.92 -26.42 22.08
CA LEU E 81 -10.78 -27.79 21.58
C LEU E 81 -9.30 -28.11 21.49
N GLN E 82 -8.80 -28.92 22.42
CA GLN E 82 -7.41 -29.36 22.40
C GLN E 82 -7.33 -30.59 21.50
N MET E 83 -6.51 -30.51 20.46
CA MET E 83 -6.37 -31.57 19.47
C MET E 83 -4.95 -32.12 19.59
N ASN E 84 -4.83 -33.33 20.16
CA ASN E 84 -3.56 -34.02 20.36
C ASN E 84 -3.47 -35.21 19.41
N SER E 85 -2.23 -35.59 19.08
CA SER E 85 -1.95 -36.73 18.20
C SER E 85 -2.66 -36.61 16.85
N LEU E 86 -2.51 -35.45 16.20
CA LEU E 86 -3.24 -35.19 14.97
C LEU E 86 -2.78 -36.11 13.84
N ARG E 87 -3.74 -36.58 13.07
CA ARG E 87 -3.53 -37.47 11.93
C ARG E 87 -4.06 -36.78 10.68
N ALA E 88 -3.73 -37.35 9.52
CA ALA E 88 -4.11 -36.72 8.26
C ALA E 88 -5.63 -36.60 8.11
N GLU E 89 -6.39 -37.57 8.61
CA GLU E 89 -7.84 -37.52 8.44
C GLU E 89 -8.50 -36.45 9.30
N ASP E 90 -7.77 -35.87 10.25
CA ASP E 90 -8.36 -34.77 11.00
C ASP E 90 -8.35 -33.46 10.23
N THR E 91 -7.77 -33.42 9.02
CA THR E 91 -7.77 -32.21 8.21
C THR E 91 -9.20 -31.86 7.81
N ALA E 92 -9.70 -30.73 8.29
CA ALA E 92 -11.08 -30.33 8.07
C ALA E 92 -11.28 -28.91 8.56
N VAL E 93 -12.40 -28.33 8.18
CA VAL E 93 -12.88 -27.08 8.76
C VAL E 93 -13.70 -27.41 9.99
N TYR E 94 -13.35 -26.80 11.12
CA TYR E 94 -14.03 -27.06 12.39
C TYR E 94 -14.95 -25.90 12.71
N TYR E 95 -16.23 -26.19 12.89
CA TYR E 95 -17.23 -25.20 13.26
C TYR E 95 -17.65 -25.43 14.71
N CYS E 96 -17.71 -24.36 15.48
CA CYS E 96 -18.37 -24.44 16.77
C CYS E 96 -19.80 -23.99 16.61
N THR E 97 -20.71 -24.74 17.22
CA THR E 97 -22.14 -24.54 17.03
C THR E 97 -22.90 -24.93 18.28
N THR E 98 -24.02 -24.23 18.51
CA THR E 98 -24.90 -24.57 19.60
C THR E 98 -25.85 -25.71 19.26
N LEU E 99 -25.92 -26.08 18.00
CA LEU E 99 -26.89 -27.07 17.51
C LEU E 99 -28.28 -26.55 17.90
N LEU E 100 -29.17 -27.40 18.39
CA LEU E 100 -30.53 -26.98 18.69
C LEU E 100 -30.59 -26.27 20.03
N ILE E 101 -31.17 -25.07 20.03
CA ILE E 101 -31.52 -24.35 21.25
C ILE E 101 -33.04 -24.22 21.26
N LEU E 102 -33.70 -24.98 22.12
CA LEU E 102 -35.16 -24.98 22.15
C LEU E 102 -35.62 -24.24 23.41
N GLU E 103 -35.72 -22.90 23.29
CA GLU E 103 -36.24 -22.05 24.34
C GLU E 103 -37.44 -21.27 23.85
N SER E 104 -38.42 -21.09 24.72
CA SER E 104 -39.66 -20.37 24.41
C SER E 104 -40.39 -20.96 23.20
N ASP E 105 -40.31 -22.28 23.04
CA ASP E 105 -41.03 -23.02 22.00
C ASP E 105 -40.61 -22.61 20.59
N VAL E 106 -39.42 -22.03 20.43
CA VAL E 106 -38.88 -21.68 19.12
C VAL E 106 -37.49 -22.28 19.02
N GLY E 107 -37.14 -22.78 17.82
CA GLY E 107 -35.86 -23.41 17.61
C GLY E 107 -34.90 -22.51 16.84
N VAL E 108 -33.76 -22.25 17.45
CA VAL E 108 -32.74 -21.43 16.83
C VAL E 108 -31.43 -22.22 16.78
N ASP E 109 -30.48 -21.68 16.02
CA ASP E 109 -29.21 -22.35 15.79
C ASP E 109 -28.19 -21.29 15.40
N TYR E 110 -27.01 -21.33 16.03
CA TYR E 110 -25.93 -20.39 15.75
C TYR E 110 -24.65 -21.16 15.49
N TRP E 111 -24.08 -20.98 14.31
CA TRP E 111 -22.81 -21.57 13.92
C TRP E 111 -21.75 -20.49 13.79
N GLY E 112 -20.49 -20.90 13.91
CA GLY E 112 -19.39 -20.04 13.57
C GLY E 112 -19.08 -20.06 12.09
N GLN E 113 -18.16 -19.19 11.67
CA GLN E 113 -17.77 -19.19 10.26
C GLN E 113 -16.82 -20.34 9.93
N GLY E 114 -16.18 -20.94 10.93
CA GLY E 114 -15.28 -22.05 10.68
C GLY E 114 -13.83 -21.62 10.56
N THR E 115 -12.95 -22.51 11.01
CA THR E 115 -11.50 -22.32 10.92
C THR E 115 -10.88 -23.60 10.38
N LEU E 116 -10.01 -23.47 9.37
CA LEU E 116 -9.48 -24.63 8.68
C LEU E 116 -8.25 -25.17 9.39
N VAL E 117 -8.28 -26.46 9.72
CA VAL E 117 -7.16 -27.16 10.33
C VAL E 117 -6.60 -28.11 9.29
N THR E 118 -5.29 -28.00 9.02
CA THR E 118 -4.61 -28.79 8.00
C THR E 118 -3.52 -29.62 8.66
N VAL E 119 -3.57 -30.93 8.47
CA VAL E 119 -2.61 -31.84 9.08
C VAL E 119 -1.69 -32.36 7.98
N SER E 120 -0.45 -31.87 7.96
CA SER E 120 0.53 -32.26 6.96
C SER E 120 1.93 -31.86 7.43
N SER E 121 2.93 -32.55 6.89
CA SER E 121 4.32 -32.25 7.19
C SER E 121 4.91 -31.20 6.25
N ALA E 122 4.15 -30.78 5.23
CA ALA E 122 4.64 -29.82 4.26
C ALA E 122 4.83 -28.46 4.92
N SER E 123 5.68 -27.65 4.31
CA SER E 123 6.01 -26.31 4.80
C SER E 123 5.09 -25.27 4.18
N THR E 124 4.92 -24.17 4.90
CA THR E 124 4.13 -23.06 4.40
C THR E 124 4.83 -22.36 3.25
N LYS E 125 4.09 -22.04 2.20
CA LYS E 125 4.63 -21.29 1.08
C LYS E 125 3.60 -20.26 0.65
N GLY E 126 4.08 -19.08 0.28
CA GLY E 126 3.22 -18.01 -0.17
C GLY E 126 2.91 -18.13 -1.65
N PRO E 127 1.78 -17.55 -2.09
CA PRO E 127 1.39 -17.68 -3.49
C PRO E 127 1.98 -16.59 -4.37
N SER E 128 2.21 -16.96 -5.63
CA SER E 128 2.52 -15.99 -6.68
C SER E 128 1.23 -15.65 -7.40
N VAL E 129 1.04 -14.36 -7.67
CA VAL E 129 -0.17 -13.86 -8.30
C VAL E 129 0.21 -13.31 -9.66
N PHE E 130 -0.41 -13.82 -10.72
CA PHE E 130 -0.20 -13.37 -12.07
C PHE E 130 -1.53 -12.91 -12.67
N PRO E 131 -1.54 -11.81 -13.41
CA PRO E 131 -2.80 -11.31 -13.97
C PRO E 131 -3.23 -12.10 -15.20
N LEU E 132 -4.54 -12.28 -15.33
CA LEU E 132 -5.15 -12.88 -16.51
C LEU E 132 -5.92 -11.78 -17.25
N ALA E 133 -5.26 -11.17 -18.22
CA ALA E 133 -5.78 -9.97 -18.85
C ALA E 133 -6.61 -10.31 -20.09
N PRO E 134 -7.62 -9.49 -20.40
CA PRO E 134 -8.43 -9.68 -21.61
C PRO E 134 -7.70 -9.20 -22.87
N THR E 143 -19.11 -9.46 -24.35
CA THR E 143 -18.60 -9.74 -23.01
C THR E 143 -17.10 -10.01 -22.99
N ALA E 144 -16.45 -9.56 -21.92
CA ALA E 144 -15.02 -9.75 -21.73
C ALA E 144 -14.75 -10.22 -20.31
N ALA E 145 -13.69 -10.99 -20.14
CA ALA E 145 -13.37 -11.58 -18.84
C ALA E 145 -11.91 -11.30 -18.49
N LEU E 146 -11.64 -11.25 -17.18
CA LEU E 146 -10.30 -11.06 -16.66
C LEU E 146 -10.23 -11.67 -15.28
N GLY E 147 -9.01 -11.90 -14.80
CA GLY E 147 -8.83 -12.50 -13.48
C GLY E 147 -7.40 -12.49 -13.00
N CYS E 148 -7.18 -13.25 -11.93
CA CYS E 148 -5.88 -13.42 -11.27
C CYS E 148 -5.62 -14.88 -11.02
N LEU E 149 -4.38 -15.29 -11.26
CA LEU E 149 -3.94 -16.66 -11.04
C LEU E 149 -3.09 -16.69 -9.77
N VAL E 150 -3.55 -17.39 -8.74
CA VAL E 150 -2.80 -17.57 -7.50
C VAL E 150 -2.23 -18.98 -7.54
N LYS E 151 -0.92 -19.08 -7.73
CA LYS E 151 -0.27 -20.36 -8.03
C LYS E 151 0.76 -20.69 -6.95
N ASP E 152 0.87 -21.99 -6.64
CA ASP E 152 1.97 -22.55 -5.85
C ASP E 152 1.99 -21.97 -4.43
N TYR E 153 0.96 -22.33 -3.67
CA TYR E 153 0.87 -21.98 -2.26
C TYR E 153 0.44 -23.21 -1.47
N PHE E 154 0.71 -23.15 -0.17
CA PHE E 154 0.33 -24.20 0.76
C PHE E 154 0.45 -23.59 2.15
N PRO E 155 -0.50 -23.82 3.05
CA PRO E 155 -1.70 -24.61 2.80
C PRO E 155 -2.91 -23.77 2.42
N GLU E 156 -4.07 -24.41 2.33
CA GLU E 156 -5.30 -23.67 2.23
C GLU E 156 -5.55 -22.88 3.50
N PRO E 157 -6.33 -21.78 3.43
CA PRO E 157 -6.96 -21.21 2.24
C PRO E 157 -6.31 -19.90 1.81
N VAL E 158 -6.71 -19.41 0.65
CA VAL E 158 -6.45 -18.03 0.25
C VAL E 158 -7.80 -17.35 0.06
N THR E 159 -7.82 -16.04 0.31
CA THR E 159 -8.99 -15.22 0.05
C THR E 159 -8.67 -14.26 -1.08
N VAL E 160 -9.55 -14.18 -2.06
CA VAL E 160 -9.37 -13.32 -3.21
C VAL E 160 -10.60 -12.42 -3.32
N SER E 161 -10.37 -11.12 -3.25
CA SER E 161 -11.40 -10.12 -3.49
C SER E 161 -10.96 -9.23 -4.64
N TRP E 162 -11.88 -8.40 -5.13
CA TRP E 162 -11.63 -7.52 -6.26
C TRP E 162 -11.93 -6.09 -5.85
N ASN E 163 -10.94 -5.22 -6.02
CA ASN E 163 -11.04 -3.79 -5.67
C ASN E 163 -11.46 -3.60 -4.22
N SER E 164 -10.74 -4.29 -3.33
CA SER E 164 -11.00 -4.26 -1.89
C SER E 164 -12.44 -4.65 -1.57
N GLY E 165 -12.99 -5.59 -2.33
CA GLY E 165 -14.33 -6.09 -2.08
C GLY E 165 -15.46 -5.29 -2.67
N ALA E 166 -15.16 -4.24 -3.43
CA ALA E 166 -16.21 -3.43 -4.04
C ALA E 166 -16.86 -4.13 -5.22
N LEU E 167 -16.06 -4.82 -6.05
CA LEU E 167 -16.56 -5.54 -7.21
C LEU E 167 -16.99 -6.94 -6.81
N THR E 168 -18.28 -7.23 -6.91
CA THR E 168 -18.81 -8.53 -6.53
C THR E 168 -19.66 -9.21 -7.59
N SER E 169 -20.23 -8.48 -8.55
CA SER E 169 -21.10 -9.06 -9.55
C SER E 169 -20.28 -9.76 -10.62
N GLY E 170 -20.66 -10.99 -10.94
CA GLY E 170 -19.98 -11.71 -12.00
C GLY E 170 -18.63 -12.27 -11.64
N VAL E 171 -18.24 -12.24 -10.37
CA VAL E 171 -16.98 -12.83 -9.95
C VAL E 171 -17.19 -14.31 -9.70
N HIS E 172 -16.26 -15.12 -10.20
CA HIS E 172 -16.25 -16.57 -9.97
C HIS E 172 -14.86 -16.94 -9.43
N THR E 173 -14.78 -17.31 -8.15
CA THR E 173 -13.54 -17.82 -7.57
C THR E 173 -13.63 -19.33 -7.50
N PHE E 174 -12.69 -20.01 -8.11
CA PHE E 174 -12.82 -21.46 -8.20
C PHE E 174 -12.19 -22.15 -7.00
N PRO E 175 -12.67 -23.35 -6.65
CA PRO E 175 -11.98 -24.15 -5.63
C PRO E 175 -10.52 -24.40 -6.02
N ALA E 176 -9.63 -24.34 -5.02
CA ALA E 176 -8.23 -24.63 -5.25
C ALA E 176 -8.03 -26.08 -5.67
N VAL E 177 -7.02 -26.31 -6.51
CA VAL E 177 -6.71 -27.65 -7.01
C VAL E 177 -5.29 -28.02 -6.58
N LEU E 178 -5.14 -29.23 -6.04
CA LEU E 178 -3.83 -29.70 -5.58
C LEU E 178 -3.02 -30.18 -6.77
N GLN E 179 -1.96 -29.45 -7.09
CA GLN E 179 -1.10 -29.86 -8.19
C GLN E 179 -0.23 -31.04 -7.76
N SER E 180 0.48 -31.60 -8.74
CA SER E 180 1.38 -32.72 -8.46
C SER E 180 2.54 -32.30 -7.57
N SER E 181 2.85 -31.02 -7.53
CA SER E 181 3.91 -30.50 -6.69
C SER E 181 3.53 -30.44 -5.22
N GLY E 182 2.30 -30.82 -4.86
CA GLY E 182 1.85 -30.69 -3.49
C GLY E 182 1.39 -29.30 -3.12
N LEU E 183 1.36 -28.38 -4.07
CA LEU E 183 0.94 -27.01 -3.83
C LEU E 183 -0.42 -26.78 -4.48
N TYR E 184 -1.22 -25.93 -3.86
CA TYR E 184 -2.53 -25.61 -4.39
C TYR E 184 -2.42 -24.52 -5.44
N SER E 185 -3.50 -24.37 -6.22
CA SER E 185 -3.59 -23.31 -7.20
C SER E 185 -5.06 -23.09 -7.57
N LEU E 186 -5.45 -21.84 -7.74
CA LEU E 186 -6.79 -21.52 -8.22
C LEU E 186 -6.74 -20.22 -9.01
N SER E 187 -7.83 -19.94 -9.71
CA SER E 187 -7.98 -18.69 -10.44
C SER E 187 -9.30 -18.07 -10.06
N SER E 188 -9.33 -16.73 -10.02
CA SER E 188 -10.53 -15.97 -9.72
C SER E 188 -10.80 -15.06 -10.92
N VAL E 189 -11.91 -15.30 -11.62
CA VAL E 189 -12.25 -14.51 -12.80
C VAL E 189 -13.51 -13.71 -12.50
N VAL E 190 -13.66 -12.62 -13.26
CA VAL E 190 -14.82 -11.74 -13.20
C VAL E 190 -15.17 -11.32 -14.61
N THR E 191 -16.45 -11.40 -14.96
CA THR E 191 -16.92 -11.02 -16.29
C THR E 191 -17.44 -9.59 -16.28
N VAL E 192 -16.95 -8.78 -17.21
CA VAL E 192 -17.34 -7.37 -17.31
C VAL E 192 -17.71 -7.07 -18.76
N PRO E 193 -18.54 -6.05 -18.99
CA PRO E 193 -18.89 -5.68 -20.37
C PRO E 193 -17.66 -5.24 -21.14
N SER E 194 -17.56 -5.70 -22.39
CA SER E 194 -16.36 -5.47 -23.18
C SER E 194 -16.10 -3.98 -23.39
N SER E 195 -17.14 -3.16 -23.41
CA SER E 195 -17.02 -1.74 -23.73
C SER E 195 -16.52 -0.89 -22.57
N SER E 196 -16.44 -1.43 -21.36
CA SER E 196 -16.03 -0.69 -20.16
C SER E 196 -14.61 -1.00 -19.71
N LEU E 197 -13.66 -1.03 -20.65
CA LEU E 197 -12.25 -1.17 -20.30
C LEU E 197 -11.63 0.21 -20.13
N GLY E 198 -10.81 0.37 -19.09
CA GLY E 198 -10.26 1.66 -18.74
C GLY E 198 -11.26 2.62 -18.13
N THR E 199 -12.55 2.23 -18.08
CA THR E 199 -13.57 3.00 -17.37
C THR E 199 -13.47 2.76 -15.87
N GLN E 200 -13.04 1.56 -15.49
CA GLN E 200 -12.86 1.17 -14.11
C GLN E 200 -11.48 0.55 -14.01
N THR E 201 -11.01 0.38 -12.77
CA THR E 201 -9.73 -0.25 -12.50
C THR E 201 -9.98 -1.56 -11.77
N TYR E 202 -9.31 -2.63 -12.22
CA TYR E 202 -9.53 -3.96 -11.67
C TYR E 202 -8.26 -4.41 -10.95
N ILE E 203 -8.36 -4.58 -9.64
CA ILE E 203 -7.28 -5.10 -8.81
C ILE E 203 -7.82 -6.28 -8.02
N CYS E 204 -7.04 -7.36 -7.92
CA CYS E 204 -7.42 -8.50 -7.10
C CYS E 204 -6.60 -8.45 -5.81
N ASN E 205 -7.26 -8.68 -4.70
CA ASN E 205 -6.62 -8.60 -3.38
C ASN E 205 -6.47 -10.03 -2.86
N VAL E 206 -5.27 -10.57 -2.96
CA VAL E 206 -4.96 -11.91 -2.50
C VAL E 206 -4.35 -11.83 -1.10
N ASN E 207 -4.88 -12.62 -0.18
CA ASN E 207 -4.35 -12.67 1.19
C ASN E 207 -4.15 -14.13 1.59
N HIS E 208 -2.92 -14.46 1.98
CA HIS E 208 -2.58 -15.82 2.42
C HIS E 208 -2.06 -15.69 3.86
N LYS E 209 -2.98 -15.78 4.82
CA LYS E 209 -2.61 -15.58 6.21
C LYS E 209 -1.54 -16.56 6.71
N PRO E 210 -1.52 -17.84 6.31
CA PRO E 210 -0.45 -18.73 6.79
C PRO E 210 0.97 -18.25 6.44
N SER E 211 1.16 -17.56 5.31
CA SER E 211 2.48 -17.07 4.94
C SER E 211 2.66 -15.58 5.15
N ASN E 212 1.65 -14.89 5.70
CA ASN E 212 1.70 -13.45 5.97
C ASN E 212 2.01 -12.66 4.70
N THR E 213 1.45 -13.09 3.57
CA THR E 213 1.66 -12.42 2.29
C THR E 213 0.36 -11.81 1.82
N LYS E 214 0.44 -10.57 1.34
CA LYS E 214 -0.72 -9.87 0.80
C LYS E 214 -0.30 -9.16 -0.48
N VAL E 215 -1.02 -9.42 -1.57
CA VAL E 215 -0.68 -8.90 -2.88
C VAL E 215 -1.89 -8.22 -3.49
N ASP E 216 -1.68 -7.04 -4.06
CA ASP E 216 -2.70 -6.31 -4.80
C ASP E 216 -2.21 -6.18 -6.24
N LYS E 217 -2.83 -6.92 -7.15
CA LYS E 217 -2.37 -7.02 -8.53
C LYS E 217 -3.37 -6.30 -9.44
N LYS E 218 -2.89 -5.23 -10.10
CA LYS E 218 -3.69 -4.54 -11.10
C LYS E 218 -3.72 -5.35 -12.39
N VAL E 219 -4.91 -5.51 -12.96
CA VAL E 219 -5.12 -6.29 -14.18
C VAL E 219 -5.57 -5.34 -15.29
N GLU E 220 -4.81 -5.31 -16.38
CA GLU E 220 -5.11 -4.44 -17.53
C GLU E 220 -4.54 -5.10 -18.77
N PRO E 221 -5.11 -4.82 -19.96
CA PRO E 221 -4.58 -5.42 -21.20
C PRO E 221 -3.28 -4.77 -21.66
N GLU F 1 21.53 20.90 -17.25
CA GLU F 1 21.88 19.75 -16.41
C GLU F 1 22.00 18.48 -17.28
N VAL F 2 23.16 17.84 -17.23
CA VAL F 2 23.43 16.64 -18.04
C VAL F 2 23.13 15.38 -17.23
N GLN F 3 22.31 14.50 -17.81
CA GLN F 3 21.93 13.27 -17.14
C GLN F 3 21.90 12.15 -18.16
N LEU F 4 22.54 11.02 -17.82
CA LEU F 4 22.58 9.81 -18.64
C LEU F 4 21.84 8.71 -17.91
N LEU F 5 20.75 8.23 -18.49
CA LEU F 5 19.90 7.22 -17.86
C LEU F 5 19.91 5.96 -18.72
N GLU F 6 20.52 4.90 -18.20
CA GLU F 6 20.60 3.63 -18.90
C GLU F 6 19.36 2.78 -18.63
N SER F 7 19.01 1.94 -19.59
CA SER F 7 17.85 1.08 -19.47
C SER F 7 18.05 -0.13 -20.37
N GLY F 8 17.23 -1.17 -20.14
CA GLY F 8 17.30 -2.41 -20.89
C GLY F 8 17.92 -3.57 -20.15
N GLY F 9 18.41 -3.36 -18.94
CA GLY F 9 19.00 -4.45 -18.20
C GLY F 9 17.97 -5.46 -17.74
N GLY F 10 18.45 -6.64 -17.42
CA GLY F 10 17.59 -7.70 -16.98
C GLY F 10 18.22 -9.05 -17.28
N LEU F 11 17.39 -10.08 -17.21
CA LEU F 11 17.83 -11.46 -17.37
C LEU F 11 17.59 -11.93 -18.80
N VAL F 12 18.53 -12.70 -19.32
CA VAL F 12 18.47 -13.18 -20.70
C VAL F 12 19.21 -14.51 -20.79
N GLN F 13 18.69 -15.42 -21.62
CA GLN F 13 19.28 -16.74 -21.73
C GLN F 13 20.59 -16.70 -22.52
N PRO F 14 21.48 -17.67 -22.27
CA PRO F 14 22.70 -17.76 -23.09
C PRO F 14 22.34 -17.88 -24.57
N GLY F 15 23.01 -17.07 -25.39
CA GLY F 15 22.70 -17.01 -26.79
C GLY F 15 21.54 -16.11 -27.16
N GLY F 16 20.82 -15.56 -26.18
CA GLY F 16 19.77 -14.60 -26.44
C GLY F 16 20.32 -13.25 -26.81
N SER F 17 19.42 -12.26 -26.82
CA SER F 17 19.81 -10.91 -27.20
C SER F 17 19.21 -9.90 -26.23
N LEU F 18 19.94 -8.82 -25.99
CA LEU F 18 19.40 -7.66 -25.29
C LEU F 18 19.85 -6.41 -26.01
N ARG F 19 19.05 -5.36 -25.88
CA ARG F 19 19.35 -4.06 -26.47
C ARG F 19 19.27 -3.02 -25.37
N LEU F 20 20.42 -2.48 -24.98
CA LEU F 20 20.49 -1.47 -23.94
C LEU F 20 20.21 -0.10 -24.55
N SER F 21 19.43 0.72 -23.83
CA SER F 21 19.00 2.03 -24.29
C SER F 21 19.52 3.07 -23.31
N CYS F 22 20.49 3.86 -23.76
CA CYS F 22 21.04 4.96 -22.98
C CYS F 22 20.49 6.28 -23.49
N ALA F 23 19.83 7.03 -22.61
CA ALA F 23 19.24 8.32 -22.93
C ALA F 23 20.06 9.43 -22.30
N ALA F 24 19.98 10.61 -22.89
CA ALA F 24 20.74 11.76 -22.44
C ALA F 24 19.85 13.00 -22.53
N SER F 25 20.29 14.07 -21.87
CA SER F 25 19.55 15.33 -21.89
C SER F 25 20.53 16.46 -21.58
N GLY F 26 20.13 17.68 -21.96
CA GLY F 26 20.95 18.86 -21.77
C GLY F 26 22.24 18.84 -22.56
N THR F 28 24.15 18.38 -25.85
CA THR F 28 24.56 18.24 -27.24
C THR F 28 25.07 16.81 -27.49
N PHE F 29 24.13 15.85 -27.46
CA PHE F 29 24.48 14.44 -27.42
C PHE F 29 25.08 13.96 -28.74
N SER F 30 24.56 14.45 -29.87
CA SER F 30 25.01 14.00 -31.18
C SER F 30 26.43 14.44 -31.49
N SER F 31 26.99 15.38 -30.72
CA SER F 31 28.27 15.99 -31.04
C SER F 31 29.47 15.33 -30.37
N TYR F 32 29.25 14.33 -29.51
CA TYR F 32 30.34 13.73 -28.76
C TYR F 32 30.34 12.22 -28.97
N ALA F 33 31.50 11.63 -28.78
CA ALA F 33 31.64 10.18 -28.90
C ALA F 33 31.22 9.51 -27.61
N MET F 34 30.32 8.55 -27.73
CA MET F 34 29.81 7.82 -26.58
C MET F 34 30.52 6.47 -26.50
N SER F 35 30.57 5.92 -25.29
CA SER F 35 31.27 4.68 -25.04
C SER F 35 30.42 3.82 -24.11
N TRP F 36 30.72 2.52 -24.09
CA TRP F 36 30.11 1.59 -23.17
C TRP F 36 31.20 0.93 -22.34
N VAL F 37 31.04 0.99 -21.02
CA VAL F 37 32.00 0.39 -20.11
C VAL F 37 31.24 -0.54 -19.17
N ARG F 38 31.69 -1.78 -19.06
CA ARG F 38 31.05 -2.77 -18.22
C ARG F 38 31.97 -3.18 -17.08
N GLN F 39 31.37 -3.78 -16.06
CA GLN F 39 32.09 -4.23 -14.88
C GLN F 39 31.39 -5.49 -14.36
N ALA F 40 32.06 -6.63 -14.44
CA ALA F 40 31.51 -7.84 -13.85
C ALA F 40 31.42 -7.67 -12.34
N PRO F 41 30.45 -8.31 -11.68
CA PRO F 41 30.29 -8.13 -10.23
C PRO F 41 31.57 -8.44 -9.48
N GLY F 42 32.11 -7.43 -8.80
CA GLY F 42 33.33 -7.58 -8.04
C GLY F 42 34.63 -7.48 -8.81
N LYS F 43 34.58 -7.51 -10.14
CA LYS F 43 35.78 -7.39 -10.95
C LYS F 43 35.99 -5.93 -11.35
N GLY F 44 36.95 -5.67 -12.24
CA GLY F 44 37.27 -4.32 -12.65
C GLY F 44 36.54 -3.88 -13.92
N LEU F 45 36.83 -2.65 -14.33
CA LEU F 45 36.16 -2.07 -15.50
C LEU F 45 36.76 -2.63 -16.78
N GLU F 46 35.90 -2.79 -17.78
CA GLU F 46 36.30 -3.32 -19.09
C GLU F 46 35.65 -2.49 -20.19
N TRP F 47 36.48 -1.86 -21.02
CA TRP F 47 35.92 -1.09 -22.13
C TRP F 47 35.33 -2.02 -23.16
N VAL F 48 34.17 -1.65 -23.68
CA VAL F 48 33.41 -2.48 -24.61
C VAL F 48 33.51 -1.92 -26.02
N SER F 49 32.75 -0.85 -26.31
CA SER F 49 32.73 -0.29 -27.65
C SER F 49 32.70 1.23 -27.58
N VAL F 50 32.89 1.85 -28.73
CA VAL F 50 32.84 3.31 -28.85
C VAL F 50 32.15 3.65 -30.17
N ILE F 51 31.36 4.72 -30.16
CA ILE F 51 30.76 5.26 -31.37
C ILE F 51 31.18 6.72 -31.47
N TYR F 52 31.48 7.17 -32.68
CA TYR F 52 31.91 8.54 -32.90
C TYR F 52 30.74 9.41 -33.35
N SER F 53 30.85 10.71 -33.03
CA SER F 53 29.87 11.68 -33.46
C SER F 53 29.81 11.75 -34.98
N GLY F 54 30.97 11.67 -35.63
CA GLY F 54 31.06 11.72 -37.07
C GLY F 54 30.55 10.45 -37.70
N GLY F 55 29.23 10.30 -37.70
CA GLY F 55 28.55 9.17 -38.30
C GLY F 55 28.63 7.89 -37.51
N SER F 56 29.56 7.00 -37.85
CA SER F 56 29.61 5.68 -37.25
C SER F 56 30.99 5.06 -37.41
N SER F 57 32.00 5.83 -37.02
CA SER F 57 33.38 5.35 -36.93
C SER F 57 33.43 4.66 -35.56
N THR F 58 33.09 3.38 -35.56
CA THR F 58 32.87 2.61 -34.34
C THR F 58 33.92 1.54 -34.16
N TYR F 59 34.30 1.31 -32.90
CA TYR F 59 35.31 0.33 -32.53
C TYR F 59 34.78 -0.52 -31.38
N TYR F 60 35.24 -1.76 -31.31
CA TYR F 60 34.76 -2.73 -30.33
C TYR F 60 35.95 -3.42 -29.67
N ALA F 61 35.72 -3.95 -28.47
CA ALA F 61 36.72 -4.78 -27.83
C ALA F 61 36.72 -6.16 -28.46
N ASP F 62 37.86 -6.86 -28.31
CA ASP F 62 37.97 -8.19 -28.91
C ASP F 62 36.97 -9.17 -28.30
N SER F 63 36.67 -9.03 -27.01
CA SER F 63 35.76 -9.95 -26.34
C SER F 63 34.31 -9.81 -26.81
N VAL F 64 33.94 -8.65 -27.35
CA VAL F 64 32.56 -8.41 -27.79
C VAL F 64 32.47 -8.16 -29.29
N LYS F 65 33.60 -8.18 -30.00
CA LYS F 65 33.59 -7.87 -31.42
C LYS F 65 32.85 -8.96 -32.18
N GLY F 66 32.01 -8.54 -33.13
CA GLY F 66 31.18 -9.44 -33.91
C GLY F 66 29.88 -9.86 -33.28
N ARG F 67 29.72 -9.67 -31.98
CA ARG F 67 28.49 -10.04 -31.28
C ARG F 67 27.68 -8.86 -30.83
N PHE F 68 28.31 -7.77 -30.43
CA PHE F 68 27.59 -6.57 -30.00
C PHE F 68 27.65 -5.51 -31.08
N THR F 69 26.63 -4.65 -31.09
CA THR F 69 26.51 -3.60 -32.10
C THR F 69 26.09 -2.31 -31.41
N ILE F 70 26.95 -1.31 -31.47
CA ILE F 70 26.69 0.00 -30.89
C ILE F 70 26.11 0.89 -31.98
N SER F 71 25.12 1.70 -31.61
CA SER F 71 24.45 2.59 -32.55
C SER F 71 23.87 3.76 -31.76
N ARG F 72 23.39 4.78 -32.49
CA ARG F 72 22.82 5.97 -31.89
C ARG F 72 21.71 6.50 -32.77
N ASP F 73 20.71 7.10 -32.13
CA ASP F 73 19.55 7.68 -32.81
C ASP F 73 19.52 9.17 -32.52
N ASN F 74 20.12 9.95 -33.41
CA ASN F 74 20.15 11.41 -33.24
C ASN F 74 18.75 12.01 -33.31
N SER F 75 17.80 11.32 -33.97
CA SER F 75 16.42 11.78 -34.03
C SER F 75 15.68 11.56 -32.72
N LYS F 76 16.13 10.62 -31.89
CA LYS F 76 15.51 10.37 -30.60
C LYS F 76 16.47 10.56 -29.43
N ASN F 77 17.70 11.03 -29.70
CA ASN F 77 18.68 11.35 -28.67
C ASN F 77 18.96 10.17 -27.74
N THR F 78 19.07 8.97 -28.32
CA THR F 78 19.21 7.74 -27.55
C THR F 78 20.39 6.93 -28.09
N LEU F 79 21.15 6.34 -27.16
CA LEU F 79 22.27 5.46 -27.50
C LEU F 79 21.84 4.02 -27.28
N TYR F 80 22.16 3.16 -28.24
CA TYR F 80 21.77 1.77 -28.20
C TYR F 80 22.99 0.86 -28.14
N LEU F 81 22.80 -0.33 -27.57
CA LEU F 81 23.82 -1.38 -27.59
C LEU F 81 23.07 -2.70 -27.79
N GLN F 82 23.14 -3.23 -29.01
CA GLN F 82 22.53 -4.52 -29.31
C GLN F 82 23.52 -5.61 -28.92
N MET F 83 23.10 -6.49 -28.01
CA MET F 83 23.94 -7.55 -27.47
C MET F 83 23.39 -8.90 -27.94
N ASN F 84 24.10 -9.56 -28.85
CA ASN F 84 23.72 -10.85 -29.41
C ASN F 84 24.66 -11.95 -28.92
N SER F 85 24.15 -13.18 -28.92
CA SER F 85 24.90 -14.38 -28.51
C SER F 85 25.51 -14.23 -27.12
N LEU F 86 24.68 -13.80 -26.17
CA LEU F 86 25.16 -13.49 -24.84
C LEU F 86 25.58 -14.75 -24.09
N ARG F 87 26.68 -14.67 -23.35
CA ARG F 87 27.20 -15.78 -22.56
C ARG F 87 27.24 -15.37 -21.10
N ALA F 88 27.46 -16.34 -20.21
CA ALA F 88 27.42 -16.08 -18.77
C ALA F 88 28.46 -15.05 -18.34
N GLU F 89 29.61 -15.01 -19.01
CA GLU F 89 30.65 -14.04 -18.63
C GLU F 89 30.31 -12.62 -19.03
N ASP F 90 29.28 -12.41 -19.84
CA ASP F 90 28.86 -11.06 -20.16
C ASP F 90 28.06 -10.41 -19.03
N THR F 91 27.76 -11.15 -17.97
CA THR F 91 27.02 -10.60 -16.85
C THR F 91 27.83 -9.49 -16.19
N ALA F 92 27.30 -8.27 -16.23
CA ALA F 92 27.98 -7.10 -15.73
C ALA F 92 27.00 -5.95 -15.74
N VAL F 93 27.38 -4.87 -15.04
CA VAL F 93 26.69 -3.60 -15.11
C VAL F 93 27.26 -2.81 -16.28
N TYR F 94 26.39 -2.33 -17.16
CA TYR F 94 26.82 -1.60 -18.35
C TYR F 94 26.54 -0.11 -18.15
N TYR F 95 27.58 0.72 -18.28
CA TYR F 95 27.49 2.17 -18.18
C TYR F 95 27.66 2.78 -19.57
N CYS F 96 26.82 3.75 -19.91
CA CYS F 96 27.10 4.60 -21.05
C CYS F 96 27.76 5.87 -20.57
N THR F 97 28.82 6.28 -21.26
CA THR F 97 29.65 7.38 -20.82
C THR F 97 30.23 8.10 -22.02
N THR F 98 30.43 9.40 -21.86
CA THR F 98 31.09 10.21 -22.87
C THR F 98 32.60 10.12 -22.77
N LEU F 99 33.10 9.52 -21.70
CA LEU F 99 34.53 9.46 -21.38
C LEU F 99 35.00 10.91 -21.31
N LEU F 100 36.18 11.23 -21.85
CA LEU F 100 36.67 12.59 -21.79
C LEU F 100 36.04 13.44 -22.87
N ILE F 101 35.49 14.58 -22.47
CA ILE F 101 35.08 15.63 -23.41
C ILE F 101 35.99 16.83 -23.20
N LEU F 102 36.85 17.12 -24.17
CA LEU F 102 37.79 18.21 -24.03
C LEU F 102 37.31 19.37 -24.93
N GLU F 103 36.49 20.25 -24.33
CA GLU F 103 35.99 21.44 -24.99
C GLU F 103 36.56 22.66 -24.27
N SER F 104 36.93 23.67 -25.06
CA SER F 104 37.65 24.86 -24.57
C SER F 104 38.95 24.35 -23.96
N ASP F 105 39.23 24.59 -22.68
CA ASP F 105 40.41 24.05 -22.03
C ASP F 105 40.07 23.34 -20.73
N VAL F 106 38.83 22.86 -20.59
CA VAL F 106 38.40 22.14 -19.41
C VAL F 106 37.86 20.76 -19.82
N GLY F 107 38.20 19.76 -19.02
CA GLY F 107 37.78 18.39 -19.27
C GLY F 107 36.67 17.96 -18.34
N VAL F 108 35.56 17.50 -18.92
CA VAL F 108 34.40 17.08 -18.15
C VAL F 108 34.09 15.62 -18.49
N ASP F 109 33.19 15.04 -17.70
CA ASP F 109 32.88 13.63 -17.81
C ASP F 109 31.49 13.38 -17.26
N TYR F 110 30.67 12.65 -18.01
CA TYR F 110 29.31 12.34 -17.60
C TYR F 110 29.08 10.84 -17.77
N TRP F 111 28.77 10.17 -16.65
CA TRP F 111 28.46 8.75 -16.65
C TRP F 111 27.00 8.54 -16.29
N GLY F 112 26.46 7.41 -16.73
CA GLY F 112 25.15 7.00 -16.29
C GLY F 112 25.21 6.26 -14.98
N GLN F 113 24.04 5.95 -14.44
CA GLN F 113 24.00 5.20 -13.19
C GLN F 113 24.30 3.72 -13.41
N GLY F 114 24.16 3.22 -14.63
CA GLY F 114 24.43 1.83 -14.94
C GLY F 114 23.18 0.98 -14.88
N THR F 115 23.15 -0.05 -15.72
CA THR F 115 22.07 -1.02 -15.75
C THR F 115 22.67 -2.41 -15.78
N LEU F 116 22.16 -3.30 -14.93
CA LEU F 116 22.76 -4.62 -14.77
C LEU F 116 22.17 -5.59 -15.79
N VAL F 117 23.05 -6.22 -16.55
CA VAL F 117 22.67 -7.27 -17.48
C VAL F 117 23.22 -8.58 -16.92
N THR F 118 22.34 -9.56 -16.73
CA THR F 118 22.68 -10.85 -16.16
C THR F 118 22.32 -11.95 -17.15
N VAL F 119 23.28 -12.82 -17.44
CA VAL F 119 23.12 -13.88 -18.42
C VAL F 119 22.99 -15.21 -17.70
N SER F 120 21.77 -15.76 -17.66
CA SER F 120 21.52 -17.03 -16.98
C SER F 120 20.20 -17.61 -17.46
N SER F 121 20.07 -18.93 -17.34
CA SER F 121 18.83 -19.64 -17.67
C SER F 121 17.88 -19.77 -16.48
N ALA F 122 18.29 -19.31 -15.30
CA ALA F 122 17.45 -19.41 -14.12
C ALA F 122 16.22 -18.52 -14.27
N SER F 123 15.17 -18.87 -13.54
CA SER F 123 13.92 -18.15 -13.62
C SER F 123 13.83 -17.05 -12.55
N THR F 124 13.01 -16.05 -12.86
CA THR F 124 12.74 -14.96 -11.93
C THR F 124 11.93 -15.49 -10.76
N LYS F 125 12.19 -14.99 -9.54
CA LYS F 125 11.40 -15.51 -8.42
C LYS F 125 10.84 -14.42 -7.51
N GLY F 126 11.65 -13.48 -7.08
CA GLY F 126 11.17 -12.43 -6.20
C GLY F 126 11.42 -12.79 -4.76
N PRO F 127 11.66 -11.78 -3.92
CA PRO F 127 12.14 -12.03 -2.56
C PRO F 127 11.05 -12.21 -1.52
N SER F 128 11.39 -13.00 -0.51
CA SER F 128 10.65 -13.07 0.74
C SER F 128 11.34 -12.15 1.74
N VAL F 129 10.55 -11.36 2.47
CA VAL F 129 11.09 -10.40 3.43
C VAL F 129 10.66 -10.83 4.83
N PHE F 130 11.65 -11.02 5.70
CA PHE F 130 11.45 -11.40 7.10
C PHE F 130 12.05 -10.34 8.02
N PRO F 131 11.38 -10.02 9.12
CA PRO F 131 11.89 -8.98 10.02
C PRO F 131 13.04 -9.46 10.89
N LEU F 132 13.98 -8.55 11.15
CA LEU F 132 15.07 -8.76 12.11
C LEU F 132 14.81 -7.82 13.29
N ALA F 133 14.16 -8.37 14.40
CA ALA F 133 13.67 -7.50 15.46
C ALA F 133 14.71 -7.32 16.57
N PRO F 134 14.72 -6.14 17.19
CA PRO F 134 15.62 -5.88 18.31
C PRO F 134 15.14 -6.48 19.63
N SER F 135 16.11 -6.73 20.52
CA SER F 135 15.88 -7.38 21.81
C SER F 135 15.16 -8.73 21.66
N THR F 143 23.73 0.87 21.93
CA THR F 143 23.35 0.68 20.54
C THR F 143 22.45 -0.53 20.35
N ALA F 144 21.46 -0.39 19.46
CA ALA F 144 20.54 -1.46 19.11
C ALA F 144 20.40 -1.49 17.60
N ALA F 145 20.16 -2.69 17.06
CA ALA F 145 20.10 -2.86 15.61
C ALA F 145 18.86 -3.64 15.22
N LEU F 146 18.38 -3.37 14.01
CA LEU F 146 17.26 -4.10 13.45
C LEU F 146 17.38 -4.04 11.93
N GLY F 147 16.67 -4.94 11.26
CA GLY F 147 16.75 -4.96 9.81
C GLY F 147 15.73 -5.88 9.18
N CYS F 148 15.96 -6.13 7.89
CA CYS F 148 15.11 -6.97 7.06
C CYS F 148 16.00 -7.93 6.30
N LEU F 149 15.57 -9.18 6.22
CA LEU F 149 16.27 -10.23 5.50
C LEU F 149 15.49 -10.51 4.23
N VAL F 150 16.08 -10.23 3.08
CA VAL F 150 15.44 -10.49 1.80
C VAL F 150 16.05 -11.75 1.19
N LYS F 151 15.27 -12.83 1.18
CA LYS F 151 15.81 -14.15 0.91
C LYS F 151 15.13 -14.76 -0.32
N ASP F 152 15.93 -15.50 -1.09
CA ASP F 152 15.45 -16.37 -2.16
C ASP F 152 14.78 -15.57 -3.29
N TYR F 153 15.61 -14.79 -3.99
CA TYR F 153 15.18 -14.05 -5.17
C TYR F 153 16.24 -14.21 -6.25
N PHE F 154 15.84 -13.95 -7.50
CA PHE F 154 16.72 -14.00 -8.66
C PHE F 154 16.00 -13.25 -9.77
N PRO F 155 16.70 -12.42 -10.56
CA PRO F 155 18.13 -12.09 -10.41
C PRO F 155 18.36 -10.85 -9.61
N GLU F 156 19.63 -10.43 -9.55
CA GLU F 156 19.94 -9.12 -9.01
C GLU F 156 19.34 -8.04 -9.91
N PRO F 157 19.09 -6.85 -9.37
CA PRO F 157 19.31 -6.45 -7.98
C PRO F 157 18.01 -6.27 -7.20
N VAL F 158 18.13 -6.06 -5.89
CA VAL F 158 17.03 -5.53 -5.09
C VAL F 158 17.49 -4.21 -4.51
N THR F 159 16.55 -3.28 -4.31
CA THR F 159 16.82 -2.01 -3.68
C THR F 159 16.06 -1.98 -2.36
N VAL F 160 16.76 -1.61 -1.29
CA VAL F 160 16.17 -1.59 0.05
C VAL F 160 16.36 -0.20 0.66
N SER F 161 15.25 0.46 1.00
CA SER F 161 15.29 1.72 1.73
C SER F 161 14.54 1.60 3.04
N TRP F 162 14.70 2.60 3.90
CA TRP F 162 14.12 2.59 5.24
C TRP F 162 13.26 3.83 5.42
N ASN F 163 12.00 3.63 5.81
CA ASN F 163 11.02 4.70 5.96
C ASN F 163 10.92 5.49 4.66
N SER F 164 10.74 4.76 3.57
CA SER F 164 10.59 5.33 2.23
C SER F 164 11.75 6.27 1.91
N GLY F 165 12.95 5.90 2.38
CA GLY F 165 14.16 6.65 2.12
C GLY F 165 14.42 7.80 3.07
N ALA F 166 13.57 8.01 4.07
CA ALA F 166 13.78 9.11 5.01
C ALA F 166 14.90 8.80 5.99
N LEU F 167 14.96 7.56 6.45
CA LEU F 167 15.98 7.14 7.40
C LEU F 167 17.23 6.70 6.62
N THR F 168 18.33 7.44 6.80
CA THR F 168 19.57 7.18 6.09
C THR F 168 20.80 7.05 6.99
N SER F 169 20.77 7.56 8.22
CA SER F 169 21.94 7.51 9.08
C SER F 169 22.07 6.12 9.69
N GLY F 170 23.26 5.54 9.61
CA GLY F 170 23.52 4.27 10.25
C GLY F 170 22.93 3.05 9.58
N VAL F 171 22.40 3.20 8.37
CA VAL F 171 21.87 2.06 7.63
C VAL F 171 23.03 1.38 6.91
N HIS F 172 23.06 0.06 6.97
CA HIS F 172 24.05 -0.74 6.25
C HIS F 172 23.30 -1.81 5.45
N THR F 173 23.34 -1.72 4.12
CA THR F 173 22.82 -2.76 3.25
C THR F 173 23.99 -3.58 2.71
N PHE F 174 23.95 -4.87 2.93
CA PHE F 174 25.11 -5.65 2.59
C PHE F 174 25.04 -6.18 1.15
N PRO F 175 26.20 -6.47 0.54
CA PRO F 175 26.22 -7.16 -0.74
C PRO F 175 25.44 -8.46 -0.69
N ALA F 176 24.73 -8.74 -1.79
CA ALA F 176 23.97 -9.97 -1.89
C ALA F 176 24.89 -11.18 -1.89
N VAL F 177 24.40 -12.28 -1.35
CA VAL F 177 25.15 -13.54 -1.28
C VAL F 177 24.39 -14.57 -2.08
N LEU F 178 25.09 -15.26 -2.96
CA LEU F 178 24.46 -16.32 -3.75
C LEU F 178 24.35 -17.55 -2.86
N GLN F 179 23.13 -17.93 -2.51
CA GLN F 179 22.93 -19.09 -1.66
C GLN F 179 23.20 -20.38 -2.44
N SER F 180 23.22 -21.49 -1.69
CA SER F 180 23.44 -22.80 -2.31
C SER F 180 22.29 -23.20 -3.23
N SER F 181 21.12 -22.59 -3.05
CA SER F 181 19.97 -22.83 -3.90
C SER F 181 20.06 -22.11 -5.25
N GLY F 182 21.12 -21.33 -5.48
CA GLY F 182 21.19 -20.55 -6.68
C GLY F 182 20.43 -19.25 -6.65
N LEU F 183 19.84 -18.90 -5.51
CA LEU F 183 19.09 -17.66 -5.32
C LEU F 183 19.88 -16.71 -4.44
N TYR F 184 19.73 -15.41 -4.69
CA TYR F 184 20.47 -14.43 -3.89
C TYR F 184 19.76 -14.17 -2.58
N SER F 185 20.50 -13.57 -1.64
CA SER F 185 19.94 -13.20 -0.36
C SER F 185 20.81 -12.12 0.25
N LEU F 186 20.17 -11.13 0.86
CA LEU F 186 20.91 -10.10 1.56
C LEU F 186 20.07 -9.60 2.72
N SER F 187 20.73 -8.85 3.59
CA SER F 187 20.06 -8.22 4.71
C SER F 187 20.45 -6.75 4.74
N SER F 188 19.52 -5.92 5.16
CA SER F 188 19.72 -4.49 5.30
C SER F 188 19.45 -4.17 6.76
N VAL F 189 20.48 -3.75 7.48
CA VAL F 189 20.35 -3.43 8.90
C VAL F 189 20.54 -1.93 9.11
N VAL F 190 20.01 -1.45 10.23
CA VAL F 190 20.16 -0.06 10.64
C VAL F 190 20.40 -0.04 12.14
N THR F 191 21.43 0.70 12.55
CA THR F 191 21.76 0.83 13.96
C THR F 191 21.15 2.13 14.49
N VAL F 192 20.46 2.04 15.62
CA VAL F 192 19.83 3.20 16.25
C VAL F 192 20.21 3.22 17.73
N PRO F 193 20.20 4.38 18.36
CA PRO F 193 20.52 4.43 19.79
C PRO F 193 19.53 3.61 20.60
N SER F 194 20.07 2.85 21.56
CA SER F 194 19.25 1.88 22.29
C SER F 194 18.11 2.57 23.02
N SER F 195 18.29 3.84 23.37
CA SER F 195 17.29 4.57 24.13
C SER F 195 16.15 5.06 23.26
N SER F 196 16.30 5.04 21.93
CA SER F 196 15.28 5.57 21.04
C SER F 196 14.50 4.47 20.33
N LEU F 197 14.19 3.38 21.02
CA LEU F 197 13.32 2.37 20.44
C LEU F 197 11.89 2.75 20.81
N GLY F 198 10.99 2.67 19.84
CA GLY F 198 9.65 3.18 20.05
C GLY F 198 9.51 4.67 19.79
N THR F 199 10.62 5.36 19.48
CA THR F 199 10.58 6.76 19.07
C THR F 199 10.13 6.89 17.62
N GLN F 200 10.48 5.91 16.79
CA GLN F 200 10.17 5.90 15.37
C GLN F 200 9.58 4.57 15.00
N THR F 201 9.08 4.51 13.78
CA THR F 201 8.58 3.31 13.16
C THR F 201 9.55 2.93 12.06
N TYR F 202 9.92 1.67 11.99
CA TYR F 202 10.92 1.25 11.01
C TYR F 202 10.23 0.33 10.01
N ILE F 203 10.19 0.75 8.76
CA ILE F 203 9.67 -0.08 7.68
C ILE F 203 10.75 -0.15 6.62
N CYS F 204 10.97 -1.35 6.08
CA CYS F 204 11.92 -1.53 5.01
C CYS F 204 11.15 -1.68 3.71
N ASN F 205 11.62 -1.00 2.69
CA ASN F 205 10.98 -0.95 1.39
C ASN F 205 11.85 -1.74 0.42
N VAL F 206 11.44 -2.97 0.15
CA VAL F 206 12.15 -3.86 -0.76
C VAL F 206 11.50 -3.76 -2.13
N ASN F 207 12.33 -3.57 -3.17
CA ASN F 207 11.83 -3.50 -4.54
C ASN F 207 12.63 -4.44 -5.41
N HIS F 208 11.96 -5.39 -6.03
CA HIS F 208 12.60 -6.34 -6.94
C HIS F 208 11.91 -6.19 -8.29
N LYS F 209 12.46 -5.30 -9.12
CA LYS F 209 11.85 -5.03 -10.43
C LYS F 209 11.76 -6.26 -11.33
N PRO F 210 12.72 -7.19 -11.37
CA PRO F 210 12.57 -8.35 -12.26
C PRO F 210 11.30 -9.16 -12.05
N SER F 211 10.78 -9.25 -10.82
CA SER F 211 9.54 -9.97 -10.57
C SER F 211 8.35 -9.03 -10.34
N ASN F 212 8.55 -7.72 -10.46
CA ASN F 212 7.50 -6.72 -10.22
C ASN F 212 6.89 -6.88 -8.83
N THR F 213 7.75 -7.19 -7.86
CA THR F 213 7.33 -7.37 -6.47
C THR F 213 7.95 -6.31 -5.58
N LYS F 214 7.13 -5.74 -4.69
CA LYS F 214 7.59 -4.75 -3.72
C LYS F 214 6.94 -5.04 -2.37
N VAL F 215 7.75 -5.11 -1.32
CA VAL F 215 7.30 -5.51 0.01
C VAL F 215 7.70 -4.43 1.01
N ASP F 216 6.76 -4.04 1.86
CA ASP F 216 6.99 -3.11 2.97
C ASP F 216 6.71 -3.87 4.26
N LYS F 217 7.78 -4.16 5.00
CA LYS F 217 7.70 -4.99 6.20
C LYS F 217 7.92 -4.10 7.41
N LYS F 218 6.92 -4.05 8.30
CA LYS F 218 7.06 -3.33 9.55
C LYS F 218 7.94 -4.12 10.51
N VAL F 219 8.93 -3.46 11.10
CA VAL F 219 9.88 -4.09 12.01
C VAL F 219 9.70 -3.48 13.40
N GLU F 220 9.42 -4.32 14.39
CA GLU F 220 9.16 -3.90 15.76
C GLU F 220 9.53 -5.03 16.71
N PRO F 221 9.89 -4.71 17.97
CA PRO F 221 10.24 -5.75 18.96
C PRO F 221 9.02 -6.50 19.50
N ASP G 1 -22.81 -46.94 17.64
CA ASP G 1 -23.11 -45.67 16.98
C ASP G 1 -24.29 -45.84 16.03
N ILE G 2 -25.19 -44.86 16.01
CA ILE G 2 -26.35 -44.90 15.12
C ILE G 2 -25.89 -44.49 13.72
N VAL G 3 -26.28 -45.28 12.72
CA VAL G 3 -25.90 -45.01 11.34
C VAL G 3 -27.06 -44.29 10.66
N MET G 4 -26.77 -43.10 10.13
CA MET G 4 -27.78 -42.30 9.43
C MET G 4 -27.59 -42.47 7.93
N THR G 5 -28.61 -42.99 7.27
CA THR G 5 -28.56 -43.29 5.84
C THR G 5 -29.51 -42.35 5.11
N GLN G 6 -28.97 -41.53 4.22
CA GLN G 6 -29.78 -40.60 3.45
C GLN G 6 -30.05 -41.15 2.04
N SER G 7 -31.22 -40.79 1.51
CA SER G 7 -31.66 -41.25 0.21
C SER G 7 -32.60 -40.21 -0.41
N PRO G 8 -32.31 -39.72 -1.62
CA PRO G 8 -31.12 -40.06 -2.39
C PRO G 8 -29.91 -39.22 -2.03
N LEU G 9 -28.77 -39.47 -2.69
CA LEU G 9 -27.58 -38.67 -2.45
C LEU G 9 -27.58 -37.39 -3.27
N SER G 10 -28.19 -37.42 -4.44
CA SER G 10 -28.34 -36.25 -5.29
C SER G 10 -29.80 -36.15 -5.70
N LEU G 11 -30.31 -34.92 -5.73
CA LEU G 11 -31.73 -34.69 -6.00
C LEU G 11 -31.89 -33.52 -6.97
N PRO G 12 -32.04 -33.80 -8.27
CA PRO G 12 -32.38 -32.74 -9.23
C PRO G 12 -33.88 -32.48 -9.22
N VAL G 13 -34.28 -31.23 -9.01
CA VAL G 13 -35.68 -30.82 -8.91
C VAL G 13 -35.89 -29.57 -9.75
N THR G 14 -36.92 -29.58 -10.58
CA THR G 14 -37.28 -28.38 -11.33
C THR G 14 -37.91 -27.34 -10.40
N PRO G 15 -37.59 -26.06 -10.57
CA PRO G 15 -38.20 -25.03 -9.70
C PRO G 15 -39.72 -25.04 -9.78
N GLY G 16 -40.37 -24.98 -8.62
CA GLY G 16 -41.81 -25.02 -8.52
C GLY G 16 -42.37 -26.39 -8.20
N GLU G 17 -41.58 -27.46 -8.41
CA GLU G 17 -41.90 -28.86 -8.16
C GLU G 17 -41.47 -29.27 -6.76
N PRO G 18 -42.13 -30.27 -6.18
CA PRO G 18 -41.76 -30.69 -4.83
C PRO G 18 -40.48 -31.50 -4.81
N ALA G 19 -39.84 -31.49 -3.64
CA ALA G 19 -38.65 -32.28 -3.38
C ALA G 19 -38.85 -33.03 -2.09
N SER G 20 -38.33 -34.26 -2.02
CA SER G 20 -38.52 -35.09 -0.86
C SER G 20 -37.23 -35.83 -0.56
N ILE G 21 -36.74 -35.71 0.67
CA ILE G 21 -35.51 -36.36 1.10
C ILE G 21 -35.82 -37.21 2.32
N SER G 22 -35.39 -38.46 2.29
CA SER G 22 -35.63 -39.37 3.40
C SER G 22 -34.35 -39.59 4.19
N CYS G 23 -34.53 -39.99 5.45
CA CYS G 23 -33.43 -40.26 6.37
C CYS G 23 -33.83 -41.46 7.22
N ARG G 24 -33.04 -42.51 7.16
CA ARG G 24 -33.28 -43.73 7.91
C ARG G 24 -32.18 -43.93 8.94
N SER G 25 -32.57 -44.33 10.15
CA SER G 25 -31.62 -44.56 11.23
C SER G 25 -31.58 -46.05 11.58
N SER G 26 -30.41 -46.52 11.99
CA SER G 26 -30.24 -47.92 12.35
C SER G 26 -30.79 -48.26 13.73
N GLN G 27 -31.40 -47.29 14.42
CA GLN G 27 -32.00 -47.46 15.73
C GLN G 27 -33.14 -46.47 15.88
N SER G 28 -34.13 -46.83 16.68
CA SER G 28 -35.25 -45.92 16.92
C SER G 28 -34.76 -44.65 17.61
N LEU G 29 -35.16 -43.51 17.06
CA LEU G 29 -34.81 -42.21 17.61
C LEU G 29 -35.93 -41.63 18.45
N LEU G 30 -36.93 -42.41 18.80
CA LEU G 30 -38.07 -41.93 19.58
C LEU G 30 -37.76 -42.12 21.06
N HIS G 31 -37.74 -41.02 21.80
CA HIS G 31 -37.51 -41.06 23.23
C HIS G 31 -38.78 -41.46 23.98
N SER G 32 -38.65 -41.67 25.29
CA SER G 32 -39.83 -41.92 26.11
C SER G 32 -40.71 -40.67 26.16
N ASN G 33 -40.13 -39.47 25.98
CA ASN G 33 -40.94 -38.26 25.82
C ASN G 33 -42.05 -38.50 24.79
N GLY G 34 -41.67 -39.08 23.64
CA GLY G 34 -42.42 -38.99 22.42
C GLY G 34 -41.51 -38.44 21.33
N TYR G 35 -40.79 -37.36 21.67
CA TYR G 35 -39.94 -36.63 20.77
C TYR G 35 -39.02 -37.52 19.98
N ASN G 36 -38.93 -37.26 18.67
CA ASN G 36 -37.96 -37.90 17.81
C ASN G 36 -36.77 -36.95 17.69
N TYR G 37 -35.62 -37.36 18.23
CA TYR G 37 -34.44 -36.51 18.26
C TYR G 37 -33.68 -36.61 16.94
N LEU G 38 -34.30 -36.03 15.92
CA LEU G 38 -33.70 -35.93 14.59
C LEU G 38 -33.88 -34.52 14.07
N ASP G 39 -32.80 -33.92 13.57
CA ASP G 39 -32.81 -32.57 13.02
C ASP G 39 -32.37 -32.61 11.57
N TRP G 40 -32.81 -31.61 10.81
CA TRP G 40 -32.40 -31.40 9.42
C TRP G 40 -31.59 -30.11 9.30
N TYR G 41 -30.49 -30.17 8.56
CA TYR G 41 -29.61 -29.02 8.37
C TYR G 41 -29.40 -28.76 6.89
N LEU G 42 -29.30 -27.48 6.53
CA LEU G 42 -29.02 -27.06 5.17
C LEU G 42 -27.71 -26.29 5.14
N GLN G 43 -26.85 -26.64 4.21
CA GLN G 43 -25.58 -25.94 4.02
C GLN G 43 -25.58 -25.39 2.60
N LYS G 44 -25.84 -24.09 2.48
CA LYS G 44 -25.77 -23.45 1.19
C LYS G 44 -24.31 -23.26 0.79
N PRO G 45 -24.02 -23.23 -0.50
CA PRO G 45 -22.62 -23.12 -0.94
C PRO G 45 -21.96 -21.87 -0.36
N GLY G 46 -20.79 -22.05 0.25
CA GLY G 46 -20.05 -20.93 0.78
C GLY G 46 -20.50 -20.42 2.13
N GLN G 47 -21.43 -21.11 2.78
CA GLN G 47 -21.96 -20.71 4.08
C GLN G 47 -21.83 -21.87 5.06
N SER G 48 -22.06 -21.55 6.34
CA SER G 48 -22.10 -22.55 7.39
C SER G 48 -23.47 -23.22 7.43
N PRO G 49 -23.57 -24.41 8.01
CA PRO G 49 -24.88 -25.07 8.09
C PRO G 49 -25.87 -24.26 8.91
N GLN G 50 -27.15 -24.35 8.52
CA GLN G 50 -28.24 -23.64 9.18
C GLN G 50 -29.38 -24.62 9.46
N LEU G 51 -29.92 -24.57 10.68
CA LEU G 51 -30.96 -25.50 11.07
C LEU G 51 -32.28 -25.20 10.38
N LEU G 52 -32.91 -26.23 9.82
CA LEU G 52 -34.20 -26.15 9.16
C LEU G 52 -35.31 -26.76 9.99
N ILE G 53 -35.22 -28.06 10.30
CA ILE G 53 -36.26 -28.78 11.04
C ILE G 53 -35.63 -29.41 12.27
N TYR G 54 -36.28 -29.25 13.42
CA TYR G 54 -35.82 -29.86 14.67
C TYR G 54 -36.89 -30.77 15.24
N LEU G 55 -36.43 -31.83 15.91
CA LEU G 55 -37.34 -32.80 16.50
C LEU G 55 -38.27 -33.40 15.43
N GLY G 56 -37.69 -33.75 14.31
CA GLY G 56 -38.48 -34.45 13.26
C GLY G 56 -39.46 -33.62 12.43
N SER G 57 -40.27 -32.77 13.08
CA SER G 57 -41.35 -32.10 12.37
C SER G 57 -41.54 -30.65 12.76
N ASN G 58 -40.62 -30.04 13.50
CA ASN G 58 -40.79 -28.66 13.93
C ASN G 58 -39.96 -27.71 13.05
N ARG G 59 -40.62 -26.69 12.54
CA ARG G 59 -39.98 -25.70 11.67
C ARG G 59 -39.21 -24.68 12.52
N ALA G 60 -37.94 -24.48 12.18
CA ALA G 60 -37.09 -23.56 12.92
C ALA G 60 -37.46 -22.10 12.63
N SER G 61 -36.92 -21.20 13.45
CA SER G 61 -37.19 -19.78 13.31
C SER G 61 -36.64 -19.27 11.99
N GLY G 62 -37.46 -18.53 11.26
CA GLY G 62 -37.05 -17.97 9.98
C GLY G 62 -37.23 -18.88 8.79
N VAL G 63 -37.54 -20.16 9.02
CA VAL G 63 -37.73 -21.10 7.92
C VAL G 63 -39.12 -20.91 7.33
N PRO G 64 -39.24 -20.73 6.01
CA PRO G 64 -40.57 -20.60 5.39
C PRO G 64 -41.38 -21.88 5.55
N ASP G 65 -42.70 -21.74 5.47
CA ASP G 65 -43.59 -22.89 5.59
C ASP G 65 -43.48 -23.86 4.43
N ARG G 66 -42.70 -23.54 3.39
CA ARG G 66 -42.48 -24.49 2.29
C ARG G 66 -41.75 -25.73 2.76
N PHE G 67 -40.95 -25.62 3.81
CA PHE G 67 -40.23 -26.75 4.39
C PHE G 67 -41.10 -27.43 5.43
N SER G 68 -41.04 -28.76 5.46
CA SER G 68 -41.80 -29.54 6.42
C SER G 68 -41.06 -30.85 6.71
N GLY G 69 -41.26 -31.37 7.91
CA GLY G 69 -40.66 -32.63 8.30
C GLY G 69 -41.71 -33.59 8.83
N SER G 70 -41.43 -34.89 8.67
CA SER G 70 -42.35 -35.93 9.11
C SER G 70 -41.57 -37.19 9.45
N GLY G 71 -42.28 -38.17 9.98
CA GLY G 71 -41.70 -39.44 10.32
C GLY G 71 -41.62 -39.66 11.82
N SER G 72 -41.31 -40.91 12.17
CA SER G 72 -41.15 -41.29 13.57
C SER G 72 -40.37 -42.61 13.62
N GLY G 73 -39.65 -42.82 14.71
CA GLY G 73 -38.90 -44.05 14.92
C GLY G 73 -37.58 -44.11 14.18
N THR G 74 -37.57 -44.75 13.00
CA THR G 74 -36.36 -44.93 12.21
C THR G 74 -36.47 -44.40 10.79
N ASP G 75 -37.59 -43.78 10.41
CA ASP G 75 -37.79 -43.28 9.06
C ASP G 75 -38.34 -41.86 9.11
N PHE G 76 -37.58 -40.90 8.57
CA PHE G 76 -37.98 -39.51 8.54
C PHE G 76 -37.83 -38.97 7.13
N THR G 77 -38.62 -37.94 6.82
CA THR G 77 -38.67 -37.40 5.46
C THR G 77 -38.76 -35.88 5.51
N LEU G 78 -37.87 -35.22 4.79
CA LEU G 78 -37.93 -33.77 4.62
C LEU G 78 -38.57 -33.44 3.28
N LYS G 79 -39.50 -32.49 3.27
CA LYS G 79 -40.23 -32.12 2.07
C LYS G 79 -40.19 -30.62 1.87
N ILE G 80 -39.97 -30.20 0.62
CA ILE G 80 -40.07 -28.82 0.19
C ILE G 80 -41.22 -28.74 -0.81
N SER G 81 -42.25 -27.96 -0.49
CA SER G 81 -43.45 -27.92 -1.32
C SER G 81 -43.14 -27.39 -2.72
N ARG G 82 -42.43 -26.27 -2.80
CA ARG G 82 -42.04 -25.67 -4.07
C ARG G 82 -40.61 -25.18 -3.93
N VAL G 83 -39.65 -25.87 -4.57
CA VAL G 83 -38.26 -25.48 -4.43
C VAL G 83 -38.02 -24.17 -5.17
N GLU G 84 -37.02 -23.42 -4.70
CA GLU G 84 -36.60 -22.16 -5.30
C GLU G 84 -35.13 -22.24 -5.66
N ALA G 85 -34.67 -21.21 -6.38
CA ALA G 85 -33.28 -21.16 -6.78
C ALA G 85 -32.34 -21.06 -5.58
N GLU G 86 -32.78 -20.40 -4.51
CA GLU G 86 -31.97 -20.18 -3.32
C GLU G 86 -31.85 -21.41 -2.43
N ASP G 87 -32.52 -22.52 -2.76
CA ASP G 87 -32.44 -23.74 -1.98
C ASP G 87 -31.25 -24.63 -2.34
N VAL G 88 -30.32 -24.13 -3.15
CA VAL G 88 -29.16 -24.94 -3.52
C VAL G 88 -28.29 -25.18 -2.30
N GLY G 89 -27.80 -26.41 -2.18
CA GLY G 89 -26.93 -26.77 -1.08
C GLY G 89 -27.06 -28.24 -0.76
N VAL G 90 -26.44 -28.63 0.34
CA VAL G 90 -26.44 -30.01 0.80
C VAL G 90 -27.26 -30.08 2.08
N TYR G 91 -28.18 -31.03 2.13
CA TYR G 91 -29.05 -31.21 3.28
C TYR G 91 -28.59 -32.43 4.07
N TYR G 92 -28.38 -32.24 5.37
CA TYR G 92 -27.93 -33.30 6.26
C TYR G 92 -29.00 -33.54 7.32
N CYS G 93 -29.12 -34.80 7.75
CA CYS G 93 -29.93 -35.14 8.91
C CYS G 93 -29.02 -35.58 10.04
N MET G 94 -29.26 -35.03 11.24
CA MET G 94 -28.50 -35.37 12.43
C MET G 94 -29.44 -35.84 13.52
N GLN G 95 -28.99 -36.82 14.29
CA GLN G 95 -29.73 -37.29 15.47
C GLN G 95 -29.01 -36.81 16.72
N ALA G 96 -29.80 -36.37 17.71
CA ALA G 96 -29.27 -35.86 18.97
C ALA G 96 -29.80 -36.66 20.15
N LEU G 97 -30.24 -37.91 19.92
CA LEU G 97 -30.78 -38.75 20.98
C LEU G 97 -29.70 -39.36 21.84
N GLN G 98 -28.82 -40.15 21.22
CA GLN G 98 -27.79 -40.90 21.92
C GLN G 98 -26.41 -40.50 21.41
N THR G 99 -25.48 -40.41 22.34
CA THR G 99 -24.08 -40.13 22.05
C THR G 99 -23.40 -41.38 21.51
N PRO G 100 -22.51 -41.26 20.51
CA PRO G 100 -22.15 -40.00 19.83
C PRO G 100 -23.18 -39.56 18.79
N TYR G 101 -23.34 -38.25 18.67
CA TYR G 101 -24.22 -37.69 17.66
C TYR G 101 -23.64 -37.97 16.28
N THR G 102 -24.51 -38.29 15.32
CA THR G 102 -24.08 -38.67 13.98
C THR G 102 -24.92 -37.96 12.93
N PHE G 103 -24.26 -37.55 11.85
CA PHE G 103 -24.91 -36.89 10.72
C PHE G 103 -25.09 -37.88 9.57
N GLY G 104 -25.99 -37.55 8.65
CA GLY G 104 -26.17 -38.30 7.44
C GLY G 104 -25.08 -38.02 6.43
N GLN G 105 -25.17 -38.73 5.30
CA GLN G 105 -24.18 -38.56 4.23
C GLN G 105 -24.30 -37.22 3.53
N GLY G 106 -25.48 -36.61 3.56
CA GLY G 106 -25.72 -35.37 2.85
C GLY G 106 -26.36 -35.58 1.49
N THR G 107 -27.36 -34.75 1.17
CA THR G 107 -28.05 -34.82 -0.11
C THR G 107 -27.84 -33.49 -0.83
N LYS G 108 -27.11 -33.52 -1.95
CA LYS G 108 -26.87 -32.33 -2.74
C LYS G 108 -28.11 -32.06 -3.60
N LEU G 109 -28.78 -30.94 -3.35
CA LEU G 109 -29.97 -30.56 -4.10
C LEU G 109 -29.55 -29.70 -5.30
N GLU G 110 -29.77 -30.21 -6.50
CA GLU G 110 -29.50 -29.47 -7.72
C GLU G 110 -30.80 -28.88 -8.25
N ILE G 111 -30.76 -27.61 -8.62
CA ILE G 111 -31.93 -26.92 -9.20
C ILE G 111 -31.86 -27.06 -10.72
N LYS G 112 -32.84 -27.74 -11.30
CA LYS G 112 -32.87 -28.02 -12.73
C LYS G 112 -33.32 -26.75 -13.46
N ARG G 113 -32.36 -26.04 -14.03
CA ARG G 113 -32.58 -24.82 -14.75
C ARG G 113 -32.81 -25.15 -16.23
N THR G 114 -33.08 -24.13 -17.04
CA THR G 114 -33.14 -24.34 -18.48
C THR G 114 -31.73 -24.34 -19.03
N VAL G 115 -31.53 -25.09 -20.13
CA VAL G 115 -30.21 -25.19 -20.77
C VAL G 115 -29.63 -23.80 -20.98
N ALA G 116 -28.36 -23.63 -20.63
CA ALA G 116 -27.64 -22.38 -20.82
C ALA G 116 -26.25 -22.72 -21.34
N ALA G 117 -25.97 -22.40 -22.60
CA ALA G 117 -24.64 -22.66 -23.13
C ALA G 117 -23.62 -21.76 -22.44
N PRO G 118 -22.37 -22.22 -22.30
CA PRO G 118 -21.35 -21.41 -21.63
C PRO G 118 -20.76 -20.35 -22.54
N SER G 119 -20.26 -19.29 -21.92
CA SER G 119 -19.41 -18.31 -22.57
C SER G 119 -17.97 -18.76 -22.36
N VAL G 120 -17.27 -19.14 -23.43
CA VAL G 120 -15.94 -19.73 -23.30
C VAL G 120 -14.87 -18.65 -23.47
N PHE G 121 -13.83 -18.72 -22.63
CA PHE G 121 -12.75 -17.74 -22.64
C PHE G 121 -11.40 -18.45 -22.57
N ILE G 122 -10.39 -17.85 -23.19
CA ILE G 122 -9.04 -18.38 -23.26
C ILE G 122 -8.09 -17.32 -22.71
N PHE G 123 -7.21 -17.73 -21.81
CA PHE G 123 -6.26 -16.83 -21.16
C PHE G 123 -4.84 -17.32 -21.44
N PRO G 124 -4.01 -16.55 -22.14
CA PRO G 124 -2.61 -16.96 -22.34
C PRO G 124 -1.79 -16.69 -21.09
N PRO G 125 -0.61 -17.31 -20.97
CA PRO G 125 0.24 -17.01 -19.82
C PRO G 125 0.70 -15.57 -19.85
N SER G 126 0.84 -14.99 -18.67
CA SER G 126 1.29 -13.62 -18.54
C SER G 126 2.81 -13.52 -18.68
N ASP G 127 3.27 -12.34 -19.11
CA ASP G 127 4.70 -12.14 -19.26
C ASP G 127 5.41 -12.24 -17.92
N GLU G 128 4.70 -11.93 -16.83
CA GLU G 128 5.29 -12.13 -15.51
C GLU G 128 5.51 -13.60 -15.21
N GLN G 129 4.52 -14.45 -15.52
CA GLN G 129 4.65 -15.87 -15.22
C GLN G 129 5.69 -16.53 -16.10
N LEU G 130 5.83 -16.07 -17.35
CA LEU G 130 6.87 -16.64 -18.23
C LEU G 130 8.26 -16.40 -17.66
N LYS G 131 8.44 -15.36 -16.85
CA LYS G 131 9.72 -15.14 -16.19
C LYS G 131 9.95 -16.10 -15.04
N SER G 132 8.90 -16.79 -14.56
CA SER G 132 9.01 -17.69 -13.42
C SER G 132 9.35 -19.13 -13.80
N GLY G 133 9.48 -19.41 -15.09
CA GLY G 133 9.81 -20.74 -15.57
C GLY G 133 8.63 -21.64 -15.84
N THR G 134 7.41 -21.16 -15.61
CA THR G 134 6.20 -21.94 -15.82
C THR G 134 5.24 -21.14 -16.69
N ALA G 135 4.39 -21.85 -17.43
CA ALA G 135 3.36 -21.21 -18.23
C ALA G 135 2.02 -21.87 -17.93
N SER G 136 1.02 -21.04 -17.67
CA SER G 136 -0.33 -21.53 -17.43
C SER G 136 -1.29 -20.94 -18.46
N VAL G 137 -1.97 -21.82 -19.19
CA VAL G 137 -3.03 -21.40 -20.08
C VAL G 137 -4.33 -21.77 -19.39
N VAL G 138 -5.24 -20.79 -19.27
CA VAL G 138 -6.50 -20.96 -18.56
C VAL G 138 -7.63 -20.79 -19.55
N CYS G 139 -8.59 -21.72 -19.48
CA CYS G 139 -9.79 -21.75 -20.30
C CYS G 139 -10.96 -21.59 -19.36
N LEU G 140 -11.84 -20.62 -19.64
CA LEU G 140 -12.93 -20.25 -18.76
C LEU G 140 -14.26 -20.55 -19.43
N LEU G 141 -15.11 -21.33 -18.76
CA LEU G 141 -16.50 -21.55 -19.16
C LEU G 141 -17.38 -20.88 -18.12
N ASN G 142 -18.18 -19.90 -18.56
CA ASN G 142 -18.87 -18.99 -17.67
C ASN G 142 -20.38 -19.26 -17.69
N ASN G 143 -20.92 -19.64 -16.52
CA ASN G 143 -22.37 -19.68 -16.25
C ASN G 143 -23.13 -20.52 -17.29
N PHE G 144 -22.98 -21.84 -17.17
CA PHE G 144 -23.67 -22.79 -18.03
C PHE G 144 -24.49 -23.77 -17.20
N TYR G 145 -25.23 -24.64 -17.91
CA TYR G 145 -26.01 -25.72 -17.32
C TYR G 145 -26.40 -26.68 -18.43
N PRO G 146 -26.27 -28.00 -18.22
CA PRO G 146 -25.85 -28.68 -16.99
C PRO G 146 -24.34 -28.65 -16.74
N ARG G 147 -23.87 -29.24 -15.62
CA ARG G 147 -22.45 -29.16 -15.32
C ARG G 147 -21.63 -29.91 -16.35
N GLU G 148 -22.22 -30.90 -16.99
CA GLU G 148 -21.48 -31.77 -17.92
C GLU G 148 -20.87 -30.96 -19.06
N ALA G 149 -19.55 -31.11 -19.23
CA ALA G 149 -18.84 -30.40 -20.28
C ALA G 149 -17.52 -31.11 -20.53
N LYS G 150 -17.05 -31.05 -21.77
CA LYS G 150 -15.78 -31.64 -22.16
C LYS G 150 -14.85 -30.50 -22.60
N VAL G 151 -13.72 -30.34 -21.92
CA VAL G 151 -12.72 -29.34 -22.27
C VAL G 151 -11.47 -30.08 -22.68
N GLN G 152 -11.04 -29.87 -23.91
CA GLN G 152 -9.87 -30.51 -24.46
C GLN G 152 -8.89 -29.43 -24.89
N TRP G 153 -7.61 -29.67 -24.64
CA TRP G 153 -6.55 -28.75 -25.06
C TRP G 153 -5.90 -29.27 -26.33
N LYS G 154 -5.70 -28.39 -27.30
CA LYS G 154 -5.01 -28.74 -28.53
C LYS G 154 -3.91 -27.72 -28.75
N VAL G 155 -2.68 -28.21 -28.87
CA VAL G 155 -1.51 -27.37 -29.13
C VAL G 155 -0.94 -27.77 -30.49
N ASP G 156 -1.09 -26.90 -31.48
CA ASP G 156 -0.75 -27.18 -32.88
C ASP G 156 -1.51 -28.41 -33.39
N ASN G 157 -2.82 -28.42 -33.14
CA ASN G 157 -3.74 -29.49 -33.53
C ASN G 157 -3.40 -30.82 -32.88
N ALA G 158 -2.70 -30.79 -31.76
CA ALA G 158 -2.34 -32.01 -31.05
C ALA G 158 -3.15 -32.05 -29.77
N LEU G 159 -4.07 -33.02 -29.68
CA LEU G 159 -4.91 -33.16 -28.49
C LEU G 159 -4.04 -33.52 -27.29
N GLN G 160 -4.11 -32.71 -26.25
CA GLN G 160 -3.29 -32.89 -25.06
C GLN G 160 -3.97 -33.82 -24.07
N SER G 161 -3.17 -34.42 -23.20
CA SER G 161 -3.67 -35.37 -22.22
C SER G 161 -2.70 -35.44 -21.06
N GLY G 162 -3.20 -35.20 -19.85
CA GLY G 162 -2.44 -35.42 -18.64
C GLY G 162 -1.83 -34.21 -17.99
N ASN G 163 -1.86 -33.03 -18.63
CA ASN G 163 -1.24 -31.83 -18.07
C ASN G 163 -2.24 -30.73 -17.82
N SER G 164 -3.51 -31.06 -17.64
CA SER G 164 -4.55 -30.08 -17.38
C SER G 164 -5.41 -30.56 -16.22
N GLN G 165 -5.96 -29.60 -15.48
CA GLN G 165 -6.82 -29.89 -14.35
C GLN G 165 -7.96 -28.87 -14.33
N GLU G 166 -9.15 -29.33 -13.93
CA GLU G 166 -10.37 -28.53 -14.01
C GLU G 166 -10.89 -28.17 -12.63
N SER G 167 -11.64 -27.07 -12.57
CA SER G 167 -12.17 -26.57 -11.30
C SER G 167 -13.57 -25.99 -11.55
N VAL G 168 -14.56 -26.53 -10.84
CA VAL G 168 -15.96 -26.17 -11.04
C VAL G 168 -16.51 -25.59 -9.75
N THR G 169 -17.31 -24.53 -9.89
CA THR G 169 -17.96 -23.89 -8.76
C THR G 169 -19.25 -24.63 -8.40
N GLU G 170 -19.76 -24.34 -7.21
CA GLU G 170 -21.06 -24.88 -6.82
C GLU G 170 -22.16 -24.18 -7.61
N GLN G 171 -23.35 -24.76 -7.59
CA GLN G 171 -24.48 -24.16 -8.28
C GLN G 171 -24.78 -22.78 -7.71
N ASP G 172 -24.90 -21.79 -8.59
CA ASP G 172 -25.16 -20.43 -8.13
C ASP G 172 -26.56 -20.34 -7.53
N SER G 173 -26.67 -19.62 -6.41
CA SER G 173 -27.93 -19.51 -5.68
C SER G 173 -28.96 -18.63 -6.39
N LYS G 174 -28.57 -17.92 -7.45
CA LYS G 174 -29.48 -17.02 -8.16
C LYS G 174 -29.95 -17.58 -9.49
N ASP G 175 -29.03 -17.91 -10.41
CA ASP G 175 -29.39 -18.40 -11.73
C ASP G 175 -29.13 -19.90 -11.92
N SER G 176 -28.64 -20.58 -10.90
CA SER G 176 -28.45 -22.03 -10.91
C SER G 176 -27.53 -22.47 -12.06
N THR G 177 -26.45 -21.74 -12.27
CA THR G 177 -25.46 -22.04 -13.29
C THR G 177 -24.14 -22.44 -12.64
N TYR G 178 -23.30 -23.12 -13.43
CA TYR G 178 -21.97 -23.52 -13.03
C TYR G 178 -20.93 -22.74 -13.82
N SER G 179 -19.75 -22.61 -13.24
CA SER G 179 -18.60 -22.06 -13.93
C SER G 179 -17.46 -23.05 -13.80
N LEU G 180 -16.65 -23.12 -14.85
CA LEU G 180 -15.57 -24.07 -14.96
C LEU G 180 -14.33 -23.39 -15.50
N SER G 181 -13.18 -23.72 -14.92
CA SER G 181 -11.89 -23.30 -15.44
C SER G 181 -11.02 -24.54 -15.65
N SER G 182 -10.35 -24.59 -16.80
CA SER G 182 -9.41 -25.66 -17.11
C SER G 182 -8.05 -25.04 -17.37
N THR G 183 -7.06 -25.43 -16.56
CA THR G 183 -5.74 -24.83 -16.59
C THR G 183 -4.76 -25.82 -17.20
N LEU G 184 -4.10 -25.42 -18.30
CA LEU G 184 -3.01 -26.17 -18.92
C LEU G 184 -1.70 -25.59 -18.43
N THR G 185 -0.89 -26.41 -17.77
CA THR G 185 0.36 -25.96 -17.14
C THR G 185 1.54 -26.59 -17.83
N LEU G 186 2.37 -25.76 -18.45
CA LEU G 186 3.57 -26.21 -19.11
C LEU G 186 4.75 -25.39 -18.59
N SER G 187 5.94 -25.94 -18.76
CA SER G 187 7.13 -25.17 -18.43
C SER G 187 7.34 -24.08 -19.48
N LYS G 188 8.19 -23.10 -19.13
CA LYS G 188 8.50 -22.04 -20.08
C LYS G 188 9.13 -22.61 -21.34
N ALA G 189 9.93 -23.67 -21.21
CA ALA G 189 10.55 -24.27 -22.37
C ALA G 189 9.52 -24.95 -23.26
N ASP G 190 8.62 -25.73 -22.66
CA ASP G 190 7.60 -26.43 -23.44
C ASP G 190 6.61 -25.45 -24.07
N TYR G 191 6.34 -24.32 -23.41
CA TYR G 191 5.41 -23.35 -23.97
C TYR G 191 5.98 -22.67 -25.20
N GLU G 192 7.27 -22.31 -25.17
CA GLU G 192 7.88 -21.61 -26.27
C GLU G 192 8.19 -22.50 -27.47
N LYS G 193 8.00 -23.82 -27.33
CA LYS G 193 8.22 -24.74 -28.44
C LYS G 193 7.05 -24.79 -29.42
N HIS G 194 5.88 -24.27 -29.05
CA HIS G 194 4.69 -24.36 -29.89
C HIS G 194 4.09 -22.98 -30.11
N LYS G 195 3.12 -22.90 -31.02
CA LYS G 195 2.58 -21.61 -31.45
C LYS G 195 1.10 -21.47 -31.19
N VAL G 196 0.28 -22.44 -31.61
CA VAL G 196 -1.17 -22.31 -31.53
C VAL G 196 -1.66 -23.04 -30.28
N TYR G 197 -2.36 -22.32 -29.41
CA TYR G 197 -2.93 -22.89 -28.21
C TYR G 197 -4.43 -22.67 -28.22
N ALA G 198 -5.19 -23.75 -28.06
CA ALA G 198 -6.66 -23.70 -28.15
C ALA G 198 -7.28 -24.69 -27.18
N CYS G 199 -8.42 -24.31 -26.61
CA CYS G 199 -9.24 -25.23 -25.82
C CYS G 199 -10.58 -25.39 -26.51
N GLU G 200 -11.02 -26.64 -26.64
CA GLU G 200 -12.24 -27.01 -27.33
C GLU G 200 -13.29 -27.42 -26.30
N VAL G 201 -14.47 -26.83 -26.40
CA VAL G 201 -15.54 -27.05 -25.43
C VAL G 201 -16.68 -27.78 -26.11
N THR G 202 -17.14 -28.86 -25.48
CA THR G 202 -18.29 -29.65 -25.93
C THR G 202 -19.36 -29.61 -24.85
N HIS G 203 -20.56 -29.15 -25.21
CA HIS G 203 -21.64 -28.96 -24.26
C HIS G 203 -22.97 -29.15 -24.95
N GLN G 204 -23.98 -29.61 -24.19
CA GLN G 204 -25.28 -29.90 -24.76
C GLN G 204 -25.96 -28.65 -25.31
N GLY G 205 -25.66 -27.48 -24.73
CA GLY G 205 -26.18 -26.24 -25.26
C GLY G 205 -25.50 -25.73 -26.52
N LEU G 206 -24.42 -26.40 -26.96
CA LEU G 206 -23.69 -26.02 -28.17
C LEU G 206 -23.98 -27.06 -29.24
N SER G 207 -24.48 -26.62 -30.39
CA SER G 207 -24.76 -27.56 -31.47
C SER G 207 -23.49 -28.23 -31.94
N SER G 208 -22.43 -27.46 -32.11
CA SER G 208 -21.12 -27.96 -32.47
C SER G 208 -20.11 -27.39 -31.48
N PRO G 209 -19.01 -28.10 -31.25
CA PRO G 209 -18.05 -27.67 -30.22
C PRO G 209 -17.46 -26.30 -30.52
N VAL G 210 -17.30 -25.50 -29.46
CA VAL G 210 -16.78 -24.14 -29.58
C VAL G 210 -15.31 -24.13 -29.19
N THR G 211 -14.51 -23.39 -29.94
CA THR G 211 -13.07 -23.33 -29.74
C THR G 211 -12.64 -21.88 -29.56
N LYS G 212 -11.93 -21.61 -28.46
CA LYS G 212 -11.24 -20.34 -28.26
C LYS G 212 -9.75 -20.61 -28.32
N SER G 213 -9.02 -19.82 -29.10
CA SER G 213 -7.62 -20.07 -29.34
C SER G 213 -6.85 -18.78 -29.28
N PHE G 214 -5.53 -18.90 -29.39
CA PHE G 214 -4.63 -17.77 -29.51
C PHE G 214 -3.29 -18.26 -30.04
N ASN G 215 -2.55 -17.33 -30.63
CA ASN G 215 -1.25 -17.62 -31.18
C ASN G 215 -0.17 -17.00 -30.31
N ARG G 216 0.78 -17.81 -29.88
CA ARG G 216 1.85 -17.32 -29.03
C ARG G 216 2.67 -16.34 -29.86
N GLY G 217 2.08 -15.17 -30.11
CA GLY G 217 2.67 -14.16 -30.96
C GLY G 217 1.82 -12.91 -31.11
N ASP H 1 46.35 -5.58 -28.95
CA ASP H 1 45.82 -4.83 -27.81
C ASP H 1 46.90 -4.39 -26.84
N ILE H 2 46.79 -3.15 -26.37
CA ILE H 2 47.71 -2.61 -25.38
C ILE H 2 47.31 -3.12 -24.00
N VAL H 3 48.27 -3.63 -23.23
CA VAL H 3 48.02 -4.16 -21.91
C VAL H 3 48.35 -3.10 -20.87
N MET H 4 47.36 -2.73 -20.05
CA MET H 4 47.53 -1.77 -18.98
C MET H 4 47.67 -2.51 -17.66
N THR H 5 48.80 -2.33 -16.99
CA THR H 5 49.11 -3.02 -15.74
C THR H 5 49.15 -2.00 -14.62
N GLN H 6 48.30 -2.20 -13.61
CA GLN H 6 48.27 -1.36 -12.43
C GLN H 6 49.01 -2.02 -11.27
N SER H 7 49.67 -1.19 -10.45
CA SER H 7 50.44 -1.64 -9.30
C SER H 7 50.46 -0.52 -8.27
N PRO H 8 50.10 -0.81 -7.00
CA PRO H 8 49.65 -2.13 -6.54
C PRO H 8 48.15 -2.36 -6.71
N LEU H 9 47.67 -3.53 -6.28
CA LEU H 9 46.23 -3.80 -6.32
C LEU H 9 45.52 -3.23 -5.10
N SER H 10 46.19 -3.19 -3.96
CA SER H 10 45.67 -2.58 -2.73
C SER H 10 46.72 -1.64 -2.17
N LEU H 11 46.25 -0.51 -1.64
CA LEU H 11 47.13 0.56 -1.16
C LEU H 11 46.62 1.07 0.17
N PRO H 12 47.15 0.58 1.29
CA PRO H 12 46.79 1.16 2.60
C PRO H 12 47.57 2.44 2.85
N VAL H 13 46.85 3.54 3.09
CA VAL H 13 47.44 4.86 3.31
C VAL H 13 46.74 5.51 4.50
N THR H 14 47.53 5.96 5.48
CA THR H 14 46.97 6.72 6.59
C THR H 14 46.63 8.14 6.13
N PRO H 15 45.54 8.72 6.62
CA PRO H 15 45.18 10.08 6.20
C PRO H 15 46.30 11.09 6.49
N GLY H 16 46.55 11.97 5.51
CA GLY H 16 47.60 12.97 5.59
C GLY H 16 48.88 12.65 4.86
N GLU H 17 49.13 11.36 4.53
CA GLU H 17 50.29 10.84 3.81
C GLU H 17 49.99 10.77 2.31
N PRO H 18 51.03 10.82 1.46
CA PRO H 18 50.81 10.75 0.02
C PRO H 18 50.48 9.32 -0.42
N ALA H 19 49.86 9.25 -1.59
CA ALA H 19 49.58 7.97 -2.25
C ALA H 19 50.07 8.04 -3.68
N SER H 20 50.54 6.91 -4.19
CA SER H 20 51.08 6.84 -5.54
C SER H 20 50.65 5.54 -6.18
N ILE H 21 50.06 5.63 -7.37
CA ILE H 21 49.62 4.47 -8.15
C ILE H 21 50.31 4.54 -9.51
N SER H 22 50.87 3.42 -9.93
CA SER H 22 51.58 3.33 -11.20
C SER H 22 50.74 2.56 -12.22
N CYS H 23 51.00 2.84 -13.50
CA CYS H 23 50.28 2.22 -14.60
C CYS H 23 51.27 2.05 -15.76
N ARG H 24 51.48 0.81 -16.18
CA ARG H 24 52.44 0.50 -17.24
C ARG H 24 51.71 -0.04 -18.47
N SER H 25 52.11 0.47 -19.65
CA SER H 25 51.52 0.05 -20.91
C SER H 25 52.58 -0.65 -21.76
N SER H 26 52.14 -1.62 -22.56
CA SER H 26 53.04 -2.35 -23.43
C SER H 26 53.42 -1.60 -24.70
N GLN H 27 52.98 -0.35 -24.86
CA GLN H 27 53.31 0.43 -26.05
C GLN H 27 53.26 1.92 -25.70
N SER H 28 54.07 2.71 -26.41
CA SER H 28 54.11 4.15 -26.20
C SER H 28 52.76 4.80 -26.53
N LEU H 29 52.29 5.67 -25.64
CA LEU H 29 51.01 6.35 -25.80
C LEU H 29 51.14 7.77 -26.38
N LEU H 30 52.28 8.11 -26.96
CA LEU H 30 52.48 9.45 -27.53
C LEU H 30 52.08 9.49 -28.99
N HIS H 31 51.07 10.31 -29.31
CA HIS H 31 50.71 10.54 -30.70
C HIS H 31 51.66 11.58 -31.29
N SER H 32 51.49 11.88 -32.59
CA SER H 32 52.34 12.91 -33.19
C SER H 32 52.02 14.29 -32.63
N ASN H 33 50.76 14.56 -32.32
CA ASN H 33 50.37 15.78 -31.64
C ASN H 33 50.74 15.68 -30.16
N TYR H 35 50.73 14.84 -26.89
CA TYR H 35 49.70 14.36 -25.97
C TYR H 35 49.84 12.87 -25.64
N ASN H 36 49.79 12.53 -24.35
CA ASN H 36 49.74 11.16 -23.89
C ASN H 36 48.28 10.81 -23.61
N TYR H 37 47.74 9.88 -24.39
CA TYR H 37 46.31 9.55 -24.29
C TYR H 37 46.10 8.53 -23.17
N LEU H 38 46.29 9.01 -21.95
CA LEU H 38 46.06 8.20 -20.76
C LEU H 38 45.24 9.01 -19.77
N ASP H 39 44.17 8.41 -19.28
CA ASP H 39 43.27 9.04 -18.35
C ASP H 39 43.21 8.22 -17.07
N TRP H 40 42.91 8.90 -15.97
CA TRP H 40 42.73 8.28 -14.67
C TRP H 40 41.28 8.42 -14.25
N TYR H 41 40.72 7.34 -13.71
CA TYR H 41 39.33 7.32 -13.27
C TYR H 41 39.24 6.83 -11.83
N LEU H 42 38.29 7.40 -11.09
CA LEU H 42 38.01 7.01 -9.71
C LEU H 42 36.58 6.49 -9.63
N GLN H 43 36.40 5.37 -8.94
CA GLN H 43 35.07 4.80 -8.71
C GLN H 43 34.85 4.67 -7.20
N LYS H 44 34.04 5.58 -6.65
CA LYS H 44 33.71 5.50 -5.23
C LYS H 44 32.72 4.37 -4.98
N PRO H 45 32.71 3.81 -3.77
CA PRO H 45 31.81 2.68 -3.50
C PRO H 45 30.36 3.07 -3.71
N GLY H 46 29.67 2.28 -4.52
CA GLY H 46 28.27 2.49 -4.84
C GLY H 46 27.99 3.53 -5.90
N GLN H 47 29.02 4.06 -6.56
CA GLN H 47 28.84 5.09 -7.57
C GLN H 47 29.52 4.66 -8.87
N SER H 48 29.23 5.40 -9.92
CA SER H 48 29.87 5.19 -11.21
C SER H 48 31.25 5.84 -11.22
N PRO H 49 32.14 5.39 -12.11
CA PRO H 49 33.47 6.00 -12.17
C PRO H 49 33.40 7.49 -12.52
N GLN H 50 34.37 8.25 -12.00
CA GLN H 50 34.46 9.69 -12.23
C GLN H 50 35.86 10.03 -12.72
N LEU H 51 35.93 10.89 -13.73
CA LEU H 51 37.22 11.24 -14.31
C LEU H 51 38.03 12.13 -13.37
N LEU H 52 39.31 11.78 -13.19
CA LEU H 52 40.24 12.55 -12.36
C LEU H 52 41.26 13.31 -13.19
N ILE H 53 42.08 12.61 -13.96
CA ILE H 53 43.15 13.20 -14.76
C ILE H 53 42.97 12.76 -16.21
N TYR H 54 43.07 13.70 -17.14
CA TYR H 54 42.94 13.45 -18.56
C TYR H 54 44.21 13.85 -19.32
N LEU H 55 44.48 13.13 -20.40
CA LEU H 55 45.68 13.38 -21.22
C LEU H 55 46.97 13.31 -20.39
N GLY H 56 47.06 12.28 -19.56
CA GLY H 56 48.29 12.05 -18.76
C GLY H 56 48.55 12.90 -17.51
N SER H 57 48.44 14.23 -17.61
CA SER H 57 48.81 15.09 -16.49
C SER H 57 47.89 16.30 -16.31
N ASN H 58 46.75 16.36 -16.99
CA ASN H 58 45.84 17.49 -16.88
C ASN H 58 44.69 17.16 -15.94
N ARG H 59 44.47 18.03 -14.95
CA ARG H 59 43.44 17.84 -13.94
C ARG H 59 42.07 18.20 -14.50
N ALA H 60 41.09 17.32 -14.30
CA ALA H 60 39.74 17.54 -14.81
C ALA H 60 39.01 18.60 -13.96
N SER H 61 37.88 19.06 -14.50
CA SER H 61 37.08 20.08 -13.82
C SER H 61 36.50 19.53 -12.52
N GLY H 62 36.63 20.30 -11.45
CA GLY H 62 36.14 19.90 -10.15
C GLY H 62 37.08 19.03 -9.34
N VAL H 63 38.17 18.55 -9.94
CA VAL H 63 39.13 17.71 -9.23
C VAL H 63 40.03 18.62 -8.40
N PRO H 64 40.18 18.35 -7.10
CA PRO H 64 41.06 19.20 -6.28
C PRO H 64 42.50 19.08 -6.73
N ASP H 65 43.28 20.13 -6.42
CA ASP H 65 44.69 20.14 -6.79
C ASP H 65 45.52 19.10 -6.04
N ARG H 66 44.91 18.37 -5.09
CA ARG H 66 45.61 17.27 -4.43
C ARG H 66 45.94 16.15 -5.39
N PHE H 67 45.15 16.00 -6.46
CA PHE H 67 45.38 14.99 -7.48
C PHE H 67 46.29 15.52 -8.58
N SER H 68 47.20 14.68 -9.05
CA SER H 68 48.13 15.04 -10.10
C SER H 68 48.53 13.79 -10.87
N GLY H 69 48.86 13.98 -12.14
CA GLY H 69 49.31 12.87 -12.97
C GLY H 69 50.62 13.20 -13.63
N SER H 70 51.39 12.15 -13.93
CA SER H 70 52.70 12.30 -14.53
C SER H 70 53.03 11.05 -15.32
N GLY H 71 54.16 11.11 -16.01
CA GLY H 71 54.68 9.99 -16.77
C GLY H 71 54.63 10.23 -18.26
N SER H 72 55.32 9.35 -18.99
CA SER H 72 55.35 9.43 -20.45
C SER H 72 55.84 8.09 -21.00
N GLY H 73 55.40 7.79 -22.23
CA GLY H 73 55.82 6.59 -22.91
C GLY H 73 55.07 5.34 -22.49
N THR H 74 55.66 4.57 -21.58
CA THR H 74 55.08 3.33 -21.13
C THR H 74 54.91 3.27 -19.61
N ASP H 75 55.22 4.35 -18.90
CA ASP H 75 55.13 4.39 -17.45
C ASP H 75 54.44 5.68 -17.03
N PHE H 76 53.30 5.56 -16.34
CA PHE H 76 52.55 6.69 -15.84
C PHE H 76 52.26 6.47 -14.37
N THR H 77 52.06 7.57 -13.63
CA THR H 77 51.87 7.51 -12.19
C THR H 77 50.80 8.50 -11.75
N LEU H 78 49.80 8.02 -11.01
CA LEU H 78 48.80 8.88 -10.38
C LEU H 78 49.18 9.08 -8.93
N LYS H 79 49.16 10.32 -8.48
CA LYS H 79 49.59 10.66 -7.13
C LYS H 79 48.55 11.53 -6.45
N ILE H 80 48.27 11.22 -5.20
CA ILE H 80 47.41 12.05 -4.34
C ILE H 80 48.31 12.63 -3.27
N SER H 81 48.44 13.96 -3.26
CA SER H 81 49.37 14.60 -2.35
C SER H 81 49.01 14.34 -0.89
N ARG H 82 47.74 14.51 -0.54
CA ARG H 82 47.28 14.28 0.82
C ARG H 82 45.91 13.60 0.75
N VAL H 83 45.85 12.31 1.06
CA VAL H 83 44.59 11.58 0.95
C VAL H 83 43.61 12.00 2.05
N GLU H 84 42.33 11.89 1.73
CA GLU H 84 41.24 12.18 2.67
C GLU H 84 40.33 10.97 2.78
N ALA H 85 39.42 11.03 3.75
CA ALA H 85 38.53 9.91 3.99
C ALA H 85 37.64 9.61 2.79
N GLU H 86 37.26 10.65 2.05
CA GLU H 86 36.36 10.51 0.92
C GLU H 86 37.03 9.96 -0.33
N ASP H 87 38.35 9.72 -0.30
CA ASP H 87 39.04 9.19 -1.47
C ASP H 87 38.95 7.67 -1.57
N VAL H 88 38.12 7.03 -0.75
CA VAL H 88 38.01 5.56 -0.79
C VAL H 88 37.38 5.13 -2.11
N GLY H 89 37.92 4.08 -2.68
CA GLY H 89 37.42 3.55 -3.93
C GLY H 89 38.53 2.85 -4.68
N VAL H 90 38.25 2.52 -5.94
CA VAL H 90 39.19 1.82 -6.81
C VAL H 90 39.58 2.78 -7.92
N TYR H 91 40.89 2.90 -8.16
CA TYR H 91 41.42 3.79 -9.18
C TYR H 91 41.86 2.99 -10.40
N TYR H 92 41.39 3.40 -11.57
CA TYR H 92 41.71 2.73 -12.82
C TYR H 92 42.45 3.68 -13.74
N CYS H 93 43.36 3.13 -14.54
CA CYS H 93 43.98 3.85 -15.64
C CYS H 93 43.51 3.26 -16.97
N MET H 94 43.12 4.12 -17.91
CA MET H 94 42.67 3.69 -19.23
C MET H 94 43.50 4.40 -20.29
N GLN H 95 43.73 3.72 -21.40
CA GLN H 95 44.43 4.30 -22.54
C GLN H 95 43.43 4.59 -23.66
N ALA H 96 43.60 5.76 -24.30
CA ALA H 96 42.76 6.19 -25.40
C ALA H 96 43.58 6.47 -26.66
N LEU H 97 44.78 5.90 -26.76
CA LEU H 97 45.65 6.16 -27.90
C LEU H 97 45.19 5.35 -29.12
N GLN H 98 45.18 4.03 -28.99
CA GLN H 98 44.79 3.13 -30.06
C GLN H 98 43.63 2.26 -29.58
N THR H 99 42.69 2.04 -30.47
CA THR H 99 41.56 1.16 -30.21
C THR H 99 42.00 -0.30 -30.31
N PRO H 100 41.47 -1.20 -29.47
CA PRO H 100 40.47 -0.96 -28.43
C PRO H 100 41.06 -0.35 -27.16
N TYR H 101 40.29 0.53 -26.52
CA TYR H 101 40.69 1.10 -25.24
C TYR H 101 40.68 0.01 -24.16
N THR H 102 41.67 0.08 -23.25
CA THR H 102 41.84 -0.93 -22.22
C THR H 102 42.08 -0.28 -20.87
N PHE H 103 41.49 -0.86 -19.83
CA PHE H 103 41.65 -0.40 -18.46
C PHE H 103 42.63 -1.32 -17.72
N GLY H 104 43.17 -0.80 -16.63
CA GLY H 104 44.00 -1.60 -15.75
C GLY H 104 43.16 -2.51 -14.86
N GLN H 105 43.87 -3.28 -14.03
CA GLN H 105 43.20 -4.20 -13.11
C GLN H 105 42.47 -3.48 -11.98
N GLY H 106 42.85 -2.24 -11.67
CA GLY H 106 42.22 -1.50 -10.59
C GLY H 106 42.94 -1.58 -9.26
N THR H 107 43.05 -0.45 -8.57
CA THR H 107 43.75 -0.36 -7.29
C THR H 107 42.75 0.02 -6.21
N LYS H 108 42.51 -0.88 -5.26
CA LYS H 108 41.61 -0.61 -4.15
C LYS H 108 42.36 0.17 -3.08
N LEU H 109 41.96 1.42 -2.86
CA LEU H 109 42.60 2.29 -1.87
C LEU H 109 41.93 2.09 -0.52
N GLU H 110 42.65 1.53 0.43
CA GLU H 110 42.17 1.35 1.81
C GLU H 110 42.74 2.45 2.68
N ILE H 111 41.89 3.07 3.48
CA ILE H 111 42.29 4.15 4.39
C ILE H 111 42.68 3.53 5.73
N LYS H 112 43.93 3.73 6.13
CA LYS H 112 44.45 3.15 7.38
C LYS H 112 43.95 3.96 8.57
N ARG H 113 42.93 3.42 9.25
CA ARG H 113 42.29 4.06 10.38
C ARG H 113 42.95 3.58 11.68
N THR H 114 42.52 4.15 12.81
CA THR H 114 42.93 3.74 14.14
C THR H 114 42.13 2.53 14.63
N VAL H 115 42.75 1.80 15.57
CA VAL H 115 42.19 0.59 16.21
C VAL H 115 41.54 -0.36 15.24
N ALA H 117 37.15 -2.18 16.61
CA ALA H 117 36.22 -2.57 17.66
C ALA H 117 34.78 -2.66 17.13
N PRO H 118 34.31 -3.86 16.84
CA PRO H 118 32.95 -4.02 16.30
C PRO H 118 31.86 -4.12 17.35
N SER H 119 30.67 -3.70 16.94
CA SER H 119 29.44 -3.95 17.69
C SER H 119 28.80 -5.22 17.15
N VAL H 120 28.73 -6.26 17.98
CA VAL H 120 28.23 -7.55 17.55
C VAL H 120 26.75 -7.65 17.92
N PHE H 121 25.95 -8.16 16.98
CA PHE H 121 24.52 -8.32 17.19
C PHE H 121 24.11 -9.70 16.69
N ILE H 122 23.08 -10.27 17.33
CA ILE H 122 22.57 -11.59 16.97
C ILE H 122 21.08 -11.47 16.69
N PHE H 123 20.63 -12.07 15.60
CA PHE H 123 19.23 -12.01 15.19
C PHE H 123 18.65 -13.40 15.05
N PRO H 124 17.64 -13.75 15.84
CA PRO H 124 16.99 -15.06 15.71
C PRO H 124 16.09 -15.09 14.50
N PRO H 125 15.68 -16.28 14.05
CA PRO H 125 14.73 -16.36 12.93
C PRO H 125 13.35 -15.85 13.31
N SER H 126 12.66 -15.30 12.32
CA SER H 126 11.29 -14.84 12.53
C SER H 126 10.33 -16.03 12.53
N ASP H 127 9.19 -15.85 13.20
CA ASP H 127 8.17 -16.91 13.22
C ASP H 127 7.58 -17.14 11.85
N GLU H 128 7.57 -16.13 10.98
CA GLU H 128 7.06 -16.30 9.62
C GLU H 128 7.94 -17.25 8.82
N GLN H 129 9.26 -17.11 8.91
CA GLN H 129 10.17 -17.96 8.17
C GLN H 129 10.17 -19.40 8.67
N LEU H 130 9.96 -19.61 9.98
CA LEU H 130 9.92 -20.96 10.52
C LEU H 130 8.78 -21.78 9.92
N LYS H 131 7.73 -21.14 9.43
CA LYS H 131 6.69 -21.91 8.74
C LYS H 131 7.11 -22.39 7.36
N SER H 132 8.19 -21.86 6.79
CA SER H 132 8.63 -22.20 5.44
C SER H 132 9.61 -23.37 5.42
N GLY H 133 9.96 -23.93 6.57
CA GLY H 133 10.88 -25.04 6.66
C GLY H 133 12.32 -24.67 6.83
N THR H 134 12.66 -23.38 6.85
CA THR H 134 14.04 -22.92 7.00
C THR H 134 14.12 -21.89 8.11
N ALA H 135 15.28 -21.82 8.76
CA ALA H 135 15.55 -20.88 9.83
C ALA H 135 16.84 -20.13 9.52
N SER H 136 16.82 -18.81 9.64
CA SER H 136 18.00 -18.00 9.39
C SER H 136 18.38 -17.26 10.66
N VAL H 137 19.59 -17.52 11.14
CA VAL H 137 20.18 -16.78 12.24
C VAL H 137 21.21 -15.84 11.64
N VAL H 138 21.13 -14.55 11.98
CA VAL H 138 21.97 -13.52 11.40
C VAL H 138 22.82 -12.90 12.49
N CYS H 139 24.10 -12.71 12.20
CA CYS H 139 25.06 -12.12 13.12
C CYS H 139 25.59 -10.86 12.45
N LEU H 140 25.53 -9.73 13.16
CA LEU H 140 25.87 -8.42 12.62
C LEU H 140 27.09 -7.84 13.35
N LEU H 141 28.12 -7.48 12.60
CA LEU H 141 29.28 -6.77 13.11
C LEU H 141 29.28 -5.36 12.52
N ASN H 142 29.21 -4.36 13.37
CA ASN H 142 28.91 -2.99 12.96
C ASN H 142 30.14 -2.10 13.11
N ASN H 143 30.59 -1.54 11.98
CA ASN H 143 31.58 -0.44 11.90
C ASN H 143 32.87 -0.73 12.69
N PHE H 144 33.70 -1.62 12.13
CA PHE H 144 34.99 -1.99 12.72
C PHE H 144 36.13 -1.77 11.72
N TYR H 145 37.36 -1.99 12.20
CA TYR H 145 38.57 -1.92 11.38
C TYR H 145 39.71 -2.60 12.13
N PRO H 146 40.55 -3.40 11.47
CA PRO H 146 40.54 -3.74 10.03
C PRO H 146 39.48 -4.78 9.62
N ARG H 147 39.43 -5.14 8.32
CA ARG H 147 38.40 -6.06 7.84
C ARG H 147 38.59 -7.46 8.40
N GLU H 148 39.82 -7.84 8.74
CA GLU H 148 40.11 -9.19 9.21
C GLU H 148 39.32 -9.50 10.48
N ALA H 149 38.54 -10.58 10.43
CA ALA H 149 37.71 -11.01 11.54
C ALA H 149 37.33 -12.46 11.34
N LYS H 150 37.11 -13.16 12.45
CA LYS H 150 36.67 -14.54 12.42
C LYS H 150 35.28 -14.62 13.05
N VAL H 151 34.30 -15.11 12.29
CA VAL H 151 32.93 -15.32 12.77
C VAL H 151 32.62 -16.80 12.73
N GLN H 152 32.34 -17.38 13.88
CA GLN H 152 32.06 -18.79 14.01
C GLN H 152 30.66 -18.96 14.61
N TRP H 153 29.94 -19.96 14.14
CA TRP H 153 28.64 -20.29 14.71
C TRP H 153 28.79 -21.49 15.63
N LYS H 154 28.21 -21.38 16.82
CA LYS H 154 28.22 -22.46 17.81
C LYS H 154 26.78 -22.69 18.26
N VAL H 155 26.29 -23.91 18.08
CA VAL H 155 24.96 -24.27 18.55
C VAL H 155 25.13 -25.30 19.66
N ASP H 156 24.88 -24.88 20.90
CA ASP H 156 25.16 -25.68 22.08
C ASP H 156 26.64 -26.03 22.17
N ASN H 157 27.49 -25.02 21.98
CA ASN H 157 28.95 -25.14 22.02
C ASN H 157 29.50 -26.10 20.97
N ALA H 158 28.76 -26.31 19.89
CA ALA H 158 29.18 -27.19 18.81
C ALA H 158 29.50 -26.30 17.63
N LEU H 159 30.79 -26.22 17.28
CA LEU H 159 31.22 -25.35 16.21
C LEU H 159 30.64 -25.81 14.89
N GLN H 160 29.96 -24.90 14.20
CA GLN H 160 29.32 -25.20 12.93
C GLN H 160 30.30 -25.00 11.79
N SER H 161 30.01 -25.66 10.68
CA SER H 161 30.88 -25.57 9.51
C SER H 161 30.09 -25.99 8.29
N GLY H 162 30.03 -25.12 7.28
CA GLY H 162 29.41 -25.44 6.01
C GLY H 162 28.02 -24.87 5.80
N ASN H 163 27.41 -24.28 6.83
CA ASN H 163 26.05 -23.75 6.74
C ASN H 163 25.97 -22.25 6.99
N SER H 164 27.06 -21.51 6.78
CA SER H 164 27.08 -20.07 7.00
C SER H 164 27.80 -19.38 5.85
N GLN H 165 27.39 -18.14 5.57
CA GLN H 165 28.00 -17.33 4.51
C GLN H 165 28.12 -15.89 5.01
N GLU H 166 29.21 -15.20 4.63
CA GLU H 166 29.48 -13.86 5.13
C GLU H 166 29.43 -12.83 4.00
N SER H 167 29.15 -11.60 4.38
CA SER H 167 29.04 -10.50 3.43
C SER H 167 29.58 -9.24 4.08
N VAL H 168 30.56 -8.60 3.44
CA VAL H 168 31.23 -7.42 3.98
C VAL H 168 30.98 -6.24 3.05
N THR H 169 30.73 -5.07 3.62
CA THR H 169 30.55 -3.86 2.85
C THR H 169 31.89 -3.24 2.48
N GLU H 170 31.84 -2.31 1.53
CA GLU H 170 33.05 -1.56 1.23
C GLU H 170 33.34 -0.58 2.35
N GLN H 171 34.58 -0.09 2.38
CA GLN H 171 34.98 0.84 3.41
C GLN H 171 34.12 2.10 3.35
N ASP H 172 33.60 2.51 4.52
CA ASP H 172 32.75 3.69 4.56
C ASP H 172 33.57 4.94 4.25
N SER H 173 32.98 5.85 3.48
CA SER H 173 33.70 7.03 3.03
C SER H 173 33.96 8.04 4.13
N LYS H 174 33.34 7.91 5.30
CA LYS H 174 33.48 8.89 6.37
C LYS H 174 34.40 8.41 7.50
N ASP H 175 34.09 7.27 8.10
CA ASP H 175 34.87 6.76 9.23
C ASP H 175 35.76 5.58 8.86
N SER H 176 35.76 5.18 7.60
CA SER H 176 36.68 4.15 7.10
C SER H 176 36.51 2.83 7.85
N THR H 177 35.26 2.45 8.08
CA THR H 177 34.91 1.22 8.78
C THR H 177 34.22 0.24 7.83
N TYR H 178 34.19 -1.02 8.24
CA TYR H 178 33.50 -2.09 7.55
C TYR H 178 32.33 -2.58 8.38
N SER H 179 31.35 -3.19 7.71
CA SER H 179 30.28 -3.92 8.37
C SER H 179 30.22 -5.31 7.76
N LEU H 180 29.89 -6.30 8.59
CA LEU H 180 29.84 -7.68 8.15
C LEU H 180 28.62 -8.38 8.74
N SER H 181 27.95 -9.18 7.91
CA SER H 181 26.84 -10.01 8.35
C SER H 181 27.15 -11.46 8.01
N SER H 182 26.85 -12.34 8.96
CA SER H 182 26.99 -13.77 8.79
C SER H 182 25.64 -14.41 9.06
N THR H 183 25.15 -15.17 8.07
CA THR H 183 23.83 -15.78 8.14
C THR H 183 24.01 -17.29 8.32
N LEU H 184 23.45 -17.83 9.40
CA LEU H 184 23.40 -19.26 9.66
C LEU H 184 22.05 -19.79 9.21
N THR H 185 22.06 -20.74 8.28
CA THR H 185 20.83 -21.25 7.68
C THR H 185 20.66 -22.72 8.03
N LEU H 186 19.57 -23.03 8.75
CA LEU H 186 19.21 -24.38 9.15
C LEU H 186 17.76 -24.64 8.75
N SER H 187 17.41 -25.92 8.71
CA SER H 187 16.02 -26.31 8.52
C SER H 187 15.24 -26.07 9.82
N LYS H 188 13.91 -26.04 9.70
CA LYS H 188 13.08 -25.88 10.89
C LYS H 188 13.26 -27.04 11.87
N ALA H 189 13.47 -28.25 11.35
CA ALA H 189 13.65 -29.42 12.22
C ALA H 189 14.98 -29.33 12.98
N ASP H 190 16.05 -28.98 12.28
CA ASP H 190 17.34 -28.84 12.96
C ASP H 190 17.35 -27.65 13.90
N TYR H 191 16.60 -26.59 13.60
CA TYR H 191 16.56 -25.44 14.49
C TYR H 191 15.85 -25.79 15.80
N GLU H 192 14.75 -26.54 15.72
CA GLU H 192 13.97 -26.90 16.89
C GLU H 192 14.63 -28.01 17.72
N LYS H 193 15.67 -28.66 17.21
CA LYS H 193 16.37 -29.72 17.93
C LYS H 193 17.35 -29.20 18.96
N HIS H 194 17.68 -27.91 18.93
CA HIS H 194 18.68 -27.32 19.80
C HIS H 194 18.08 -26.13 20.53
N LYS H 195 18.87 -25.59 21.46
CA LYS H 195 18.39 -24.51 22.32
C LYS H 195 19.23 -23.24 22.19
N VAL H 196 20.55 -23.34 22.33
CA VAL H 196 21.42 -22.16 22.41
C VAL H 196 22.03 -21.90 21.05
N TYR H 197 21.83 -20.69 20.53
CA TYR H 197 22.42 -20.29 19.26
C TYR H 197 23.30 -19.07 19.51
N ALA H 198 24.58 -19.16 19.12
CA ALA H 198 25.50 -18.07 19.42
C ALA H 198 26.52 -17.94 18.30
N CYS H 199 26.89 -16.69 18.00
CA CYS H 199 27.99 -16.41 17.08
C CYS H 199 29.11 -15.75 17.86
N GLU H 200 30.33 -16.23 17.64
CA GLU H 200 31.51 -15.78 18.34
C GLU H 200 32.38 -14.97 17.37
N VAL H 201 32.77 -13.77 17.80
CA VAL H 201 33.52 -12.85 16.97
C VAL H 201 34.93 -12.73 17.52
N THR H 202 35.92 -12.88 16.65
CA THR H 202 37.33 -12.73 17.00
C THR H 202 37.90 -11.57 16.20
N HIS H 203 38.47 -10.58 16.89
CA HIS H 203 38.98 -9.39 16.22
C HIS H 203 40.13 -8.84 17.05
N GLN H 204 41.10 -8.21 16.36
CA GLN H 204 42.29 -7.71 17.07
C GLN H 204 41.94 -6.57 18.03
N GLY H 205 40.90 -5.80 17.73
CA GLY H 205 40.46 -4.80 18.68
C GLY H 205 39.76 -5.36 19.90
N LEU H 206 39.52 -6.67 19.96
CA LEU H 206 38.90 -7.33 21.10
C LEU H 206 39.94 -8.18 21.81
N SER H 207 40.14 -7.92 23.11
CA SER H 207 41.13 -8.68 23.87
C SER H 207 40.79 -10.15 23.88
N SER H 208 39.52 -10.47 24.05
CA SER H 208 38.99 -11.83 24.00
C SER H 208 37.81 -11.87 23.05
N PRO H 209 37.55 -13.03 22.44
CA PRO H 209 36.43 -13.11 21.50
C PRO H 209 35.11 -12.86 22.19
N VAL H 210 34.23 -12.13 21.51
CA VAL H 210 32.93 -11.74 22.05
C VAL H 210 31.86 -12.64 21.46
N THR H 211 30.93 -13.06 22.31
CA THR H 211 29.86 -13.96 21.91
C THR H 211 28.53 -13.29 22.23
N LYS H 212 27.68 -13.22 21.23
CA LYS H 212 26.30 -12.80 21.38
C LYS H 212 25.44 -14.04 21.14
N SER H 213 24.46 -14.25 22.01
CA SER H 213 23.73 -15.52 22.03
C SER H 213 22.24 -15.26 22.19
N PHE H 214 21.46 -16.33 22.09
CA PHE H 214 20.05 -16.32 22.40
C PHE H 214 19.54 -17.75 22.52
N ASN H 215 18.39 -17.89 23.18
CA ASN H 215 17.72 -19.18 23.33
C ASN H 215 16.44 -19.18 22.52
N ARG H 216 16.22 -20.25 21.76
CA ARG H 216 15.01 -20.28 20.93
C ARG H 216 13.74 -20.27 21.76
N GLY H 217 13.82 -20.29 23.08
CA GLY H 217 12.62 -20.33 23.90
C GLY H 217 12.00 -18.99 24.28
N GLU H 218 12.71 -17.87 24.07
CA GLU H 218 12.32 -16.60 24.67
C GLU H 218 12.06 -15.52 23.62
N CYS H 219 11.20 -14.57 24.01
CA CYS H 219 10.96 -13.32 23.27
C CYS H 219 10.44 -12.21 24.18
C1 GOL I . -20.82 -4.05 -11.61
O1 GOL I . -20.35 -3.84 -10.31
C2 GOL I . -19.71 -4.88 -12.35
O2 GOL I . -18.97 -4.12 -13.22
C3 GOL I . -20.51 -6.03 -13.03
O3 GOL I . -19.55 -6.94 -13.44
C1 GOL J . -21.99 18.14 15.11
O1 GOL J . -22.32 16.84 14.69
C2 GOL J . -22.75 19.16 14.23
O2 GOL J . -24.10 18.90 14.19
C3 GOL J . -22.42 20.54 14.93
O3 GOL J . -21.11 20.90 14.54
C1 GOL K . 0.01 17.92 17.92
O1 GOL K . -0.20 19.19 18.50
C2 GOL K . 1.55 17.79 17.50
O2 GOL K . 2.10 16.62 17.98
C3 GOL K . 1.57 17.90 15.90
O3 GOL K . 2.92 17.96 15.49
C1 GOL L . -37.99 5.61 1.90
O1 GOL L . -37.15 6.66 2.30
C2 GOL L . -38.13 5.70 0.35
O2 GOL L . -37.68 4.59 -0.30
C3 GOL L . -39.66 5.94 0.14
O3 GOL L . -39.89 5.83 -1.24
C1 GOL M . -4.86 35.68 -25.57
O1 GOL M . -4.07 34.61 -25.93
C2 GOL M . -5.88 35.99 -26.72
O2 GOL M . -6.07 34.96 -27.63
C3 GOL M . -7.18 36.40 -25.95
O3 GOL M . -6.88 37.53 -25.18
C1 GOL N . 21.59 32.05 6.39
O1 GOL N . 20.20 31.99 6.20
C2 GOL N . 21.81 31.81 7.91
O2 GOL N . 22.63 30.71 8.18
C3 GOL N . 22.33 33.18 8.44
O3 GOL N . 21.30 34.09 8.20
C1 GOL O . 31.01 32.83 34.01
O1 GOL O . 31.32 31.60 33.44
C2 GOL O . 30.21 32.55 35.34
O2 GOL O . 30.63 31.40 35.97
C3 GOL O . 30.40 33.83 36.19
O3 GOL O . 29.85 33.55 37.44
C1 GOL P . 18.51 8.36 -11.94
O1 GOL P . 17.87 7.26 -11.36
C2 GOL P . 17.65 8.87 -13.17
O2 GOL P . 17.41 10.24 -13.11
C3 GOL P . 16.37 8.01 -13.12
O3 GOL P . 15.51 8.53 -14.08
C1 GOL Q . -1.58 -29.26 -13.84
O1 GOL Q . -0.75 -29.77 -14.86
C2 GOL Q . -2.63 -28.33 -14.53
O2 GOL Q . -2.28 -28.02 -15.82
C3 GOL Q . -2.74 -27.07 -13.61
O3 GOL Q . -3.09 -27.48 -12.33
C1 GOL R . 0.43 -25.78 -38.80
O1 GOL R . 0.07 -27.07 -39.24
C2 GOL R . 0.36 -25.78 -37.21
O2 GOL R . 1.44 -25.17 -36.62
C3 GOL R . -1.02 -25.10 -36.90
O3 GOL R . -1.01 -24.83 -35.51
C1 GOL S . -5.24 -18.49 -37.20
O1 GOL S . -5.78 -18.73 -38.49
C2 GOL S . -4.80 -19.89 -36.61
O2 GOL S . -3.51 -19.91 -36.09
C3 GOL S . -5.89 -20.21 -35.55
O3 GOL S . -5.55 -21.48 -35.06
C1 GOL T . -20.32 -32.59 -0.71
O1 GOL T . -21.33 -32.77 -1.67
C2 GOL T . -20.82 -33.25 0.61
O2 GOL T . -21.70 -32.47 1.31
C3 GOL T . -21.44 -34.58 0.12
O3 GOL T . -22.61 -34.24 -0.56
C1 GOL U . -26.21 -41.74 25.65
O1 GOL U . -27.60 -41.78 25.70
C2 GOL U . -25.72 -43.18 26.01
O2 GOL U . -25.00 -43.78 24.98
C3 GOL U . -24.92 -42.97 27.35
O3 GOL U . -24.31 -44.20 27.67
C1 GOL V . 37.43 -3.85 -7.69
O1 GOL V . 37.77 -3.14 -8.84
C2 GOL V . 38.19 -5.18 -7.79
O2 GOL V . 39.08 -5.21 -8.85
C3 GOL V . 38.86 -5.33 -6.38
O3 GOL V . 37.81 -5.50 -5.46
#